data_5J0N
#
_entry.id   5J0N
#
loop_
_entity.id
_entity.type
_entity.pdbx_description
1 polymer 'attP(-117 to +79)'
2 polymer 'attB(-21) to attP(+117)'
3 polymer 'attB(-19 to +21)'
4 polymer 'attP(-79) to attB(+19)'
5 polymer Integrase
6 polymer 'Integration host factor subunit alpha'
7 polymer 'Integration host factor subunit beta'
8 polymer Excisionase
#
loop_
_entity_poly.entity_id
_entity_poly.type
_entity_poly.pdbx_seq_one_letter_code
_entity_poly.pdbx_strand_id
1 'polydeoxyribonucleotide'
;(DG)(DT)(DC)(DG)(DG)(DC)(DA)(DT)(DA)(DG)(DT)(DG)(DA)(DC)(DT)(DG)(DC)(DA)(DT)(DA)
(DT)(DG)(DT)(DT)(DG)(DT)(DG)(DT)(DT)(DT)(DT)(DA)(DC)(DA)(DG)(DT)(DA)(DT)(DT)(DA)
(DT)(DG)(DT)(DA)(DG)(DT)(DC)(DT)(DG)(DT)(DT)(DT)(DT)(DT)(DT)(DA)(DT)(DG)(DC)(DA)
(DA)(DA)(DA)(DT)(DC)(DT)(DA)(DA)(DT)(DT)(DT)(DA)(DA)(DT)(DA)(DT)(DA)(DT)(DT)(DG)
(DA)(DT)(DA)(DT)(DT)(DT)(DA)(DT)(DA)(DT)(DC)(DA)(DT)(DT)(DT)(DT)(DA)(DC)(DG)(DT)
(DT)(DT)(DC)(DT)(DC)(DG)(DT)(DT)(DC)(DA)(DG)(DC)(DT)(DT)(DT)(DA)(DA)(DT)(DA)(DC)
(DA)(DA)(DT)(DA)(DA)(DG)(DT)(DT)(DG)(DG)(DA)(DA)(DT)(DT)(DC)(DT)(DA)(DA)(DA)(DA)
(DA)(DA)(DG)(DC)(DA)(DT)(DT)(DG)(DC)(DT)(DT)(DA)(DT)(DC)(DA)(DA)(DT)(DT)(DT)(DG)
(DT)(DT)(DG)(DC)(DA)(DA)(DC)(DG)(DA)(DA)(DC)(DA)(DG)(DG)(DT)(DC)(DA)(DC)(DT)(DA)
(DT)(DC)(DA)(DG)(DT)(DC)(DA)(DA)(DA)(DA)(DT)(DA)(DT)(DT)(DG)(DA)(DT)
;
A
2 'polydeoxyribonucleotide'
;(DC)(DC)(DG)(DT)(DT)(DT)(DC)(DG)(DC)(DT)(DC)(DA)(DA)(DG)(DT)(DT)(DA)(DG)(DT)(DA)
(DT)(DA)(DT)(DT)(DA)(DA)(DA)(DG)(DC)(DT)(DG)(DA)(DA)(DC)(DG)(DA)(DG)(DA)(DA)(DA)
(DC)(DG)(DT)(DA)(DA)(DA)(DA)(DT)(DG)(DA)(DT)(DA)(DT)(DA)(DA)(DA)(DT)(DA)(DT)(DC)
(DA)(DA)(DT)(DA)(DT)(DA)(DT)(DT)(DA)(DA)(DA)(DT)(DT)(DA)(DG)(DA)(DT)(DT)(DT)(DT)
(DG)(DC)(DA)(DT)(DA)(DA)(DA)(DA)(DA)(DA)(DC)(DA)(DG)(DA)(DC)(DT)(DA)(DC)(DA)(DT)
(DA)(DA)(DT)(DA)(DC)(DT)(DG)(DT)(DA)(DA)(DA)(DA)(DC)(DA)(DC)(DA)(DA)(DC)(DA)(DT)
(DA)(DT)(DG)(DC)(DA)(DG)(DT)(DC)(DA)(DC)(DT)(DA)(DT)(DG)(DC)(DC)(DG)(DA)(DC)
;
B
3 'polydeoxyribonucleotide'
;(DC)(DC)(DG)(DT)(DT)(DG)(DA)(DA)(DG)(DC)(DC)(DT)(DG)(DC)(DT)(DT)(DT)(DT)(DT)(DT)
(DA)(DT)(DA)(DC)(DT)(DA)(DA)(DC)(DT)(DT)(DG)(DA)(DG)(DC)(DG)(DA)(DA)(DA)(DC)(DG)
(DG)
;
C
4 'polydeoxyribonucleotide'
;(DA)(DT)(DC)(DA)(DA)(DT)(DA)(DT)(DT)(DT)(DT)(DG)(DA)(DC)(DT)(DG)(DA)(DT)(DA)(DG)
(DT)(DG)(DA)(DC)(DC)(DT)(DG)(DT)(DT)(DC)(DG)(DT)(DT)(DG)(DC)(DA)(DA)(DC)(DA)(DA)
(DA)(DT)(DT)(DG)(DA)(DT)(DA)(DA)(DG)(DC)(DA)(DA)(DT)(DG)(DC)(DT)(DT)(DT)(DT)(DT)
(DT)(DA)(DG)(DA)(DA)(DT)(DT)(DC)(DC)(DA)(DA)(DC)(DT)(DT)(DA)(DT)(DT)(DG)(DT)(DA)
(DA)(DA)(DA)(DA)(DA)(DG)(DC)(DA)(DG)(DG)(DC)(DT)(DT)(DC)(DA)(DA)(DC)(DG)(DG)
;
D
5 'polypeptide(L)'
;MGRRRSHERRDLPPNLYIRNNGYYCYRDPRTGKEFGLGRDRRIAITEAIQANIELFSGHKHKPLTARINSDNSVTLHSWL
DRYEKILASRGIKQKTLINYMSKIKAIRRGLPDAPLEDITTKEIAAMLNGYIDEGKAASAKLIRSTLSDAFREAIAEGHI
TTNHVAATRAAKSEVRRSRLTADEYLKIYQAAESSPCWLRLAMELAVVTGQRVGDLCEMKWSDIVDGYLYVEQSKTGVKI
AIPTALHIDALGISMKETLDKCKEILGGETIIASTRREPLSSGTVSRYFMRARKASGLSFEGDPPTFHELRSLSARLYEK
QISDKFAQHLLGHKSDTMASQYRDDRGREWDKIEIK
;
E,F,G,H
6 'polypeptide(L)'
;ALTKAEMSEYLFDKLGLSKRDAKELVELFFEEIRRALENGEQVKLSGFGNFDLRDKNQRPGRNPKTGEDIPITARRVVTF
RPGQKLKSRVENASPK
;
I,K
7 'polypeptide(L)'
;MTKSELIERLATQQSHIPAKTVEDAVKEMLEHMASTLAQGERIEIRGFGSFSLHYRAPRTGRNPKTGDKVELEGKYVPHF
KPGKELRDRANIYG
;
J,L
8 'polypeptide(L)' MYLTLQEWNARQRRPRSLETVRRWVRESRIFPPPVKDGREYLFHESAVKVDLNRP M,N,O
#
# COMPACT_ATOMS: atom_id res chain seq x y z
N ASN E 72 0.47 -33.89 -5.96
CA ASN E 72 -0.88 -33.38 -6.32
C ASN E 72 -1.42 -32.45 -5.24
N SER E 73 -2.18 -33.01 -4.31
CA SER E 73 -2.75 -32.22 -3.23
C SER E 73 -3.44 -30.96 -3.76
N VAL E 74 -4.71 -31.12 -4.15
CA VAL E 74 -5.48 -30.00 -4.68
C VAL E 74 -6.79 -29.85 -3.91
N THR E 75 -7.86 -29.55 -4.63
CA THR E 75 -9.17 -29.38 -4.00
C THR E 75 -9.36 -27.98 -3.42
N LEU E 76 -10.61 -27.53 -3.40
CA LEU E 76 -10.95 -26.21 -2.88
C LEU E 76 -10.84 -26.14 -1.36
N HIS E 77 -11.65 -26.97 -0.68
CA HIS E 77 -11.67 -27.01 0.77
C HIS E 77 -10.28 -27.10 1.41
N SER E 78 -9.45 -28.00 0.89
CA SER E 78 -8.10 -28.18 1.42
C SER E 78 -7.34 -26.86 1.43
N TRP E 79 -7.61 -26.01 0.45
CA TRP E 79 -6.95 -24.72 0.34
C TRP E 79 -7.52 -23.74 1.36
N LEU E 80 -8.85 -23.72 1.47
CA LEU E 80 -9.52 -22.81 2.41
C LEU E 80 -9.05 -23.04 3.84
N ASP E 81 -8.51 -24.22 4.11
CA ASP E 81 -8.01 -24.54 5.45
C ASP E 81 -6.62 -23.96 5.63
N ARG E 82 -5.84 -23.97 4.56
CA ARG E 82 -4.48 -23.43 4.59
C ARG E 82 -4.52 -21.93 4.31
N TYR E 83 -5.71 -21.44 3.99
CA TYR E 83 -5.90 -20.02 3.70
C TYR E 83 -6.22 -19.24 4.98
N GLU E 84 -6.97 -19.87 5.87
CA GLU E 84 -7.34 -19.24 7.13
C GLU E 84 -6.12 -18.92 7.98
N LYS E 85 -5.15 -19.82 7.99
CA LYS E 85 -3.93 -19.62 8.76
C LYS E 85 -3.14 -18.44 8.20
N ILE E 86 -3.23 -18.25 6.88
CA ILE E 86 -2.52 -17.16 6.22
C ILE E 86 -3.06 -15.82 6.72
N LEU E 87 -4.38 -15.73 6.86
CA LEU E 87 -5.02 -14.51 7.32
C LEU E 87 -4.78 -14.30 8.81
N ALA E 88 -4.43 -15.38 9.50
CA ALA E 88 -4.17 -15.32 10.93
C ALA E 88 -2.82 -14.65 11.22
N SER E 89 -1.98 -14.57 10.19
CA SER E 89 -0.66 -13.95 10.33
C SER E 89 -0.63 -12.58 9.68
N ARG E 90 -1.75 -12.18 9.09
CA ARG E 90 -1.85 -10.89 8.43
C ARG E 90 -1.72 -9.77 9.46
N GLY E 91 -2.13 -10.07 10.69
CA GLY E 91 -2.05 -9.08 11.76
C GLY E 91 -3.17 -8.06 11.69
N ILE E 92 -4.38 -8.47 12.02
CA ILE E 92 -5.53 -7.58 12.00
C ILE E 92 -6.33 -7.69 13.30
N LYS E 93 -7.41 -6.92 13.38
CA LYS E 93 -8.27 -6.92 14.56
C LYS E 93 -8.89 -8.31 14.75
N GLN E 94 -9.30 -8.60 15.99
CA GLN E 94 -9.90 -9.89 16.30
C GLN E 94 -11.24 -10.06 15.58
N LYS E 95 -12.16 -9.15 15.83
CA LYS E 95 -13.49 -9.20 15.22
C LYS E 95 -13.39 -9.23 13.69
N THR E 96 -12.38 -8.57 13.15
CA THR E 96 -12.17 -8.52 11.70
C THR E 96 -11.89 -9.91 11.12
N LEU E 97 -10.99 -10.65 11.77
CA LEU E 97 -10.62 -11.98 11.33
C LEU E 97 -11.85 -12.91 11.36
N ILE E 98 -12.73 -12.68 12.33
CA ILE E 98 -13.93 -13.49 12.47
C ILE E 98 -14.90 -13.25 11.31
N ASN E 99 -14.99 -12.00 10.87
CA ASN E 99 -15.88 -11.64 9.77
C ASN E 99 -15.54 -12.42 8.51
N TYR E 100 -14.25 -12.56 8.22
CA TYR E 100 -13.80 -13.28 7.04
C TYR E 100 -14.07 -14.78 7.16
N MET E 101 -13.89 -15.30 8.37
CA MET E 101 -14.12 -16.72 8.61
C MET E 101 -15.57 -17.10 8.31
N SER E 102 -16.49 -16.24 8.71
CA SER E 102 -17.90 -16.49 8.47
C SER E 102 -18.20 -16.51 6.98
N LYS E 103 -17.38 -15.81 6.21
CA LYS E 103 -17.54 -15.76 4.76
C LYS E 103 -17.00 -17.02 4.12
N ILE E 104 -15.92 -17.54 4.70
CA ILE E 104 -15.29 -18.76 4.18
C ILE E 104 -16.20 -19.96 4.39
N LYS E 105 -16.83 -20.03 5.55
CA LYS E 105 -17.73 -21.13 5.87
C LYS E 105 -18.92 -21.13 4.93
N ALA E 106 -19.33 -19.95 4.48
CA ALA E 106 -20.45 -19.82 3.56
C ALA E 106 -20.06 -20.39 2.20
N ILE E 107 -18.79 -20.20 1.84
CA ILE E 107 -18.29 -20.69 0.56
C ILE E 107 -18.20 -22.22 0.59
N ARG E 108 -17.94 -22.76 1.77
CA ARG E 108 -17.83 -24.21 1.95
C ARG E 108 -19.11 -24.89 1.52
N ARG E 109 -20.23 -24.46 2.10
CA ARG E 109 -21.54 -25.03 1.79
C ARG E 109 -22.15 -24.38 0.56
N GLY E 110 -21.33 -23.63 -0.18
CA GLY E 110 -21.83 -22.97 -1.38
C GLY E 110 -21.20 -23.52 -2.64
N LEU E 111 -20.07 -24.20 -2.49
CA LEU E 111 -19.37 -24.78 -3.63
C LEU E 111 -18.82 -26.18 -3.30
N PRO E 112 -18.91 -27.10 -4.27
CA PRO E 112 -18.44 -28.48 -4.10
C PRO E 112 -16.95 -28.56 -3.74
N ASP E 113 -16.50 -29.75 -3.37
CA ASP E 113 -15.11 -29.97 -3.01
C ASP E 113 -14.36 -30.59 -4.19
N ALA E 114 -13.74 -29.74 -5.00
CA ALA E 114 -13.00 -30.19 -6.17
C ALA E 114 -11.84 -29.24 -6.46
N PRO E 115 -10.86 -29.68 -7.25
CA PRO E 115 -9.69 -28.87 -7.59
C PRO E 115 -10.08 -27.45 -8.02
N LEU E 116 -9.21 -26.50 -7.75
CA LEU E 116 -9.45 -25.09 -8.10
C LEU E 116 -9.54 -24.89 -9.61
N GLU E 117 -8.73 -25.64 -10.36
CA GLU E 117 -8.71 -25.52 -11.81
C GLU E 117 -10.00 -26.05 -12.45
N ASP E 118 -10.83 -26.72 -11.65
CA ASP E 118 -12.07 -27.27 -12.15
C ASP E 118 -13.25 -26.34 -11.91
N ILE E 119 -13.13 -25.48 -10.91
CA ILE E 119 -14.19 -24.53 -10.58
C ILE E 119 -14.38 -23.54 -11.72
N THR E 120 -15.60 -23.47 -12.25
CA THR E 120 -15.91 -22.56 -13.35
C THR E 120 -16.52 -21.26 -12.84
N THR E 121 -16.48 -20.23 -13.67
CA THR E 121 -17.02 -18.92 -13.31
C THR E 121 -18.54 -18.97 -13.15
N LYS E 122 -19.17 -19.94 -13.80
CA LYS E 122 -20.62 -20.09 -13.74
C LYS E 122 -21.08 -20.47 -12.35
N GLU E 123 -20.43 -21.48 -11.76
CA GLU E 123 -20.79 -21.94 -10.42
C GLU E 123 -20.57 -20.84 -9.38
N ILE E 124 -19.57 -20.00 -9.61
CA ILE E 124 -19.25 -18.91 -8.70
C ILE E 124 -20.36 -17.86 -8.72
N ALA E 125 -20.88 -17.57 -9.91
CA ALA E 125 -21.95 -16.59 -10.07
C ALA E 125 -23.30 -17.19 -9.69
N ALA E 126 -23.39 -18.51 -9.75
CA ALA E 126 -24.63 -19.20 -9.41
C ALA E 126 -24.88 -19.11 -7.90
N MET E 127 -23.78 -19.14 -7.14
CA MET E 127 -23.87 -19.05 -5.69
C MET E 127 -23.99 -17.60 -5.27
N LEU E 128 -23.25 -16.74 -5.96
CA LEU E 128 -23.25 -15.30 -5.68
C LEU E 128 -24.65 -14.71 -5.85
N ASN E 129 -25.22 -14.87 -7.04
CA ASN E 129 -26.54 -14.36 -7.34
C ASN E 129 -27.61 -14.96 -6.43
N GLY E 130 -27.33 -16.15 -5.90
CA GLY E 130 -28.27 -16.81 -5.02
C GLY E 130 -28.48 -16.03 -3.74
N TYR E 131 -27.46 -15.28 -3.34
CA TYR E 131 -27.53 -14.47 -2.12
C TYR E 131 -28.04 -13.08 -2.44
N ILE E 132 -27.99 -12.71 -3.72
CA ILE E 132 -28.45 -11.40 -4.16
C ILE E 132 -29.98 -11.38 -4.28
N ASP E 133 -30.54 -12.50 -4.71
CA ASP E 133 -32.00 -12.60 -4.88
C ASP E 133 -32.69 -12.74 -3.52
N GLU E 134 -32.01 -13.39 -2.57
CA GLU E 134 -32.57 -13.57 -1.24
C GLU E 134 -32.73 -12.24 -0.52
N GLY E 135 -32.12 -11.20 -1.06
CA GLY E 135 -32.21 -9.88 -0.46
C GLY E 135 -30.90 -9.44 0.16
N LYS E 136 -30.00 -10.38 0.39
CA LYS E 136 -28.70 -10.07 0.99
C LYS E 136 -27.68 -9.76 -0.10
N ALA E 137 -27.78 -8.57 -0.67
CA ALA E 137 -26.86 -8.15 -1.73
C ALA E 137 -25.52 -7.72 -1.15
N ALA E 138 -25.55 -7.15 0.05
CA ALA E 138 -24.33 -6.69 0.71
C ALA E 138 -23.40 -7.86 1.02
N SER E 139 -23.97 -8.96 1.50
CA SER E 139 -23.18 -10.15 1.84
C SER E 139 -22.48 -10.70 0.61
N ALA E 140 -23.15 -10.64 -0.54
CA ALA E 140 -22.60 -11.16 -1.78
C ALA E 140 -21.31 -10.43 -2.16
N LYS E 141 -21.25 -9.14 -1.85
CA LYS E 141 -20.08 -8.33 -2.16
C LYS E 141 -18.85 -8.77 -1.39
N LEU E 142 -19.01 -9.00 -0.09
CA LEU E 142 -17.90 -9.42 0.75
C LEU E 142 -17.47 -10.85 0.43
N ILE E 143 -18.44 -11.73 0.22
CA ILE E 143 -18.14 -13.12 -0.10
C ILE E 143 -17.41 -13.22 -1.43
N ARG E 144 -17.75 -12.32 -2.35
CA ARG E 144 -17.15 -12.28 -3.67
C ARG E 144 -15.76 -11.65 -3.59
N SER E 145 -15.60 -10.70 -2.68
CA SER E 145 -14.33 -10.00 -2.51
C SER E 145 -13.35 -10.84 -1.67
N THR E 146 -13.89 -11.74 -0.87
CA THR E 146 -13.07 -12.60 -0.03
C THR E 146 -12.65 -13.84 -0.78
N LEU E 147 -13.59 -14.44 -1.51
CA LEU E 147 -13.30 -15.64 -2.28
C LEU E 147 -12.26 -15.34 -3.35
N SER E 148 -12.28 -14.11 -3.84
CA SER E 148 -11.32 -13.67 -4.86
C SER E 148 -9.92 -13.59 -4.29
N ASP E 149 -9.81 -13.11 -3.05
CA ASP E 149 -8.52 -12.97 -2.39
C ASP E 149 -7.88 -14.34 -2.15
N ALA E 150 -8.71 -15.33 -1.86
CA ALA E 150 -8.23 -16.69 -1.61
C ALA E 150 -7.53 -17.23 -2.85
N PHE E 151 -8.16 -17.06 -4.01
CA PHE E 151 -7.59 -17.53 -5.26
C PHE E 151 -6.33 -16.76 -5.65
N ARG E 152 -6.33 -15.45 -5.38
CA ARG E 152 -5.18 -14.62 -5.69
C ARG E 152 -3.96 -15.05 -4.89
N GLU E 153 -4.21 -15.56 -3.69
CA GLU E 153 -3.14 -16.03 -2.82
C GLU E 153 -2.82 -17.48 -3.18
N ALA E 154 -3.75 -18.12 -3.86
CA ALA E 154 -3.59 -19.51 -4.28
C ALA E 154 -2.64 -19.55 -5.48
N ILE E 155 -2.76 -18.56 -6.35
CA ILE E 155 -1.92 -18.47 -7.54
C ILE E 155 -0.49 -18.14 -7.10
N ALA E 156 -0.37 -17.38 -6.03
CA ALA E 156 0.94 -16.99 -5.50
C ALA E 156 1.73 -18.22 -5.08
N GLU E 157 1.01 -19.24 -4.61
CA GLU E 157 1.65 -20.48 -4.17
C GLU E 157 1.97 -21.38 -5.36
N GLY E 158 1.32 -21.11 -6.49
CA GLY E 158 1.55 -21.90 -7.68
C GLY E 158 0.51 -22.97 -7.89
N HIS E 159 -0.62 -22.85 -7.18
CA HIS E 159 -1.69 -23.83 -7.29
C HIS E 159 -2.32 -23.79 -8.68
N ILE E 160 -2.89 -22.64 -9.04
CA ILE E 160 -3.54 -22.48 -10.34
C ILE E 160 -2.83 -21.40 -11.17
N THR E 161 -3.50 -20.94 -12.21
CA THR E 161 -2.94 -19.91 -13.08
C THR E 161 -3.82 -18.69 -13.27
N THR E 162 -5.14 -18.87 -13.11
CA THR E 162 -6.07 -17.75 -13.28
C THR E 162 -7.08 -17.63 -12.15
N ASN E 163 -7.60 -16.42 -11.98
CA ASN E 163 -8.60 -16.13 -10.96
C ASN E 163 -9.96 -15.98 -11.63
N HIS E 164 -10.74 -17.06 -11.64
CA HIS E 164 -12.06 -17.07 -12.26
C HIS E 164 -13.07 -16.21 -11.52
N VAL E 165 -12.62 -15.49 -10.50
CA VAL E 165 -13.52 -14.64 -9.72
C VAL E 165 -13.45 -13.19 -10.19
N ALA E 166 -12.36 -12.84 -10.88
CA ALA E 166 -12.16 -11.49 -11.37
C ALA E 166 -12.97 -11.24 -12.64
N ALA E 167 -13.70 -12.25 -13.08
CA ALA E 167 -14.52 -12.13 -14.28
C ALA E 167 -15.95 -11.76 -13.93
N THR E 168 -16.32 -11.96 -12.67
CA THR E 168 -17.66 -11.65 -12.20
C THR E 168 -17.82 -10.15 -11.94
N ARG E 169 -18.96 -9.78 -11.39
CA ARG E 169 -19.24 -8.38 -11.09
C ARG E 169 -20.00 -8.26 -9.77
N ALA E 170 -19.47 -7.46 -8.85
CA ALA E 170 -20.10 -7.26 -7.56
C ALA E 170 -21.41 -6.49 -7.70
N ALA E 171 -22.43 -6.92 -6.97
CA ALA E 171 -23.74 -6.27 -7.01
C ALA E 171 -23.74 -5.00 -6.18
N LYS E 172 -24.07 -3.88 -6.82
CA LYS E 172 -24.12 -2.59 -6.13
C LYS E 172 -25.30 -2.54 -5.16
N SER E 173 -24.99 -2.40 -3.88
CA SER E 173 -26.03 -2.34 -2.86
C SER E 173 -26.18 -0.93 -2.30
N GLU E 174 -27.43 -0.51 -2.11
CA GLU E 174 -27.71 0.83 -1.58
C GLU E 174 -28.16 0.73 -0.12
N VAL E 175 -27.58 1.57 0.73
CA VAL E 175 -27.91 1.59 2.14
C VAL E 175 -29.39 1.93 2.34
N ARG E 176 -30.08 1.07 3.09
CA ARG E 176 -31.50 1.28 3.36
C ARG E 176 -31.81 1.49 4.84
N ARG E 177 -30.81 1.90 5.60
CA ARG E 177 -30.98 2.15 7.03
C ARG E 177 -31.35 3.61 7.24
N SER E 178 -32.63 3.85 7.48
CA SER E 178 -33.15 5.20 7.70
C SER E 178 -32.38 5.97 8.77
N ARG E 179 -32.41 7.30 8.65
CA ARG E 179 -31.73 8.16 9.60
C ARG E 179 -32.67 8.51 10.75
N LEU E 180 -32.18 9.29 11.71
CA LEU E 180 -32.99 9.69 12.86
C LEU E 180 -33.11 11.20 12.93
N THR E 181 -34.30 11.68 13.30
CA THR E 181 -34.54 13.12 13.41
C THR E 181 -34.63 13.52 14.88
N ALA E 182 -34.92 14.79 15.12
CA ALA E 182 -35.02 15.31 16.48
C ALA E 182 -36.32 14.86 17.14
N ASP E 183 -37.41 14.90 16.38
CA ASP E 183 -38.72 14.50 16.89
C ASP E 183 -38.75 13.03 17.26
N GLU E 184 -38.10 12.20 16.45
CA GLU E 184 -38.06 10.77 16.69
C GLU E 184 -37.30 10.43 17.97
N TYR E 185 -36.16 11.09 18.16
CA TYR E 185 -35.34 10.85 19.35
C TYR E 185 -36.11 11.16 20.64
N LEU E 186 -36.86 12.25 20.64
CA LEU E 186 -37.64 12.64 21.82
C LEU E 186 -38.70 11.58 22.11
N LYS E 187 -39.22 10.96 21.05
CA LYS E 187 -40.25 9.93 21.20
C LYS E 187 -39.68 8.61 21.71
N ILE E 188 -38.38 8.40 21.49
CA ILE E 188 -37.72 7.17 21.94
C ILE E 188 -37.22 7.30 23.37
N TYR E 189 -36.69 8.48 23.70
CA TYR E 189 -36.15 8.72 25.03
C TYR E 189 -37.25 8.57 26.09
N GLN E 190 -38.44 9.08 25.78
CA GLN E 190 -39.57 8.99 26.70
C GLN E 190 -40.09 7.56 26.79
N ALA E 191 -39.95 6.81 25.70
CA ALA E 191 -40.41 5.43 25.66
C ALA E 191 -39.41 4.50 26.33
N ALA E 192 -38.26 5.05 26.70
CA ALA E 192 -37.22 4.27 27.36
C ALA E 192 -37.43 4.27 28.87
N GLU E 193 -38.63 4.68 29.29
CA GLU E 193 -38.96 4.73 30.71
C GLU E 193 -38.99 3.33 31.32
N SER E 194 -39.64 2.40 30.63
CA SER E 194 -39.74 1.03 31.10
C SER E 194 -38.35 0.41 31.19
N SER E 195 -37.41 0.96 30.42
CA SER E 195 -36.05 0.48 30.41
C SER E 195 -35.28 0.96 31.64
N PRO E 196 -34.15 0.33 31.96
CA PRO E 196 -33.33 0.70 33.11
C PRO E 196 -32.99 2.19 33.15
N CYS E 197 -32.16 2.58 34.13
CA CYS E 197 -31.79 3.98 34.28
C CYS E 197 -30.46 4.34 33.63
N TRP E 198 -29.91 3.45 32.82
CA TRP E 198 -28.64 3.73 32.16
C TRP E 198 -28.80 3.97 30.66
N LEU E 199 -29.95 3.55 30.11
CA LEU E 199 -30.21 3.74 28.69
C LEU E 199 -30.38 5.21 28.35
N ARG E 200 -31.19 5.92 29.15
CA ARG E 200 -31.41 7.33 28.93
C ARG E 200 -30.09 8.09 28.96
N LEU E 201 -29.23 7.72 29.90
CA LEU E 201 -27.93 8.35 30.05
C LEU E 201 -27.04 8.04 28.86
N ALA E 202 -27.17 6.82 28.35
CA ALA E 202 -26.38 6.38 27.20
C ALA E 202 -26.83 7.10 25.94
N MET E 203 -28.11 7.44 25.87
CA MET E 203 -28.66 8.14 24.72
C MET E 203 -28.13 9.57 24.64
N GLU E 204 -28.35 10.32 25.71
CA GLU E 204 -27.90 11.71 25.78
C GLU E 204 -26.40 11.82 25.59
N LEU E 205 -25.67 10.86 26.16
CA LEU E 205 -24.21 10.85 26.07
C LEU E 205 -23.73 10.57 24.65
N ALA E 206 -24.38 9.62 23.99
CA ALA E 206 -24.02 9.26 22.62
C ALA E 206 -24.35 10.36 21.62
N VAL E 207 -25.21 11.29 22.02
CA VAL E 207 -25.60 12.38 21.15
C VAL E 207 -24.85 13.67 21.50
N VAL E 208 -24.42 13.79 22.75
CA VAL E 208 -23.69 14.96 23.19
C VAL E 208 -22.21 14.83 22.83
N THR E 209 -21.72 13.59 22.78
CA THR E 209 -20.33 13.33 22.45
C THR E 209 -20.21 12.92 20.98
N GLY E 210 -21.29 12.36 20.45
CA GLY E 210 -21.30 11.93 19.06
C GLY E 210 -20.30 10.82 18.81
N GLN E 211 -19.96 10.09 19.87
CA GLN E 211 -19.01 8.99 19.78
C GLN E 211 -19.71 7.70 19.39
N ARG E 212 -18.92 6.69 19.05
CA ARG E 212 -19.45 5.38 18.67
C ARG E 212 -19.73 4.53 19.90
N VAL E 213 -20.75 3.70 19.81
CA VAL E 213 -21.15 2.83 20.92
C VAL E 213 -20.01 1.97 21.46
N GLY E 214 -19.07 1.62 20.59
CA GLY E 214 -17.96 0.79 21.00
C GLY E 214 -17.06 1.40 22.05
N ASP E 215 -16.75 2.69 21.91
CA ASP E 215 -15.90 3.39 22.86
C ASP E 215 -16.67 3.93 24.07
N LEU E 216 -17.95 4.21 23.88
CA LEU E 216 -18.78 4.73 24.96
C LEU E 216 -18.84 3.79 26.14
N CYS E 217 -18.62 2.50 25.90
CA CYS E 217 -18.65 1.51 26.97
C CYS E 217 -17.30 1.34 27.63
N GLU E 218 -16.24 1.77 26.95
CA GLU E 218 -14.89 1.68 27.48
C GLU E 218 -14.43 2.99 28.11
N MET E 219 -15.38 3.89 28.35
CA MET E 219 -15.06 5.18 28.95
C MET E 219 -15.04 5.11 30.47
N LYS E 220 -13.91 5.47 31.06
CA LYS E 220 -13.76 5.46 32.51
C LYS E 220 -13.73 6.88 33.03
N TRP E 221 -14.07 7.05 34.31
CA TRP E 221 -14.08 8.39 34.91
C TRP E 221 -12.66 8.94 35.08
N SER E 222 -11.67 8.09 34.79
CA SER E 222 -10.27 8.50 34.91
C SER E 222 -9.85 9.20 33.61
N ASP E 223 -10.65 9.02 32.57
CA ASP E 223 -10.38 9.63 31.27
C ASP E 223 -10.58 11.14 31.33
N ILE E 224 -11.53 11.56 32.17
CA ILE E 224 -11.82 12.98 32.32
C ILE E 224 -10.68 13.67 33.05
N VAL E 225 -10.02 14.61 32.37
CA VAL E 225 -8.90 15.32 32.97
C VAL E 225 -9.01 16.83 32.83
N ASP E 226 -9.28 17.49 33.95
CA ASP E 226 -9.41 18.95 34.00
C ASP E 226 -10.40 19.51 32.98
N GLY E 227 -11.62 19.01 33.01
CA GLY E 227 -12.64 19.50 32.09
C GLY E 227 -12.57 18.92 30.69
N TYR E 228 -11.85 17.81 30.53
CA TYR E 228 -11.72 17.17 29.23
C TYR E 228 -12.28 15.75 29.26
N LEU E 229 -12.27 15.10 28.10
CA LEU E 229 -12.78 13.74 27.99
C LEU E 229 -11.95 12.95 26.98
N TYR E 230 -10.81 12.44 27.44
CA TYR E 230 -9.92 11.65 26.59
C TYR E 230 -10.61 10.38 26.11
N VAL E 231 -10.82 10.30 24.79
CA VAL E 231 -11.45 9.13 24.19
C VAL E 231 -10.55 8.48 23.15
N GLU E 232 -10.29 7.20 23.32
CA GLU E 232 -9.43 6.46 22.40
C GLU E 232 -10.28 5.55 21.51
N GLN E 233 -10.60 6.02 20.31
CA GLN E 233 -11.40 5.24 19.39
C GLN E 233 -10.73 3.92 19.06
N SER E 234 -11.51 2.83 19.16
CA SER E 234 -10.99 1.49 18.90
C SER E 234 -10.96 1.20 17.40
N LYS E 235 -12.02 1.60 16.71
CA LYS E 235 -12.13 1.37 15.27
C LYS E 235 -10.95 1.96 14.51
N THR E 236 -10.93 3.28 14.38
CA THR E 236 -9.87 3.97 13.67
C THR E 236 -8.60 4.10 14.51
N GLY E 237 -8.74 4.61 15.73
CA GLY E 237 -7.60 4.77 16.61
C GLY E 237 -7.31 6.24 16.85
N VAL E 238 -8.19 7.11 16.37
CA VAL E 238 -8.02 8.54 16.54
C VAL E 238 -8.10 8.91 18.01
N LYS E 239 -7.34 9.93 18.40
CA LYS E 239 -7.31 10.38 19.79
C LYS E 239 -7.79 11.82 19.90
N ILE E 240 -8.91 12.01 20.59
CA ILE E 240 -9.48 13.34 20.78
C ILE E 240 -9.85 13.61 22.23
N ALA E 241 -10.22 14.85 22.52
CA ALA E 241 -10.60 15.24 23.88
C ALA E 241 -11.79 16.18 23.84
N ILE E 242 -12.97 15.66 24.19
CA ILE E 242 -14.19 16.45 24.20
C ILE E 242 -14.37 17.16 25.53
N PRO E 243 -14.33 18.50 25.53
CA PRO E 243 -14.49 19.28 26.76
C PRO E 243 -15.87 19.13 27.38
N THR E 244 -15.93 19.20 28.71
CA THR E 244 -17.19 19.07 29.43
C THR E 244 -17.93 20.40 29.49
N ALA E 245 -18.09 21.02 28.33
CA ALA E 245 -18.79 22.31 28.24
C ALA E 245 -19.81 22.31 27.10
N LEU E 246 -19.84 21.22 26.33
CA LEU E 246 -20.78 21.11 25.22
C LEU E 246 -22.23 21.05 25.70
N HIS E 247 -23.14 21.33 24.78
CA HIS E 247 -24.57 21.31 25.09
C HIS E 247 -25.40 21.38 23.80
N ILE E 248 -26.31 20.43 23.64
CA ILE E 248 -27.17 20.38 22.46
C ILE E 248 -28.33 21.35 22.60
N ASP E 249 -28.41 22.31 21.68
CA ASP E 249 -29.48 23.30 21.70
C ASP E 249 -30.59 22.93 20.72
N ALA E 250 -31.30 21.84 21.03
CA ALA E 250 -32.39 21.37 20.19
C ALA E 250 -33.20 20.32 20.95
N LEU E 251 -32.54 19.64 21.87
CA LEU E 251 -33.18 18.61 22.67
C LEU E 251 -33.19 19.00 24.15
N GLY E 252 -32.25 19.87 24.52
CA GLY E 252 -32.17 20.32 25.90
C GLY E 252 -31.29 19.41 26.75
N ILE E 253 -30.07 19.18 26.27
CA ILE E 253 -29.13 18.32 26.99
C ILE E 253 -27.78 19.02 27.16
N SER E 254 -27.18 18.88 28.34
CA SER E 254 -25.90 19.49 28.62
C SER E 254 -24.86 18.42 28.98
N MET E 255 -23.69 18.52 28.35
CA MET E 255 -22.61 17.57 28.59
C MET E 255 -22.31 17.41 30.07
N LYS E 256 -22.10 18.53 30.75
CA LYS E 256 -21.79 18.53 32.18
C LYS E 256 -22.94 17.93 33.00
N GLU E 257 -24.14 18.41 32.78
CA GLU E 257 -25.31 17.94 33.52
C GLU E 257 -25.58 16.45 33.25
N THR E 258 -25.14 15.96 32.10
CA THR E 258 -25.34 14.57 31.74
C THR E 258 -24.33 13.67 32.44
N LEU E 259 -23.08 14.11 32.48
CA LEU E 259 -22.02 13.34 33.13
C LEU E 259 -22.27 13.20 34.63
N ASP E 260 -22.58 14.32 35.27
CA ASP E 260 -22.85 14.32 36.71
C ASP E 260 -24.09 13.50 37.03
N LYS E 261 -24.99 13.38 36.07
CA LYS E 261 -26.21 12.61 36.25
C LYS E 261 -25.89 11.13 36.25
N CYS E 262 -24.75 10.78 35.68
CA CYS E 262 -24.31 9.38 35.61
C CYS E 262 -23.52 9.02 36.86
N LYS E 263 -22.94 10.02 37.50
CA LYS E 263 -22.16 9.82 38.71
C LYS E 263 -23.06 9.66 39.93
N GLU E 264 -24.27 10.21 39.83
CA GLU E 264 -25.25 10.13 40.91
C GLU E 264 -26.11 8.88 40.81
N ILE E 265 -26.68 8.66 39.64
CA ILE E 265 -27.54 7.50 39.40
C ILE E 265 -26.73 6.21 39.35
N LEU E 266 -25.94 6.05 38.28
CA LEU E 266 -25.12 4.86 38.11
C LEU E 266 -24.12 4.68 39.25
N GLY E 267 -22.97 5.32 39.13
CA GLY E 267 -21.95 5.21 40.16
C GLY E 267 -21.08 3.98 39.99
N GLY E 268 -20.07 4.09 39.11
CA GLY E 268 -19.19 2.98 38.86
C GLY E 268 -17.83 3.42 38.36
N GLU E 269 -17.04 2.46 37.87
CA GLU E 269 -15.71 2.76 37.34
C GLU E 269 -15.81 3.37 35.95
N THR E 270 -16.83 2.96 35.20
CA THR E 270 -17.04 3.47 33.85
C THR E 270 -18.21 4.45 33.85
N ILE E 271 -18.15 5.44 32.95
CA ILE E 271 -19.20 6.45 32.86
C ILE E 271 -20.56 5.79 32.67
N ILE E 272 -20.59 4.71 31.88
CA ILE E 272 -21.82 3.98 31.62
C ILE E 272 -21.71 2.56 32.16
N ALA E 273 -22.34 2.32 33.30
CA ALA E 273 -22.30 0.99 33.92
C ALA E 273 -23.70 0.39 34.05
N SER E 274 -23.76 -0.77 34.72
CA SER E 274 -25.03 -1.46 34.92
C SER E 274 -25.57 -1.16 36.31
N THR E 275 -26.74 -1.72 36.62
CA THR E 275 -27.37 -1.51 37.92
C THR E 275 -26.55 -2.17 39.03
N ARG E 276 -25.58 -2.99 38.63
CA ARG E 276 -24.72 -3.69 39.58
C ARG E 276 -23.36 -3.02 39.68
N ARG E 277 -23.28 -1.78 39.20
CA ARG E 277 -22.03 -1.02 39.24
C ARG E 277 -20.90 -1.75 38.52
N GLU E 278 -21.18 -2.22 37.31
CA GLU E 278 -20.18 -2.95 36.51
C GLU E 278 -20.32 -2.60 35.04
N PRO E 279 -19.20 -2.56 34.31
CA PRO E 279 -19.19 -2.24 32.88
C PRO E 279 -20.15 -3.13 32.08
N LEU E 280 -20.65 -2.59 30.97
CA LEU E 280 -21.58 -3.33 30.12
C LEU E 280 -21.04 -3.49 28.70
N SER E 281 -21.47 -4.54 28.03
CA SER E 281 -21.04 -4.81 26.66
C SER E 281 -21.67 -3.84 25.68
N SER E 282 -21.05 -3.69 24.52
CA SER E 282 -21.55 -2.78 23.49
C SER E 282 -22.67 -3.42 22.68
N GLY E 283 -22.95 -4.69 22.96
CA GLY E 283 -24.00 -5.39 22.24
C GLY E 283 -25.33 -5.32 22.96
N THR E 284 -25.31 -4.89 24.22
CA THR E 284 -26.51 -4.78 25.02
C THR E 284 -27.01 -3.34 25.07
N VAL E 285 -26.11 -2.40 24.78
CA VAL E 285 -26.45 -0.98 24.79
C VAL E 285 -27.39 -0.65 23.63
N SER E 286 -27.13 -1.26 22.47
CA SER E 286 -27.94 -1.04 21.28
C SER E 286 -29.08 -2.05 21.21
N ARG E 287 -28.95 -3.12 21.97
CA ARG E 287 -29.97 -4.17 21.99
C ARG E 287 -31.24 -3.67 22.68
N TYR E 288 -31.07 -3.14 23.90
CA TYR E 288 -32.20 -2.64 24.66
C TYR E 288 -32.78 -1.38 24.00
N PHE E 289 -31.96 -0.69 23.24
CA PHE E 289 -32.40 0.53 22.55
C PHE E 289 -33.44 0.15 21.50
N MET E 290 -33.30 -1.04 20.94
CA MET E 290 -34.23 -1.53 19.92
C MET E 290 -35.62 -1.74 20.50
N ARG E 291 -35.67 -2.30 21.71
CA ARG E 291 -36.93 -2.57 22.37
C ARG E 291 -37.77 -1.29 22.53
N ALA E 292 -37.09 -0.20 22.89
CA ALA E 292 -37.75 1.08 23.07
C ALA E 292 -38.11 1.71 21.73
N ARG E 293 -37.53 1.17 20.66
CA ARG E 293 -37.78 1.67 19.32
C ARG E 293 -39.11 1.14 18.78
N LYS E 294 -39.30 -0.17 18.92
CA LYS E 294 -40.53 -0.82 18.45
C LYS E 294 -41.68 -0.61 19.43
N ALA E 295 -41.34 -0.19 20.65
CA ALA E 295 -42.35 0.04 21.68
C ALA E 295 -42.98 1.43 21.54
N SER E 296 -42.24 2.36 20.94
CA SER E 296 -42.73 3.72 20.77
C SER E 296 -43.89 3.77 19.77
N GLY E 297 -43.77 3.00 18.70
CA GLY E 297 -44.81 2.97 17.69
C GLY E 297 -44.59 4.00 16.61
N LEU E 298 -43.36 4.05 16.08
CA LEU E 298 -43.02 5.00 15.03
C LEU E 298 -42.68 4.22 13.76
N SER E 299 -43.22 4.67 12.63
CA SER E 299 -42.99 4.01 11.35
C SER E 299 -41.96 4.77 10.52
N PHE E 300 -41.15 4.02 9.76
CA PHE E 300 -40.12 4.62 8.93
C PHE E 300 -40.21 4.07 7.50
N GLU E 301 -39.18 4.35 6.71
CA GLU E 301 -39.13 3.88 5.32
C GLU E 301 -37.86 3.08 5.11
N GLY E 302 -37.97 1.76 5.21
CA GLY E 302 -36.82 0.90 5.04
C GLY E 302 -36.52 0.15 6.32
N ASP E 303 -35.31 0.32 6.84
CA ASP E 303 -34.91 -0.34 8.08
C ASP E 303 -34.84 0.68 9.22
N PRO E 304 -35.57 0.42 10.31
CA PRO E 304 -35.59 1.30 11.49
C PRO E 304 -34.21 1.67 11.99
N PRO E 305 -33.98 2.97 12.26
CA PRO E 305 -32.68 3.46 12.74
C PRO E 305 -32.21 2.68 13.96
N THR E 306 -30.93 2.79 14.28
CA THR E 306 -30.36 2.10 15.42
C THR E 306 -29.69 3.06 16.39
N PHE E 307 -28.99 2.51 17.39
CA PHE E 307 -28.32 3.31 18.39
C PHE E 307 -27.17 4.08 17.73
N HIS E 308 -26.59 3.49 16.70
CA HIS E 308 -25.48 4.11 15.97
C HIS E 308 -25.95 5.39 15.28
N GLU E 309 -27.25 5.46 15.02
CA GLU E 309 -27.83 6.62 14.36
C GLU E 309 -27.78 7.86 15.24
N LEU E 310 -27.57 7.66 16.54
CA LEU E 310 -27.50 8.77 17.47
C LEU E 310 -26.22 9.56 17.19
N ARG E 311 -25.24 8.86 16.61
CA ARG E 311 -23.97 9.46 16.25
C ARG E 311 -24.18 10.33 15.01
N SER E 312 -25.01 9.84 14.09
CA SER E 312 -25.32 10.56 12.86
C SER E 312 -26.20 11.76 13.16
N LEU E 313 -27.08 11.62 14.14
CA LEU E 313 -27.98 12.69 14.52
C LEU E 313 -27.21 13.77 15.28
N SER E 314 -26.19 13.34 16.02
CA SER E 314 -25.36 14.26 16.79
C SER E 314 -24.68 15.27 15.87
N ALA E 315 -23.99 14.77 14.86
CA ALA E 315 -23.29 15.63 13.91
C ALA E 315 -24.25 16.53 13.15
N ARG E 316 -25.35 15.96 12.68
CA ARG E 316 -26.36 16.72 11.94
C ARG E 316 -26.85 17.93 12.73
N LEU E 317 -26.84 17.82 14.05
CA LEU E 317 -27.28 18.90 14.91
C LEU E 317 -26.18 19.91 15.17
N TYR E 318 -24.97 19.42 15.44
CA TYR E 318 -23.84 20.29 15.70
C TYR E 318 -23.40 21.10 14.49
N GLU E 319 -23.76 20.64 13.30
CA GLU E 319 -23.40 21.34 12.07
C GLU E 319 -24.22 22.62 11.91
N LYS E 320 -25.40 22.64 12.52
CA LYS E 320 -26.28 23.79 12.46
C LYS E 320 -26.35 24.48 13.81
N GLN E 321 -25.57 23.99 14.76
CA GLN E 321 -25.54 24.56 16.10
C GLN E 321 -24.25 25.35 16.31
N ILE E 322 -23.16 24.86 15.72
CA ILE E 322 -21.87 25.53 15.82
C ILE E 322 -21.23 25.69 14.45
N SER E 323 -20.59 24.62 13.97
CA SER E 323 -19.93 24.65 12.67
C SER E 323 -19.72 23.23 12.13
N ASP E 324 -19.48 23.14 10.83
CA ASP E 324 -19.26 21.85 10.18
C ASP E 324 -17.88 21.30 10.52
N LYS E 325 -16.92 22.20 10.67
CA LYS E 325 -15.55 21.82 10.99
C LYS E 325 -15.47 21.28 12.41
N PHE E 326 -16.53 21.52 13.18
CA PHE E 326 -16.59 21.08 14.57
C PHE E 326 -17.14 19.65 14.63
N ALA E 327 -18.13 19.36 13.79
CA ALA E 327 -18.74 18.04 13.76
C ALA E 327 -17.73 16.99 13.30
N GLN E 328 -16.88 17.37 12.36
CA GLN E 328 -15.87 16.47 11.82
C GLN E 328 -14.80 16.15 12.87
N HIS E 329 -14.43 17.15 13.66
CA HIS E 329 -13.42 16.98 14.69
C HIS E 329 -13.98 16.22 15.90
N LEU E 330 -15.29 16.29 16.08
CA LEU E 330 -15.94 15.62 17.20
C LEU E 330 -16.07 14.12 16.92
N LEU E 331 -16.49 13.79 15.71
CA LEU E 331 -16.67 12.40 15.31
C LEU E 331 -15.34 11.65 15.35
N GLY E 332 -14.26 12.33 14.95
CA GLY E 332 -12.96 11.71 14.94
C GLY E 332 -12.38 11.62 13.55
N HIS E 333 -12.94 12.39 12.63
CA HIS E 333 -12.47 12.41 11.25
C HIS E 333 -11.30 13.36 11.07
N LYS E 334 -10.63 13.25 9.93
CA LYS E 334 -9.48 14.10 9.64
C LYS E 334 -9.65 14.79 8.28
N SER E 335 -9.95 14.00 7.26
CA SER E 335 -10.15 14.51 5.91
C SER E 335 -11.61 14.93 5.72
N ASP E 336 -11.92 15.45 4.54
CA ASP E 336 -13.29 15.87 4.24
C ASP E 336 -14.16 14.72 3.76
N THR E 337 -14.02 14.36 2.48
CA THR E 337 -14.78 13.28 1.88
C THR E 337 -16.26 13.37 2.24
N GLU E 349 -27.25 19.00 0.81
CA GLU E 349 -28.56 18.59 0.32
C GLU E 349 -29.22 19.68 -0.51
N TRP E 350 -29.55 20.79 0.15
CA TRP E 350 -30.18 21.92 -0.54
C TRP E 350 -29.26 23.14 -0.51
N ASP E 351 -28.21 23.10 -1.32
CA ASP E 351 -27.25 24.20 -1.39
C ASP E 351 -27.93 25.50 -1.79
N LYS E 352 -27.33 26.62 -1.39
CA LYS E 352 -27.88 27.93 -1.71
C LYS E 352 -27.09 28.64 -2.81
N ILE E 353 -27.80 29.25 -3.73
CA ILE E 353 -27.17 29.97 -4.84
C ILE E 353 -26.97 31.44 -4.45
N GLU E 354 -25.78 31.76 -3.96
CA GLU E 354 -25.47 33.12 -3.54
C GLU E 354 -25.58 34.11 -4.70
N ILE E 355 -25.60 35.40 -4.36
CA ILE E 355 -25.70 36.45 -5.36
C ILE E 355 -24.40 36.56 -6.16
N LYS E 356 -23.28 36.39 -5.47
CA LYS E 356 -21.97 36.47 -6.10
C LYS E 356 -21.38 35.07 -6.29
N MET F 1 36.16 -38.09 -25.32
CA MET F 1 37.45 -37.35 -25.22
C MET F 1 38.59 -38.27 -24.80
N GLY F 2 39.77 -37.68 -24.62
CA GLY F 2 40.93 -38.45 -24.22
C GLY F 2 40.75 -39.00 -22.82
N ARG F 3 40.22 -38.17 -21.91
CA ARG F 3 39.99 -38.57 -20.54
C ARG F 3 38.54 -38.33 -20.14
N ARG F 4 37.74 -39.38 -20.15
CA ARG F 4 36.33 -39.28 -19.79
C ARG F 4 36.19 -39.13 -18.28
N ARG F 5 36.56 -40.16 -17.54
CA ARG F 5 36.51 -40.14 -16.08
C ARG F 5 37.87 -40.46 -15.51
N SER F 6 38.07 -40.19 -14.23
CA SER F 6 39.36 -40.45 -13.58
C SER F 6 39.21 -40.70 -12.09
N HIS F 7 40.33 -41.03 -11.45
CA HIS F 7 40.35 -41.29 -10.01
C HIS F 7 40.73 -40.03 -9.24
N GLU F 8 40.59 -38.89 -9.91
CA GLU F 8 40.89 -37.60 -9.31
C GLU F 8 39.63 -36.75 -9.37
N ARG F 9 38.93 -36.81 -10.49
CA ARG F 9 37.69 -36.07 -10.67
C ARG F 9 36.59 -36.83 -9.92
N ARG F 10 36.93 -38.03 -9.47
CA ARG F 10 36.01 -38.89 -8.74
C ARG F 10 35.54 -38.26 -7.43
N ASP F 11 36.24 -37.22 -7.00
CA ASP F 11 35.89 -36.52 -5.77
C ASP F 11 35.81 -35.03 -6.08
N LEU F 12 35.61 -34.72 -7.36
CA LEU F 12 35.52 -33.34 -7.81
C LEU F 12 34.28 -33.09 -8.67
N PRO F 13 33.79 -31.84 -8.69
CA PRO F 13 32.61 -31.50 -9.49
C PRO F 13 32.94 -31.55 -10.97
N PRO F 14 31.92 -31.47 -11.83
CA PRO F 14 32.17 -31.50 -13.28
C PRO F 14 33.23 -30.49 -13.71
N ASN F 15 33.11 -29.24 -13.27
CA ASN F 15 34.12 -28.24 -13.59
C ASN F 15 35.17 -28.50 -12.52
N LEU F 16 36.36 -27.91 -12.66
CA LEU F 16 37.44 -28.10 -11.68
C LEU F 16 38.10 -29.47 -11.79
N TYR F 17 39.42 -29.47 -11.79
CA TYR F 17 40.20 -30.69 -11.90
C TYR F 17 41.36 -30.59 -10.89
N ILE F 18 42.34 -31.48 -11.02
CA ILE F 18 43.49 -31.48 -10.13
C ILE F 18 44.77 -31.83 -10.89
N ARG F 19 45.77 -30.97 -10.76
CA ARG F 19 47.05 -31.18 -11.43
C ARG F 19 47.94 -32.16 -10.69
N ASN F 20 49.13 -32.40 -11.22
CA ASN F 20 50.08 -33.33 -10.62
C ASN F 20 50.80 -32.70 -9.42
N ASN F 21 50.38 -31.51 -9.03
CA ASN F 21 51.00 -30.82 -7.90
C ASN F 21 50.04 -30.74 -6.72
N GLY F 22 48.95 -31.52 -6.80
CA GLY F 22 47.97 -31.53 -5.73
C GLY F 22 47.14 -30.27 -5.71
N TYR F 23 47.27 -29.46 -6.76
CA TYR F 23 46.53 -28.21 -6.87
C TYR F 23 45.28 -28.42 -7.71
N TYR F 24 44.28 -27.55 -7.54
CA TYR F 24 43.05 -27.65 -8.31
C TYR F 24 42.81 -26.41 -9.15
N CYS F 25 42.19 -26.60 -10.30
CA CYS F 25 41.90 -25.50 -11.22
C CYS F 25 40.52 -25.68 -11.83
N TYR F 26 39.74 -24.60 -11.90
CA TYR F 26 38.41 -24.69 -12.48
C TYR F 26 38.38 -24.26 -13.94
N ARG F 27 37.89 -25.17 -14.79
CA ARG F 27 37.78 -24.93 -16.22
C ARG F 27 36.89 -23.74 -16.52
N ASP F 28 36.88 -23.31 -17.78
CA ASP F 28 36.04 -22.20 -18.21
C ASP F 28 35.36 -22.58 -19.52
N PRO F 29 34.04 -22.77 -19.50
CA PRO F 29 33.27 -23.15 -20.68
C PRO F 29 33.10 -22.02 -21.69
N ARG F 30 34.11 -21.16 -21.79
CA ARG F 30 34.07 -20.04 -22.73
C ARG F 30 35.35 -19.96 -23.55
N THR F 31 36.37 -20.71 -23.12
CA THR F 31 37.64 -20.72 -23.82
C THR F 31 38.37 -22.05 -23.66
N GLY F 32 38.08 -22.75 -22.58
CA GLY F 32 38.70 -24.04 -22.33
C GLY F 32 39.93 -23.93 -21.45
N LYS F 33 40.09 -22.78 -20.80
CA LYS F 33 41.23 -22.56 -19.90
C LYS F 33 40.77 -22.69 -18.45
N GLU F 34 41.69 -22.48 -17.52
CA GLU F 34 41.36 -22.60 -16.11
C GLU F 34 42.33 -21.84 -15.19
N PHE F 35 41.84 -21.51 -14.00
CA PHE F 35 42.65 -20.79 -13.01
C PHE F 35 42.83 -21.66 -11.77
N GLY F 36 44.00 -21.56 -11.15
CA GLY F 36 44.28 -22.35 -9.97
C GLY F 36 43.59 -21.83 -8.72
N LEU F 37 42.66 -22.60 -8.18
CA LEU F 37 41.94 -22.19 -6.98
C LEU F 37 41.83 -23.27 -5.92
N GLY F 38 42.71 -23.19 -4.92
CA GLY F 38 42.68 -24.17 -3.84
C GLY F 38 43.83 -25.15 -3.79
N ARG F 39 44.18 -25.55 -2.57
CA ARG F 39 45.25 -26.51 -2.33
C ARG F 39 44.64 -27.74 -1.69
N ASP F 40 43.50 -27.53 -1.03
CA ASP F 40 42.79 -28.62 -0.36
C ASP F 40 41.75 -29.27 -1.28
N ARG F 41 41.15 -30.35 -0.80
CA ARG F 41 40.15 -31.08 -1.57
C ARG F 41 38.74 -30.54 -1.32
N ARG F 42 38.32 -30.59 -0.07
CA ARG F 42 36.98 -30.12 0.32
C ARG F 42 36.83 -28.62 0.20
N ILE F 43 37.83 -27.95 -0.36
CA ILE F 43 37.79 -26.50 -0.53
C ILE F 43 37.59 -26.14 -2.00
N ALA F 44 38.30 -26.83 -2.89
CA ALA F 44 38.19 -26.58 -4.33
C ALA F 44 36.85 -27.08 -4.85
N ILE F 45 36.35 -28.15 -4.23
CA ILE F 45 35.07 -28.75 -4.60
C ILE F 45 33.93 -27.95 -3.98
N THR F 46 34.20 -27.33 -2.84
CA THR F 46 33.21 -26.51 -2.15
C THR F 46 33.27 -25.08 -2.68
N GLU F 47 34.11 -24.89 -3.69
CA GLU F 47 34.26 -23.58 -4.33
C GLU F 47 33.77 -23.71 -5.77
N ALA F 48 34.07 -24.85 -6.37
CA ALA F 48 33.65 -25.11 -7.74
C ALA F 48 32.35 -25.91 -7.61
N ILE F 49 31.38 -25.36 -6.89
CA ILE F 49 30.09 -26.00 -6.66
C ILE F 49 28.94 -24.98 -6.63
N GLN F 50 29.26 -23.71 -6.34
CA GLN F 50 28.23 -22.67 -6.33
C GLN F 50 28.17 -22.00 -7.70
N ALA F 51 29.26 -22.07 -8.46
CA ALA F 51 29.25 -21.55 -9.80
C ALA F 51 28.41 -22.67 -10.38
N ASN F 52 28.59 -23.84 -9.78
CA ASN F 52 27.84 -25.04 -10.15
C ASN F 52 26.40 -24.95 -9.60
N ILE F 53 25.86 -23.74 -9.51
CA ILE F 53 24.47 -23.51 -9.05
C ILE F 53 23.64 -23.73 -10.30
N GLU F 54 24.34 -23.89 -11.41
CA GLU F 54 23.69 -24.01 -12.67
C GLU F 54 24.14 -25.24 -13.43
N LEU F 55 23.98 -26.41 -12.82
CA LEU F 55 24.15 -27.57 -13.64
C LEU F 55 22.70 -27.41 -13.90
N PHE F 56 22.53 -27.61 -15.12
CA PHE F 56 21.25 -27.52 -15.80
C PHE F 56 21.69 -28.77 -16.24
N SER F 57 22.97 -28.85 -16.26
CA SER F 57 23.78 -30.03 -16.39
C SER F 57 22.99 -31.06 -15.67
N GLY F 58 22.17 -31.76 -16.43
CA GLY F 58 21.28 -32.76 -15.83
C GLY F 58 20.42 -32.06 -14.78
N HIS F 59 19.57 -32.86 -14.13
CA HIS F 59 18.64 -32.40 -13.11
C HIS F 59 17.60 -31.46 -13.64
N LYS F 60 16.44 -31.56 -13.02
CA LYS F 60 15.36 -30.67 -13.36
C LYS F 60 14.81 -30.26 -12.01
N HIS F 61 13.68 -29.56 -11.98
CA HIS F 61 13.18 -29.13 -10.69
C HIS F 61 11.69 -29.32 -10.43
N LYS F 62 11.31 -29.50 -9.16
CA LYS F 62 9.90 -29.61 -8.79
C LYS F 62 9.70 -29.59 -7.28
N PRO F 63 8.87 -28.65 -6.79
CA PRO F 63 8.50 -28.43 -5.40
C PRO F 63 7.36 -29.34 -4.93
N LEU F 64 6.70 -29.00 -3.82
CA LEU F 64 5.60 -29.83 -3.34
C LEU F 64 4.28 -29.28 -3.87
N THR F 65 3.59 -30.07 -4.69
CA THR F 65 2.32 -29.64 -5.27
C THR F 65 2.56 -28.54 -6.31
N ALA F 66 2.43 -28.89 -7.58
CA ALA F 66 2.64 -27.92 -8.65
C ALA F 66 2.28 -28.52 -10.02
N ARG F 67 2.31 -27.69 -11.05
CA ARG F 67 1.99 -28.16 -12.40
C ARG F 67 3.19 -28.14 -13.32
N ILE F 68 2.93 -28.37 -14.61
CA ILE F 68 3.98 -28.39 -15.62
C ILE F 68 3.58 -27.56 -16.84
N ASN F 69 4.57 -26.89 -17.43
CA ASN F 69 4.36 -26.06 -18.61
C ASN F 69 5.67 -25.38 -19.00
N SER F 70 6.37 -25.96 -19.96
CA SER F 70 7.64 -25.41 -20.41
C SER F 70 8.06 -25.99 -21.75
N ASP F 71 9.20 -25.55 -22.25
CA ASP F 71 9.73 -26.03 -23.52
C ASP F 71 11.21 -25.74 -23.61
N ASN F 72 11.55 -24.54 -24.08
CA ASN F 72 12.94 -24.14 -24.23
C ASN F 72 13.08 -22.62 -24.41
N SER F 73 14.21 -22.09 -23.95
CA SER F 73 14.47 -20.66 -24.06
C SER F 73 15.92 -20.36 -23.71
N VAL F 74 16.16 -19.17 -23.17
CA VAL F 74 17.51 -18.75 -22.81
C VAL F 74 17.59 -18.32 -21.34
N THR F 75 18.75 -17.80 -20.96
CA THR F 75 18.99 -17.34 -19.58
C THR F 75 18.02 -16.25 -19.17
N LEU F 76 18.38 -15.51 -18.12
CA LEU F 76 17.54 -14.40 -17.63
C LEU F 76 18.38 -13.38 -16.88
N HIS F 77 19.44 -13.83 -16.24
CA HIS F 77 20.32 -12.93 -15.49
C HIS F 77 20.78 -11.87 -16.48
N SER F 78 20.87 -12.26 -17.74
CA SER F 78 21.29 -11.36 -18.80
C SER F 78 20.20 -10.35 -19.12
N TRP F 79 18.94 -10.75 -18.95
CA TRP F 79 17.83 -9.84 -19.22
C TRP F 79 17.88 -8.65 -18.27
N LEU F 80 18.38 -8.89 -17.07
CA LEU F 80 18.50 -7.82 -16.08
C LEU F 80 19.55 -6.84 -16.55
N ASP F 81 20.41 -7.30 -17.46
CA ASP F 81 21.48 -6.47 -18.01
C ASP F 81 20.98 -5.70 -19.24
N ARG F 82 20.02 -6.28 -19.95
CA ARG F 82 19.46 -5.64 -21.13
C ARG F 82 18.38 -4.66 -20.69
N TYR F 83 17.77 -4.94 -19.54
CA TYR F 83 16.72 -4.09 -18.99
C TYR F 83 17.31 -2.76 -18.56
N GLU F 84 18.56 -2.78 -18.12
CA GLU F 84 19.25 -1.57 -17.67
C GLU F 84 19.62 -0.71 -18.86
N LYS F 85 19.75 -1.34 -20.03
CA LYS F 85 20.09 -0.62 -21.26
C LYS F 85 18.86 0.07 -21.83
N ILE F 86 17.68 -0.35 -21.36
CA ILE F 86 16.43 0.23 -21.82
C ILE F 86 16.00 1.38 -20.90
N LEU F 87 16.32 1.25 -19.62
CA LEU F 87 15.98 2.27 -18.64
C LEU F 87 16.81 3.54 -18.83
N ALA F 88 18.00 3.37 -19.39
CA ALA F 88 18.89 4.50 -19.63
C ALA F 88 18.49 5.31 -20.85
N SER F 89 17.45 4.85 -21.55
CA SER F 89 16.98 5.54 -22.75
C SER F 89 15.56 6.08 -22.54
N ARG F 90 15.06 5.95 -21.33
CA ARG F 90 13.71 6.43 -21.00
C ARG F 90 13.77 7.89 -20.59
N GLY F 91 14.96 8.48 -20.62
CA GLY F 91 15.12 9.87 -20.24
C GLY F 91 14.74 10.09 -18.78
N ILE F 92 15.64 9.72 -17.88
CA ILE F 92 15.39 9.87 -16.45
C ILE F 92 16.47 10.72 -15.79
N LYS F 93 16.08 11.47 -14.75
CA LYS F 93 17.02 12.31 -14.02
C LYS F 93 18.17 11.49 -13.48
N GLN F 94 19.32 12.14 -13.24
CA GLN F 94 20.49 11.46 -12.73
C GLN F 94 20.43 11.35 -11.20
N LYS F 95 19.59 10.43 -10.73
CA LYS F 95 19.40 10.21 -9.30
C LYS F 95 18.34 9.13 -9.14
N THR F 96 17.40 9.13 -10.08
CA THR F 96 16.31 8.15 -10.06
C THR F 96 16.81 6.87 -10.72
N LEU F 97 17.70 7.02 -11.70
CA LEU F 97 18.26 5.89 -12.41
C LEU F 97 19.08 5.04 -11.44
N ILE F 98 19.74 5.70 -10.50
CA ILE F 98 20.55 5.01 -9.50
C ILE F 98 19.66 4.23 -8.55
N ASN F 99 18.48 4.78 -8.27
CA ASN F 99 17.53 4.14 -7.37
C ASN F 99 17.05 2.82 -7.95
N TYR F 100 16.98 2.73 -9.27
CA TYR F 100 16.54 1.51 -9.94
C TYR F 100 17.64 0.46 -9.95
N MET F 101 18.86 0.89 -10.22
CA MET F 101 20.00 -0.02 -10.27
C MET F 101 20.21 -0.74 -8.94
N SER F 102 20.04 -0.02 -7.84
CA SER F 102 20.21 -0.59 -6.51
C SER F 102 19.19 -1.71 -6.27
N LYS F 103 17.99 -1.53 -6.81
CA LYS F 103 16.94 -2.52 -6.67
C LYS F 103 17.23 -3.73 -7.54
N ILE F 104 17.65 -3.49 -8.77
CA ILE F 104 17.96 -4.56 -9.71
C ILE F 104 19.11 -5.41 -9.15
N LYS F 105 20.00 -4.76 -8.41
CA LYS F 105 21.15 -5.44 -7.81
C LYS F 105 20.67 -6.37 -6.71
N ALA F 106 19.61 -5.97 -6.02
CA ALA F 106 19.04 -6.77 -4.94
C ALA F 106 18.33 -7.98 -5.53
N ILE F 107 17.83 -7.83 -6.74
CA ILE F 107 17.14 -8.90 -7.43
C ILE F 107 18.16 -9.94 -7.87
N ARG F 108 19.37 -9.47 -8.13
CA ARG F 108 20.46 -10.34 -8.56
C ARG F 108 20.86 -11.31 -7.45
N ARG F 109 21.06 -10.78 -6.26
CA ARG F 109 21.45 -11.59 -5.11
C ARG F 109 20.23 -12.13 -4.36
N GLY F 110 19.08 -12.09 -5.03
CA GLY F 110 17.86 -12.59 -4.41
C GLY F 110 17.38 -13.83 -5.12
N LEU F 111 17.11 -13.70 -6.40
CA LEU F 111 16.64 -14.81 -7.21
C LEU F 111 17.81 -15.55 -7.83
N PRO F 112 17.68 -16.87 -7.99
CA PRO F 112 18.75 -17.67 -8.58
C PRO F 112 18.82 -17.38 -10.07
N ASP F 113 19.99 -17.61 -10.66
CA ASP F 113 20.18 -17.40 -12.09
C ASP F 113 19.12 -18.37 -12.61
N ALA F 114 18.25 -17.95 -13.51
CA ALA F 114 17.18 -18.85 -13.99
C ALA F 114 16.48 -18.37 -15.27
N PRO F 115 15.92 -19.27 -16.10
CA PRO F 115 15.30 -18.62 -17.25
C PRO F 115 14.15 -17.77 -16.74
N LEU F 116 13.53 -17.00 -17.62
CA LEU F 116 12.43 -16.12 -17.22
C LEU F 116 11.09 -16.80 -16.96
N GLU F 117 10.79 -17.85 -17.71
CA GLU F 117 9.52 -18.55 -17.51
C GLU F 117 9.67 -19.68 -16.51
N ASP F 118 10.72 -19.60 -15.68
CA ASP F 118 10.99 -20.61 -14.67
C ASP F 118 10.67 -20.04 -13.30
N ILE F 119 11.10 -18.80 -13.06
CA ILE F 119 10.86 -18.16 -11.78
C ILE F 119 9.36 -18.03 -11.51
N THR F 120 8.83 -18.96 -10.72
CA THR F 120 7.42 -18.97 -10.38
C THR F 120 7.08 -17.87 -9.37
N THR F 121 5.79 -17.61 -9.21
CA THR F 121 5.32 -16.59 -8.27
C THR F 121 5.70 -16.93 -6.83
N LYS F 122 5.81 -18.23 -6.55
CA LYS F 122 6.17 -18.69 -5.21
C LYS F 122 7.60 -18.32 -4.86
N GLU F 123 8.48 -18.39 -5.85
CA GLU F 123 9.89 -18.07 -5.66
C GLU F 123 10.09 -16.57 -5.40
N ILE F 124 9.26 -15.75 -6.04
CA ILE F 124 9.36 -14.31 -5.88
C ILE F 124 8.83 -13.88 -4.51
N ALA F 125 7.87 -14.64 -3.99
CA ALA F 125 7.27 -14.34 -2.69
C ALA F 125 8.21 -14.73 -1.56
N ALA F 126 9.01 -15.77 -1.77
CA ALA F 126 9.94 -16.24 -0.75
C ALA F 126 11.01 -15.19 -0.51
N MET F 127 11.45 -14.53 -1.58
CA MET F 127 12.47 -13.50 -1.50
C MET F 127 11.86 -12.19 -1.00
N LEU F 128 10.66 -11.88 -1.47
CA LEU F 128 9.97 -10.66 -1.08
C LEU F 128 9.70 -10.64 0.43
N ASN F 129 9.04 -11.69 0.92
CA ASN F 129 8.71 -11.80 2.33
C ASN F 129 9.95 -11.84 3.21
N GLY F 130 11.08 -12.25 2.64
CA GLY F 130 12.31 -12.33 3.39
C GLY F 130 12.74 -10.96 3.90
N TYR F 131 12.40 -9.91 3.16
CA TYR F 131 12.74 -8.56 3.55
C TYR F 131 11.71 -7.98 4.52
N ILE F 132 10.52 -8.58 4.54
CA ILE F 132 9.46 -8.13 5.42
C ILE F 132 9.73 -8.59 6.85
N ASP F 133 10.22 -9.81 6.99
CA ASP F 133 10.53 -10.38 8.30
C ASP F 133 11.68 -9.62 8.94
N GLU F 134 12.47 -8.93 8.11
CA GLU F 134 13.60 -8.16 8.59
C GLU F 134 13.16 -6.75 9.00
N GLY F 135 11.91 -6.42 8.69
CA GLY F 135 11.39 -5.11 9.04
C GLY F 135 11.31 -4.19 7.83
N LYS F 136 12.23 -4.38 6.89
CA LYS F 136 12.26 -3.57 5.69
C LYS F 136 11.05 -3.87 4.80
N ALA F 137 9.94 -3.20 5.09
CA ALA F 137 8.71 -3.40 4.34
C ALA F 137 8.64 -2.42 3.15
N ALA F 138 9.13 -1.21 3.36
CA ALA F 138 9.12 -0.20 2.32
C ALA F 138 10.03 -0.58 1.16
N SER F 139 10.99 -1.46 1.43
CA SER F 139 11.93 -1.92 0.42
C SER F 139 11.28 -2.97 -0.48
N ALA F 140 10.60 -3.93 0.14
CA ALA F 140 9.93 -4.99 -0.60
C ALA F 140 8.92 -4.44 -1.61
N LYS F 141 8.37 -3.27 -1.30
CA LYS F 141 7.39 -2.64 -2.18
C LYS F 141 8.04 -2.10 -3.45
N LEU F 142 9.24 -1.53 -3.30
CA LEU F 142 9.97 -0.98 -4.45
C LEU F 142 10.61 -2.09 -5.25
N ILE F 143 11.08 -3.13 -4.57
CA ILE F 143 11.72 -4.25 -5.24
C ILE F 143 10.70 -5.00 -6.09
N ARG F 144 9.47 -5.09 -5.58
CA ARG F 144 8.39 -5.78 -6.29
C ARG F 144 7.96 -4.96 -7.50
N SER F 145 7.79 -3.66 -7.30
CA SER F 145 7.38 -2.76 -8.37
C SER F 145 8.38 -2.75 -9.52
N THR F 146 9.66 -2.70 -9.18
CA THR F 146 10.73 -2.69 -10.18
C THR F 146 10.79 -4.03 -10.91
N LEU F 147 10.72 -5.11 -10.15
CA LEU F 147 10.78 -6.45 -10.72
C LEU F 147 9.52 -6.72 -11.54
N SER F 148 8.49 -5.91 -11.33
CA SER F 148 7.23 -6.06 -12.04
C SER F 148 7.28 -5.37 -13.40
N ASP F 149 7.90 -4.19 -13.45
CA ASP F 149 8.01 -3.43 -14.69
C ASP F 149 9.07 -4.05 -15.59
N ALA F 150 9.96 -4.85 -15.02
CA ALA F 150 11.01 -5.50 -15.77
C ALA F 150 10.43 -6.58 -16.66
N PHE F 151 9.49 -7.36 -16.11
CA PHE F 151 8.84 -8.43 -16.84
C PHE F 151 7.84 -7.87 -17.85
N ARG F 152 7.27 -6.71 -17.54
CA ARG F 152 6.29 -6.09 -18.41
C ARG F 152 6.96 -5.72 -19.73
N GLU F 153 8.16 -5.15 -19.63
CA GLU F 153 8.93 -4.75 -20.82
C GLU F 153 9.48 -6.00 -21.50
N ALA F 154 9.59 -7.08 -20.74
CA ALA F 154 10.10 -8.34 -21.26
C ALA F 154 9.08 -9.00 -22.17
N ILE F 155 7.81 -8.96 -21.76
CA ILE F 155 6.73 -9.54 -22.53
C ILE F 155 6.52 -8.79 -23.84
N ALA F 156 6.86 -7.50 -23.83
CA ALA F 156 6.70 -6.67 -25.01
C ALA F 156 7.84 -6.84 -26.01
N GLU F 157 8.74 -7.78 -25.72
CA GLU F 157 9.87 -8.03 -26.61
C GLU F 157 9.97 -9.51 -26.99
N GLY F 158 8.85 -10.21 -26.91
CA GLY F 158 8.82 -11.62 -27.26
C GLY F 158 9.77 -12.48 -26.46
N HIS F 159 9.48 -12.65 -25.17
CA HIS F 159 10.30 -13.46 -24.29
C HIS F 159 9.42 -14.19 -23.29
N ILE F 160 8.48 -13.45 -22.70
CA ILE F 160 7.55 -14.01 -21.73
C ILE F 160 6.13 -13.67 -22.18
N THR F 161 5.14 -14.39 -21.65
CA THR F 161 3.75 -14.16 -22.02
C THR F 161 2.90 -13.79 -20.81
N THR F 162 3.44 -14.02 -19.61
CA THR F 162 2.73 -13.72 -18.38
C THR F 162 3.59 -12.91 -17.41
N ASN F 163 2.95 -12.38 -16.38
CA ASN F 163 3.64 -11.58 -15.38
C ASN F 163 3.34 -12.15 -14.00
N HIS F 164 4.08 -13.20 -13.63
CA HIS F 164 3.90 -13.87 -12.35
C HIS F 164 4.00 -12.94 -11.15
N VAL F 165 4.75 -11.86 -11.29
CA VAL F 165 4.92 -10.90 -10.20
C VAL F 165 3.63 -10.16 -9.86
N ALA F 166 2.76 -10.01 -10.86
CA ALA F 166 1.49 -9.32 -10.67
C ALA F 166 0.53 -10.17 -9.82
N ALA F 167 0.90 -11.42 -9.62
CA ALA F 167 0.07 -12.34 -8.83
C ALA F 167 0.23 -12.08 -7.33
N THR F 168 1.46 -11.80 -6.91
CA THR F 168 1.74 -11.53 -5.51
C THR F 168 1.43 -10.09 -5.11
N ARG F 169 1.06 -9.91 -3.85
CA ARG F 169 0.72 -8.58 -3.33
C ARG F 169 1.97 -7.82 -2.90
N ALA F 170 1.79 -6.54 -2.59
CA ALA F 170 2.88 -5.69 -2.15
C ALA F 170 2.67 -5.29 -0.69
N ALA F 171 3.76 -5.28 0.08
CA ALA F 171 3.68 -4.91 1.49
C ALA F 171 3.09 -3.52 1.64
N LYS F 172 2.47 -3.26 2.79
CA LYS F 172 1.85 -1.97 3.07
C LYS F 172 2.55 -1.29 4.25
N SER F 173 3.38 -0.30 3.95
CA SER F 173 4.12 0.42 4.97
C SER F 173 3.20 1.25 5.85
N GLU F 174 3.74 1.79 6.95
CA GLU F 174 2.97 2.59 7.87
C GLU F 174 3.63 3.94 8.18
N VAL F 175 4.85 4.13 7.68
CA VAL F 175 5.59 5.36 7.90
C VAL F 175 5.74 5.62 9.39
N ARG F 176 6.86 5.15 9.96
CA ARG F 176 7.12 5.33 11.38
C ARG F 176 8.14 6.44 11.64
N ARG F 177 7.98 7.54 10.92
CA ARG F 177 8.87 8.70 11.08
C ARG F 177 8.18 9.73 11.98
N SER F 178 8.53 9.72 13.25
CA SER F 178 7.94 10.64 14.22
C SER F 178 8.11 12.10 13.79
N ARG F 179 7.13 12.93 14.11
CA ARG F 179 7.16 14.34 13.77
C ARG F 179 7.94 15.14 14.81
N LEU F 180 8.06 16.45 14.59
CA LEU F 180 8.79 17.31 15.52
C LEU F 180 7.93 18.49 15.96
N THR F 181 7.74 18.62 17.27
CA THR F 181 6.94 19.70 17.83
C THR F 181 7.75 21.00 17.87
N ALA F 182 7.13 22.06 18.37
CA ALA F 182 7.79 23.36 18.46
C ALA F 182 8.69 23.42 19.69
N ASP F 183 8.35 22.65 20.71
CA ASP F 183 9.12 22.61 21.95
C ASP F 183 10.43 21.86 21.75
N GLU F 184 10.36 20.74 21.04
CA GLU F 184 11.54 19.93 20.77
C GLU F 184 12.45 20.65 19.78
N TYR F 185 11.90 21.67 19.13
CA TYR F 185 12.64 22.47 18.16
C TYR F 185 13.70 23.30 18.86
N LEU F 186 13.30 23.99 19.91
CA LEU F 186 14.22 24.82 20.68
C LEU F 186 15.25 23.96 21.41
N LYS F 187 14.85 22.74 21.75
CA LYS F 187 15.73 21.81 22.45
C LYS F 187 16.91 21.39 21.58
N ILE F 188 16.68 21.36 20.27
CA ILE F 188 17.73 20.97 19.33
C ILE F 188 18.58 22.17 18.94
N TYR F 189 17.91 23.32 18.76
CA TYR F 189 18.60 24.54 18.38
C TYR F 189 19.55 24.98 19.49
N GLN F 190 19.21 24.63 20.73
CA GLN F 190 20.03 24.98 21.88
C GLN F 190 21.28 24.12 21.95
N ALA F 191 21.16 22.88 21.47
CA ALA F 191 22.28 21.95 21.48
C ALA F 191 23.09 22.05 20.19
N ALA F 192 22.68 22.95 19.30
CA ALA F 192 23.37 23.14 18.03
C ALA F 192 24.49 24.16 18.18
N GLU F 193 24.85 24.45 19.43
CA GLU F 193 25.91 25.41 19.72
C GLU F 193 27.29 24.78 19.54
N SER F 194 27.38 23.49 19.82
CA SER F 194 28.64 22.76 19.69
C SER F 194 28.94 22.56 18.20
N SER F 195 27.90 22.61 17.39
CA SER F 195 28.03 22.44 15.95
C SER F 195 28.29 23.79 15.28
N PRO F 196 28.75 23.77 14.02
CA PRO F 196 29.04 25.00 13.28
C PRO F 196 27.91 26.02 13.35
N CYS F 197 28.16 27.22 12.84
CA CYS F 197 27.17 28.29 12.86
C CYS F 197 26.15 28.19 11.74
N TRP F 198 26.57 27.68 10.59
CA TRP F 198 25.67 27.56 9.44
C TRP F 198 24.52 26.60 9.70
N LEU F 199 24.67 25.73 10.69
CA LEU F 199 23.64 24.75 11.01
C LEU F 199 22.39 25.42 11.58
N ARG F 200 22.57 26.26 12.58
CA ARG F 200 21.45 26.96 13.21
C ARG F 200 20.75 27.92 12.26
N LEU F 201 21.51 28.56 11.39
CA LEU F 201 20.96 29.51 10.43
C LEU F 201 20.13 28.79 9.37
N ALA F 202 20.64 27.66 8.91
CA ALA F 202 19.94 26.87 7.89
C ALA F 202 18.80 26.08 8.51
N MET F 203 18.84 25.92 9.83
CA MET F 203 17.81 25.19 10.54
C MET F 203 16.57 26.06 10.69
N GLU F 204 16.79 27.35 10.94
CA GLU F 204 15.69 28.30 11.07
C GLU F 204 15.21 28.70 9.69
N LEU F 205 16.14 28.79 8.75
CA LEU F 205 15.82 29.16 7.37
C LEU F 205 14.99 28.07 6.71
N ALA F 206 15.12 26.85 7.21
CA ALA F 206 14.39 25.71 6.65
C ALA F 206 13.00 25.60 7.26
N VAL F 207 12.73 26.41 8.28
CA VAL F 207 11.44 26.39 8.95
C VAL F 207 10.68 27.69 8.64
N VAL F 208 11.40 28.71 8.23
CA VAL F 208 10.79 30.00 7.90
C VAL F 208 10.39 30.02 6.43
N THR F 209 11.08 29.23 5.62
CA THR F 209 10.79 29.15 4.20
C THR F 209 10.01 27.87 3.90
N GLY F 210 10.17 26.88 4.76
CA GLY F 210 9.47 25.61 4.58
C GLY F 210 9.86 24.94 3.28
N GLN F 211 11.10 25.18 2.84
CA GLN F 211 11.60 24.60 1.60
C GLN F 211 12.30 23.27 1.85
N ARG F 212 12.69 22.60 0.77
CA ARG F 212 13.38 21.33 0.87
C ARG F 212 14.85 21.57 1.19
N VAL F 213 15.47 20.62 1.89
CA VAL F 213 16.87 20.72 2.26
C VAL F 213 17.74 20.76 1.00
N GLY F 214 17.23 20.16 -0.07
CA GLY F 214 17.97 20.13 -1.32
C GLY F 214 18.01 21.50 -1.98
N ASP F 215 16.86 22.15 -2.06
CA ASP F 215 16.76 23.47 -2.68
C ASP F 215 17.28 24.53 -1.71
N LEU F 216 17.39 24.17 -0.44
CA LEU F 216 17.87 25.09 0.58
C LEU F 216 19.36 25.35 0.40
N CYS F 217 20.06 24.40 -0.21
CA CYS F 217 21.49 24.52 -0.45
C CYS F 217 21.76 24.95 -1.88
N GLU F 218 20.72 25.41 -2.57
CA GLU F 218 20.86 25.85 -3.96
C GLU F 218 20.54 27.33 -4.12
N MET F 219 20.06 27.95 -3.05
CA MET F 219 19.71 29.37 -3.09
C MET F 219 20.93 30.28 -2.97
N LYS F 220 21.01 31.26 -3.86
CA LYS F 220 22.11 32.22 -3.87
C LYS F 220 21.58 33.60 -3.51
N TRP F 221 22.48 34.54 -3.25
CA TRP F 221 22.08 35.89 -2.89
C TRP F 221 21.65 36.70 -4.11
N SER F 222 21.59 36.04 -5.26
CA SER F 222 21.19 36.69 -6.49
C SER F 222 19.75 36.31 -6.83
N ASP F 223 19.22 35.34 -6.09
CA ASP F 223 17.86 34.88 -6.31
C ASP F 223 16.87 35.75 -5.53
N ILE F 224 17.39 36.74 -4.82
CA ILE F 224 16.56 37.65 -4.04
C ILE F 224 16.43 38.99 -4.75
N VAL F 225 15.23 39.30 -5.22
CA VAL F 225 14.99 40.56 -5.92
C VAL F 225 13.73 41.26 -5.42
N ASP F 226 13.86 42.55 -5.12
CA ASP F 226 12.74 43.36 -4.65
C ASP F 226 12.10 42.82 -3.38
N GLY F 227 12.88 42.08 -2.59
CA GLY F 227 12.35 41.51 -1.35
C GLY F 227 11.73 40.14 -1.51
N TYR F 228 11.94 39.52 -2.66
CA TYR F 228 11.40 38.19 -2.91
C TYR F 228 12.51 37.15 -2.92
N LEU F 229 12.13 35.89 -2.74
CA LEU F 229 13.10 34.80 -2.73
C LEU F 229 12.76 33.76 -3.79
N TYR F 230 13.23 34.01 -5.01
CA TYR F 230 12.98 33.09 -6.12
C TYR F 230 13.65 31.74 -5.88
N VAL F 231 12.84 30.71 -5.69
CA VAL F 231 13.37 29.37 -5.44
C VAL F 231 12.80 28.38 -6.45
N GLU F 232 13.69 27.67 -7.14
CA GLU F 232 13.27 26.69 -8.14
C GLU F 232 13.53 25.27 -7.64
N GLN F 233 12.47 24.60 -7.19
CA GLN F 233 12.58 23.24 -6.70
C GLN F 233 13.08 22.31 -7.82
N SER F 234 13.97 21.39 -7.46
CA SER F 234 14.53 20.46 -8.43
C SER F 234 13.74 19.16 -8.49
N LYS F 235 13.11 18.80 -7.37
CA LYS F 235 12.32 17.58 -7.31
C LYS F 235 11.13 17.60 -8.25
N THR F 236 10.22 18.55 -8.03
CA THR F 236 9.03 18.68 -8.86
C THR F 236 9.27 19.61 -10.05
N GLY F 237 9.82 20.79 -9.76
CA GLY F 237 10.09 21.75 -10.82
C GLY F 237 9.26 23.01 -10.65
N VAL F 238 8.47 23.05 -9.57
CA VAL F 238 7.62 24.20 -9.29
C VAL F 238 8.47 25.44 -9.00
N LYS F 239 7.96 26.60 -9.38
CA LYS F 239 8.67 27.86 -9.16
C LYS F 239 7.84 28.78 -8.28
N ILE F 240 8.44 29.25 -7.19
CA ILE F 240 7.74 30.13 -6.26
C ILE F 240 8.62 31.30 -5.80
N ALA F 241 7.98 32.31 -5.23
CA ALA F 241 8.68 33.49 -4.73
C ALA F 241 8.28 33.73 -3.29
N ILE F 242 9.22 33.53 -2.37
CA ILE F 242 8.97 33.71 -0.95
C ILE F 242 9.28 35.13 -0.48
N PRO F 243 8.29 35.81 0.13
CA PRO F 243 8.47 37.17 0.61
C PRO F 243 9.40 37.22 1.82
N THR F 244 10.27 38.23 1.86
CA THR F 244 11.21 38.38 2.96
C THR F 244 10.59 39.13 4.14
N ALA F 245 9.28 38.98 4.31
CA ALA F 245 8.56 39.64 5.39
C ALA F 245 7.88 38.63 6.29
N LEU F 246 8.15 37.35 6.05
CA LEU F 246 7.55 36.28 6.85
C LEU F 246 8.11 36.31 8.27
N HIS F 247 7.44 35.60 9.17
CA HIS F 247 7.87 35.55 10.57
C HIS F 247 7.12 34.49 11.36
N ILE F 248 7.84 33.79 12.23
CA ILE F 248 7.27 32.74 13.05
C ILE F 248 7.35 33.15 14.53
N ASP F 249 6.21 33.53 15.09
CA ASP F 249 6.14 33.95 16.49
C ASP F 249 6.26 32.79 17.46
N ALA F 250 5.81 31.61 17.03
CA ALA F 250 5.86 30.42 17.87
C ALA F 250 7.30 30.04 18.22
N LEU F 251 8.25 30.61 17.49
CA LEU F 251 9.66 30.33 17.73
C LEU F 251 10.47 31.62 17.81
N GLY F 252 9.83 32.73 17.49
CA GLY F 252 10.51 34.01 17.53
C GLY F 252 11.63 34.10 16.52
N ILE F 253 11.28 33.93 15.24
CA ILE F 253 12.26 33.97 14.17
C ILE F 253 11.75 34.79 12.99
N SER F 254 12.44 35.89 12.69
CA SER F 254 12.06 36.76 11.59
C SER F 254 12.78 36.36 10.31
N MET F 255 12.07 36.42 9.19
CA MET F 255 12.64 36.06 7.89
C MET F 255 13.83 36.93 7.55
N LYS F 256 13.61 38.24 7.45
CA LYS F 256 14.66 39.19 7.12
C LYS F 256 15.81 39.14 8.11
N GLU F 257 15.47 39.00 9.39
CA GLU F 257 16.48 38.94 10.45
C GLU F 257 17.38 37.73 10.30
N THR F 258 16.81 36.61 9.85
CA THR F 258 17.58 35.39 9.66
C THR F 258 18.45 35.47 8.42
N LEU F 259 17.94 36.13 7.39
CA LEU F 259 18.67 36.29 6.13
C LEU F 259 19.96 37.08 6.34
N ASP F 260 19.84 38.22 7.01
CA ASP F 260 21.00 39.07 7.27
C ASP F 260 22.09 38.35 8.06
N LYS F 261 21.69 37.47 8.97
CA LYS F 261 22.65 36.73 9.78
C LYS F 261 23.55 35.84 8.93
N CYS F 262 23.04 35.43 7.77
CA CYS F 262 23.81 34.57 6.87
C CYS F 262 24.67 35.39 5.92
N LYS F 263 24.50 36.71 5.97
CA LYS F 263 25.26 37.62 5.12
C LYS F 263 26.52 38.13 5.82
N GLU F 264 26.46 38.18 7.15
CA GLU F 264 27.60 38.66 7.93
C GLU F 264 28.47 37.51 8.44
N ILE F 265 27.87 36.63 9.25
CA ILE F 265 28.60 35.51 9.81
C ILE F 265 29.11 34.56 8.72
N LEU F 266 28.19 34.07 7.90
CA LEU F 266 28.55 33.15 6.82
C LEU F 266 29.29 33.86 5.68
N GLY F 267 28.56 34.56 4.84
CA GLY F 267 29.17 35.26 3.73
C GLY F 267 29.49 34.30 2.60
N GLY F 268 29.16 34.69 1.37
CA GLY F 268 29.44 33.83 0.23
C GLY F 268 28.47 34.07 -0.91
N GLU F 269 28.47 33.17 -1.88
CA GLU F 269 27.59 33.27 -3.04
C GLU F 269 26.22 32.67 -2.73
N THR F 270 26.20 31.67 -1.85
CA THR F 270 24.96 31.01 -1.47
C THR F 270 24.48 31.49 -0.10
N ILE F 271 23.17 31.48 0.08
CA ILE F 271 22.57 31.90 1.35
C ILE F 271 23.18 31.12 2.50
N ILE F 272 23.31 29.81 2.32
CA ILE F 272 23.87 28.94 3.35
C ILE F 272 25.18 28.32 2.87
N ALA F 273 26.30 28.87 3.32
CA ALA F 273 27.60 28.36 2.93
C ALA F 273 28.35 27.76 4.11
N SER F 274 29.52 27.21 3.85
CA SER F 274 30.34 26.59 4.89
C SER F 274 31.33 27.61 5.46
N THR F 275 32.11 27.18 6.44
CA THR F 275 33.11 28.06 7.07
C THR F 275 34.20 28.41 6.08
N ARG F 276 34.26 27.67 4.97
CA ARG F 276 35.27 27.90 3.94
C ARG F 276 34.68 28.74 2.81
N ARG F 277 33.52 29.33 3.07
CA ARG F 277 32.83 30.17 2.09
C ARG F 277 32.50 29.39 0.81
N GLU F 278 32.01 28.17 0.99
CA GLU F 278 31.65 27.32 -0.15
C GLU F 278 30.33 26.59 0.10
N PRO F 279 29.58 26.30 -0.97
CA PRO F 279 28.29 25.61 -0.86
C PRO F 279 28.44 24.18 -0.39
N LEU F 280 27.53 23.74 0.48
CA LEU F 280 27.57 22.38 1.02
C LEU F 280 26.59 21.46 0.29
N SER F 281 26.67 20.17 0.60
CA SER F 281 25.79 19.18 -0.01
C SER F 281 24.50 19.07 0.79
N SER F 282 23.50 18.41 0.20
CA SER F 282 22.22 18.23 0.86
C SER F 282 22.24 17.05 1.82
N GLY F 283 23.38 16.35 1.87
CA GLY F 283 23.51 15.21 2.75
C GLY F 283 24.32 15.53 3.99
N THR F 284 25.01 16.66 3.97
CA THR F 284 25.83 17.09 5.09
C THR F 284 25.03 17.98 6.04
N VAL F 285 24.06 18.70 5.49
CA VAL F 285 23.22 19.59 6.29
C VAL F 285 22.39 18.80 7.29
N SER F 286 21.64 17.81 6.79
CA SER F 286 20.80 16.99 7.63
C SER F 286 21.65 16.02 8.45
N ARG F 287 22.92 15.93 8.10
CA ARG F 287 23.85 15.04 8.81
C ARG F 287 24.17 15.57 10.19
N TYR F 288 24.62 16.83 10.26
CA TYR F 288 24.97 17.46 11.52
C TYR F 288 23.73 17.74 12.38
N PHE F 289 22.58 17.82 11.73
CA PHE F 289 21.33 18.08 12.46
C PHE F 289 21.04 16.88 13.35
N MET F 290 21.59 15.73 12.96
CA MET F 290 21.42 14.49 13.72
C MET F 290 22.22 14.54 15.01
N ARG F 291 23.47 15.01 14.89
CA ARG F 291 24.36 15.10 16.04
C ARG F 291 23.72 15.85 17.21
N ALA F 292 23.10 16.98 16.91
CA ALA F 292 22.45 17.79 17.93
C ALA F 292 21.22 17.07 18.48
N ARG F 293 20.66 16.16 17.69
CA ARG F 293 19.48 15.41 18.09
C ARG F 293 19.85 14.37 19.16
N LYS F 294 20.90 13.61 18.90
CA LYS F 294 21.35 12.57 19.83
C LYS F 294 21.99 13.19 21.07
N ALA F 295 22.72 14.28 20.88
CA ALA F 295 23.39 14.97 21.98
C ALA F 295 22.36 15.59 22.91
N SER F 296 21.15 15.81 22.40
CA SER F 296 20.08 16.41 23.19
C SER F 296 19.68 15.49 24.35
N GLY F 297 19.39 14.24 24.03
CA GLY F 297 19.01 13.28 25.06
C GLY F 297 17.53 12.97 25.06
N LEU F 298 16.76 13.75 24.28
CA LEU F 298 15.32 13.55 24.19
C LEU F 298 15.01 12.19 23.57
N SER F 299 13.86 11.63 23.92
CA SER F 299 13.46 10.32 23.41
C SER F 299 12.10 10.39 22.70
N PHE F 300 11.95 9.59 21.65
CA PHE F 300 10.70 9.55 20.89
C PHE F 300 10.15 8.13 20.83
N GLU F 301 9.12 7.94 20.02
CA GLU F 301 8.50 6.63 19.86
C GLU F 301 8.58 6.19 18.39
N GLY F 302 9.57 5.38 18.07
CA GLY F 302 9.74 4.92 16.71
C GLY F 302 11.05 5.40 16.12
N ASP F 303 10.96 6.18 15.06
CA ASP F 303 12.15 6.72 14.40
C ASP F 303 12.27 8.22 14.64
N PRO F 304 13.40 8.67 15.21
CA PRO F 304 13.64 10.09 15.48
C PRO F 304 13.41 10.97 14.26
N PRO F 305 12.88 12.19 14.47
CA PRO F 305 12.61 13.13 13.37
C PRO F 305 13.87 13.40 12.54
N THR F 306 13.75 14.32 11.59
CA THR F 306 14.88 14.64 10.72
C THR F 306 14.84 16.12 10.32
N PHE F 307 15.84 16.55 9.55
CA PHE F 307 15.92 17.93 9.10
C PHE F 307 14.76 18.23 8.16
N HIS F 308 14.27 17.21 7.47
CA HIS F 308 13.16 17.38 6.53
C HIS F 308 11.87 17.58 7.32
N GLU F 309 11.87 17.13 8.56
CA GLU F 309 10.71 17.26 9.44
C GLU F 309 10.47 18.73 9.74
N LEU F 310 11.51 19.54 9.56
CA LEU F 310 11.42 20.97 9.82
C LEU F 310 10.43 21.58 8.83
N ARG F 311 10.37 20.99 7.63
CA ARG F 311 9.47 21.45 6.58
C ARG F 311 8.04 21.18 7.03
N SER F 312 7.84 20.08 7.75
CA SER F 312 6.52 19.71 8.24
C SER F 312 6.12 20.62 9.39
N LEU F 313 7.05 20.87 10.30
CA LEU F 313 6.79 21.72 11.45
C LEU F 313 6.50 23.13 10.97
N SER F 314 7.14 23.53 9.87
CA SER F 314 6.94 24.86 9.29
C SER F 314 5.52 24.99 8.78
N ALA F 315 5.00 23.92 8.20
CA ALA F 315 3.65 23.92 7.66
C ALA F 315 2.58 23.96 8.76
N ARG F 316 2.79 23.18 9.81
CA ARG F 316 1.84 23.14 10.91
C ARG F 316 1.76 24.47 11.65
N LEU F 317 2.90 25.16 11.74
CA LEU F 317 2.94 26.45 12.43
C LEU F 317 2.24 27.52 11.60
N TYR F 318 2.59 27.61 10.31
CA TYR F 318 1.98 28.58 9.42
C TYR F 318 0.47 28.40 9.33
N GLU F 319 0.00 27.19 9.63
CA GLU F 319 -1.42 26.88 9.58
C GLU F 319 -2.20 27.73 10.57
N LYS F 320 -1.91 27.54 11.85
CA LYS F 320 -2.58 28.29 12.91
C LYS F 320 -2.18 29.76 12.93
N GLN F 321 -0.98 30.05 12.43
CA GLN F 321 -0.48 31.42 12.40
C GLN F 321 -1.30 32.30 11.47
N ILE F 322 -1.28 31.98 10.18
CA ILE F 322 -2.03 32.75 9.19
C ILE F 322 -3.24 31.98 8.68
N SER F 323 -3.01 31.05 7.76
CA SER F 323 -4.09 30.26 7.20
C SER F 323 -3.60 28.91 6.68
N ASP F 324 -4.50 28.13 6.10
CA ASP F 324 -4.16 26.82 5.56
C ASP F 324 -3.63 26.94 4.14
N LYS F 325 -4.29 27.78 3.34
CA LYS F 325 -3.89 27.98 1.95
C LYS F 325 -2.51 28.61 1.86
N PHE F 326 -2.02 29.13 2.97
CA PHE F 326 -0.71 29.77 3.01
C PHE F 326 0.38 28.71 3.13
N ALA F 327 0.10 27.67 3.92
CA ALA F 327 1.06 26.59 4.13
C ALA F 327 0.88 25.52 3.05
N GLN F 328 0.50 25.95 1.85
CA GLN F 328 0.30 25.04 0.73
C GLN F 328 1.06 25.53 -0.49
N HIS F 329 1.03 26.84 -0.71
CA HIS F 329 1.72 27.45 -1.84
C HIS F 329 3.21 27.64 -1.53
N LEU F 330 3.52 27.80 -0.25
CA LEU F 330 4.91 27.99 0.18
C LEU F 330 5.71 26.71 0.07
N LEU F 331 5.08 25.58 0.34
CA LEU F 331 5.74 24.28 0.28
C LEU F 331 5.91 23.80 -1.16
N GLY F 332 5.46 24.61 -2.11
CA GLY F 332 5.57 24.24 -3.50
C GLY F 332 4.79 22.97 -3.79
N HIS F 333 3.67 22.80 -3.08
CA HIS F 333 2.83 21.63 -3.25
C HIS F 333 1.43 22.02 -3.71
N LYS F 334 0.82 21.19 -4.55
CA LYS F 334 -0.52 21.45 -5.06
C LYS F 334 -1.44 20.30 -4.69
N SER F 335 -2.45 20.05 -5.53
CA SER F 335 -3.40 18.97 -5.28
C SER F 335 -4.10 19.14 -3.94
N ASP F 336 -4.86 18.13 -3.54
CA ASP F 336 -5.59 18.16 -2.27
C ASP F 336 -5.64 16.77 -1.66
N THR F 337 -4.46 16.20 -1.40
CA THR F 337 -4.36 14.87 -0.81
C THR F 337 -3.25 14.81 0.23
N MET F 338 -2.16 15.52 -0.04
CA MET F 338 -1.02 15.55 0.87
C MET F 338 -1.13 16.68 1.88
N ALA F 339 -1.93 17.69 1.54
CA ALA F 339 -2.12 18.84 2.43
C ALA F 339 -2.72 18.39 3.75
N SER F 340 -3.39 17.24 3.73
CA SER F 340 -4.01 16.69 4.93
C SER F 340 -3.14 15.60 5.55
N GLN F 341 -2.38 14.91 4.72
CA GLN F 341 -1.51 13.84 5.19
C GLN F 341 -0.16 14.42 5.62
N TYR F 342 -0.14 15.73 5.83
CA TYR F 342 1.07 16.42 6.25
C TYR F 342 0.72 17.32 7.43
N ARG F 343 -0.53 17.23 7.87
CA ARG F 343 -1.02 18.02 8.99
C ARG F 343 -1.34 17.09 10.17
N ASP F 344 -1.39 15.79 9.89
CA ASP F 344 -1.68 14.80 10.92
C ASP F 344 -0.64 14.79 12.03
N ASP F 345 -0.83 13.89 13.00
CA ASP F 345 0.09 13.77 14.13
C ASP F 345 0.72 12.39 14.17
N ARG F 346 -0.03 11.38 13.75
CA ARG F 346 0.45 10.00 13.72
C ARG F 346 0.87 9.50 15.11
N GLY F 347 -0.08 9.50 16.04
CA GLY F 347 0.19 9.04 17.38
C GLY F 347 1.28 9.81 18.10
N ARG F 348 1.02 11.08 18.38
CA ARG F 348 1.99 11.94 19.07
C ARG F 348 1.25 12.96 19.94
N GLU F 349 0.45 13.81 19.29
CA GLU F 349 -0.31 14.83 19.99
C GLU F 349 -1.81 14.62 19.81
N TRP F 350 -2.57 14.83 20.87
CA TRP F 350 -4.02 14.66 20.82
C TRP F 350 -4.67 15.82 20.06
N ASP F 351 -5.60 15.48 19.17
CA ASP F 351 -6.30 16.49 18.38
C ASP F 351 -7.40 17.11 19.25
N LYS F 352 -7.02 18.11 20.05
CA LYS F 352 -7.97 18.79 20.92
C LYS F 352 -8.94 19.66 20.15
N ILE F 353 -10.21 19.60 20.52
CA ILE F 353 -11.25 20.38 19.86
C ILE F 353 -11.67 21.53 20.76
N GLU F 354 -11.73 22.74 20.20
CA GLU F 354 -12.11 23.92 20.97
C GLU F 354 -13.47 24.44 20.53
N ILE F 355 -14.08 25.27 21.38
CA ILE F 355 -15.38 25.84 21.08
C ILE F 355 -15.26 26.88 19.97
N LYS F 356 -15.25 26.42 18.72
CA LYS F 356 -15.13 27.31 17.58
C LYS F 356 -15.44 26.57 16.27
N MET G 1 11.25 -44.73 -44.88
CA MET G 1 12.16 -43.81 -45.63
C MET G 1 13.53 -44.45 -45.86
N GLY G 2 14.58 -43.65 -45.76
CA GLY G 2 15.92 -44.18 -45.97
C GLY G 2 16.34 -45.15 -44.89
N ARG G 3 15.95 -44.87 -43.65
CA ARG G 3 16.31 -45.73 -42.52
C ARG G 3 15.14 -46.56 -42.00
N ARG G 4 13.96 -45.95 -41.92
CA ARG G 4 12.78 -46.63 -41.42
C ARG G 4 13.00 -47.14 -40.00
N ARG G 5 13.63 -48.30 -39.88
CA ARG G 5 13.91 -48.89 -38.57
C ARG G 5 15.38 -49.32 -38.48
N SER G 6 15.88 -49.44 -37.26
CA SER G 6 17.26 -49.84 -37.02
C SER G 6 17.55 -49.95 -35.53
N HIS G 7 18.80 -50.24 -35.21
CA HIS G 7 19.21 -50.35 -33.80
C HIS G 7 19.31 -48.94 -33.25
N GLU G 8 19.55 -48.82 -31.95
CA GLU G 8 19.67 -47.53 -31.30
C GLU G 8 18.35 -46.77 -31.37
N ARG G 9 17.36 -47.36 -32.01
CA ARG G 9 16.03 -46.76 -32.12
C ARG G 9 15.08 -47.72 -31.42
N ARG G 10 15.59 -48.91 -31.14
CA ARG G 10 14.83 -49.95 -30.46
C ARG G 10 14.76 -49.59 -28.98
N ASP G 11 15.10 -48.34 -28.66
CA ASP G 11 15.04 -47.87 -27.29
C ASP G 11 13.58 -47.53 -27.07
N LEU G 12 12.94 -47.09 -28.17
CA LEU G 12 11.51 -46.76 -28.22
C LEU G 12 10.99 -45.34 -28.16
N PRO G 13 11.72 -44.41 -27.55
CA PRO G 13 11.22 -43.04 -27.48
C PRO G 13 11.20 -42.41 -28.88
N PRO G 14 10.02 -41.97 -29.35
CA PRO G 14 9.91 -41.36 -30.68
C PRO G 14 10.90 -40.19 -30.83
N ASN G 15 10.94 -39.58 -32.00
CA ASN G 15 11.84 -38.46 -32.27
C ASN G 15 13.20 -38.66 -31.61
N LEU G 16 13.61 -39.93 -31.48
CA LEU G 16 14.87 -40.28 -30.87
C LEU G 16 16.01 -39.80 -31.79
N TYR G 17 17.25 -39.96 -31.35
CA TYR G 17 18.38 -39.52 -32.15
C TYR G 17 19.72 -39.96 -31.56
N ILE G 18 19.95 -41.26 -31.45
CA ILE G 18 21.21 -41.76 -30.91
C ILE G 18 22.30 -41.75 -31.96
N ARG G 19 23.23 -40.78 -31.86
CA ARG G 19 24.32 -40.66 -32.81
C ARG G 19 25.40 -41.70 -32.60
N ASN G 20 26.54 -41.52 -33.29
CA ASN G 20 27.67 -42.45 -33.19
C ASN G 20 28.37 -42.41 -31.83
N ASN G 21 28.50 -41.22 -31.25
CA ASN G 21 29.17 -41.07 -29.98
C ASN G 21 28.24 -41.20 -28.77
N GLY G 22 27.22 -42.03 -28.90
CA GLY G 22 26.27 -42.23 -27.81
C GLY G 22 25.78 -40.92 -27.21
N TYR G 23 25.00 -40.18 -28.00
CA TYR G 23 24.48 -38.89 -27.54
C TYR G 23 23.11 -38.63 -28.17
N TYR G 24 22.07 -38.71 -27.35
CA TYR G 24 20.70 -38.49 -27.79
C TYR G 24 20.47 -37.03 -28.16
N CYS G 25 19.55 -36.78 -29.09
CA CYS G 25 19.24 -35.43 -29.53
C CYS G 25 17.80 -35.31 -30.04
N TYR G 26 16.88 -35.01 -29.15
CA TYR G 26 15.47 -34.87 -29.51
C TYR G 26 15.24 -33.98 -30.73
N ARG G 27 14.45 -34.49 -31.67
CA ARG G 27 14.14 -33.76 -32.90
C ARG G 27 12.83 -32.98 -32.78
N ASP G 28 12.75 -31.85 -33.46
CA ASP G 28 11.55 -31.01 -33.44
C ASP G 28 10.79 -31.18 -34.74
N PRO G 29 9.47 -31.46 -34.65
CA PRO G 29 8.63 -31.65 -35.84
C PRO G 29 8.21 -30.36 -36.52
N ARG G 30 9.07 -29.34 -36.45
CA ARG G 30 8.78 -28.06 -37.08
C ARG G 30 9.86 -27.67 -38.09
N THR G 31 11.10 -28.07 -37.81
CA THR G 31 12.21 -27.76 -38.69
C THR G 31 12.95 -29.03 -39.10
N GLY G 32 12.87 -30.05 -38.27
CA GLY G 32 13.55 -31.30 -38.56
C GLY G 32 14.86 -31.43 -37.80
N LYS G 33 15.40 -30.30 -37.38
CA LYS G 33 16.66 -30.27 -36.64
C LYS G 33 16.47 -30.90 -35.26
N GLU G 34 17.52 -30.88 -34.45
CA GLU G 34 17.45 -31.45 -33.11
C GLU G 34 18.54 -30.89 -32.19
N PHE G 35 18.29 -30.94 -30.89
CA PHE G 35 19.23 -30.44 -29.90
C PHE G 35 19.74 -31.57 -29.02
N GLY G 36 20.99 -31.47 -28.59
CA GLY G 36 21.56 -32.50 -27.73
C GLY G 36 20.78 -32.63 -26.45
N LEU G 37 20.16 -33.79 -26.25
CA LEU G 37 19.36 -34.03 -25.05
C LEU G 37 20.21 -34.44 -23.85
N GLY G 38 20.72 -35.66 -23.87
CA GLY G 38 21.55 -36.14 -22.77
C GLY G 38 22.50 -37.24 -23.19
N ARG G 39 23.36 -37.65 -22.28
CA ARG G 39 24.33 -38.70 -22.56
C ARG G 39 23.98 -40.05 -21.94
N ASP G 40 22.80 -40.14 -21.33
CA ASP G 40 22.35 -41.38 -20.71
C ASP G 40 21.35 -42.10 -21.61
N ARG G 41 21.09 -43.36 -21.30
CA ARG G 41 20.17 -44.17 -22.08
C ARG G 41 18.75 -44.11 -21.52
N ARG G 42 18.62 -44.28 -20.20
CA ARG G 42 17.31 -44.25 -19.56
C ARG G 42 16.96 -42.86 -19.04
N ILE G 43 17.70 -41.85 -19.50
CA ILE G 43 17.46 -40.48 -19.09
C ILE G 43 16.94 -39.67 -20.27
N ALA G 44 17.56 -39.84 -21.42
CA ALA G 44 17.16 -39.14 -22.63
C ALA G 44 15.83 -39.69 -23.16
N ILE G 45 15.63 -40.99 -23.00
CA ILE G 45 14.41 -41.64 -23.46
C ILE G 45 13.20 -41.07 -22.70
N THR G 46 13.41 -40.75 -21.43
CA THR G 46 12.35 -40.20 -20.59
C THR G 46 12.02 -38.77 -21.02
N GLU G 47 13.06 -38.04 -21.43
CA GLU G 47 12.87 -36.66 -21.87
C GLU G 47 12.36 -36.60 -23.30
N ALA G 48 12.17 -37.76 -23.91
CA ALA G 48 11.68 -37.84 -25.28
C ALA G 48 10.27 -38.42 -25.31
N ILE G 49 9.96 -39.28 -24.34
CA ILE G 49 8.64 -39.90 -24.27
C ILE G 49 7.58 -38.96 -23.73
N GLN G 50 7.99 -38.01 -22.89
CA GLN G 50 7.06 -37.06 -22.31
C GLN G 50 6.65 -36.02 -23.34
N ALA G 51 7.49 -35.83 -24.35
CA ALA G 51 7.21 -34.87 -25.42
C ALA G 51 6.18 -35.45 -26.36
N ASN G 52 6.38 -36.70 -26.76
CA ASN G 52 5.47 -37.38 -27.67
C ASN G 52 4.05 -37.23 -27.15
N ILE G 53 3.81 -37.67 -25.92
CA ILE G 53 2.49 -37.55 -25.32
C ILE G 53 2.36 -36.15 -24.71
N GLU G 54 1.29 -35.46 -25.09
CA GLU G 54 1.05 -34.11 -24.60
C GLU G 54 0.06 -34.14 -23.44
N LEU G 55 0.58 -34.07 -22.22
CA LEU G 55 -0.25 -34.10 -21.04
C LEU G 55 -0.52 -32.69 -20.51
N PHE G 56 -1.60 -32.55 -19.74
CA PHE G 56 -1.98 -31.26 -19.16
C PHE G 56 -2.96 -31.47 -18.01
N SER G 57 -4.13 -32.03 -18.33
CA SER G 57 -5.16 -32.28 -17.33
C SER G 57 -4.78 -33.44 -16.42
N GLY G 58 -5.77 -33.96 -15.68
CA GLY G 58 -5.51 -35.07 -14.79
C GLY G 58 -6.81 -35.71 -14.30
N HIS G 59 -7.15 -36.85 -14.88
CA HIS G 59 -8.36 -37.58 -14.52
C HIS G 59 -9.62 -36.75 -14.76
N LYS G 60 -10.40 -37.16 -15.76
CA LYS G 60 -11.64 -36.47 -16.12
C LYS G 60 -12.42 -37.23 -17.18
N HIS G 61 -13.65 -36.81 -17.42
CA HIS G 61 -14.50 -37.47 -18.42
C HIS G 61 -14.16 -36.99 -19.83
N LYS G 62 -13.05 -37.49 -20.36
CA LYS G 62 -12.62 -37.13 -21.71
C LYS G 62 -12.43 -35.61 -21.84
N PRO G 63 -11.18 -35.13 -21.69
CA PRO G 63 -10.87 -33.70 -21.81
C PRO G 63 -10.78 -33.22 -23.25
N LEU G 64 -10.22 -32.03 -23.44
CA LEU G 64 -10.06 -31.45 -24.77
C LEU G 64 -8.64 -30.94 -25.01
N THR G 65 -8.41 -29.68 -24.66
CA THR G 65 -7.09 -29.06 -24.81
C THR G 65 -6.66 -29.08 -26.28
N ALA G 66 -6.86 -27.95 -26.96
CA ALA G 66 -6.49 -27.82 -28.36
C ALA G 66 -5.14 -27.12 -28.51
N ARG G 67 -4.46 -27.41 -29.63
CA ARG G 67 -3.16 -26.81 -29.89
C ARG G 67 -2.69 -27.14 -31.31
N ILE G 68 -3.58 -26.99 -32.27
CA ILE G 68 -3.27 -27.26 -33.67
C ILE G 68 -4.46 -26.95 -34.57
N ASN G 69 -4.32 -27.22 -35.85
CA ASN G 69 -5.37 -26.97 -36.83
C ASN G 69 -5.54 -25.47 -37.06
N SER G 70 -5.25 -25.03 -38.28
CA SER G 70 -5.36 -23.61 -38.62
C SER G 70 -5.07 -23.36 -40.10
N ASP G 71 -5.85 -22.46 -40.69
CA ASP G 71 -5.70 -22.09 -42.10
C ASP G 71 -6.56 -20.90 -42.53
N ASN G 72 -6.45 -20.53 -43.80
CA ASN G 72 -7.21 -19.41 -44.34
C ASN G 72 -6.83 -18.10 -43.65
N SER G 73 -6.25 -17.18 -44.42
CA SER G 73 -5.84 -15.90 -43.90
C SER G 73 -5.41 -14.95 -45.02
N VAL G 74 -4.65 -13.92 -44.66
CA VAL G 74 -4.18 -12.93 -45.63
C VAL G 74 -2.78 -12.45 -45.25
N THR G 75 -2.16 -11.69 -46.14
CA THR G 75 -0.82 -11.16 -45.90
C THR G 75 -0.85 -9.71 -45.45
N LEU G 76 0.21 -9.30 -44.75
CA LEU G 76 0.31 -7.94 -44.23
C LEU G 76 0.18 -6.87 -45.32
N HIS G 77 1.10 -6.85 -46.26
CA HIS G 77 1.08 -5.88 -47.34
C HIS G 77 -0.26 -5.82 -48.05
N SER G 78 -0.79 -6.97 -48.43
CA SER G 78 -2.08 -7.04 -49.12
C SER G 78 -3.17 -6.37 -48.29
N TRP G 79 -3.24 -6.73 -47.01
CA TRP G 79 -4.24 -6.16 -46.11
C TRP G 79 -3.98 -4.68 -45.89
N LEU G 80 -2.72 -4.29 -45.93
CA LEU G 80 -2.32 -2.90 -45.72
C LEU G 80 -2.76 -2.06 -46.92
N ASP G 81 -3.00 -2.72 -48.04
CA ASP G 81 -3.44 -2.02 -49.26
C ASP G 81 -4.89 -1.60 -49.16
N ARG G 82 -5.75 -2.54 -48.76
CA ARG G 82 -7.18 -2.25 -48.63
C ARG G 82 -7.40 -1.42 -47.38
N TYR G 83 -6.45 -1.49 -46.45
CA TYR G 83 -6.53 -0.74 -45.20
C TYR G 83 -6.55 0.75 -45.50
N GLU G 84 -5.78 1.15 -46.51
CA GLU G 84 -5.70 2.55 -46.91
C GLU G 84 -7.02 2.99 -47.52
N LYS G 85 -7.68 2.06 -48.21
CA LYS G 85 -8.97 2.34 -48.84
C LYS G 85 -10.03 2.64 -47.79
N ILE G 86 -9.99 1.90 -46.69
CA ILE G 86 -10.95 2.10 -45.60
C ILE G 86 -10.71 3.44 -44.93
N LEU G 87 -9.45 3.88 -44.92
CA LEU G 87 -9.09 5.15 -44.31
C LEU G 87 -9.54 6.33 -45.16
N ALA G 88 -9.55 6.14 -46.47
CA ALA G 88 -9.96 7.19 -47.39
C ALA G 88 -11.46 7.44 -47.30
N SER G 89 -12.18 6.48 -46.76
CA SER G 89 -13.63 6.59 -46.62
C SER G 89 -14.02 6.92 -45.18
N ARG G 90 -13.01 7.10 -44.33
CA ARG G 90 -13.25 7.42 -42.93
C ARG G 90 -13.77 8.85 -42.80
N GLY G 91 -13.45 9.68 -43.80
CA GLY G 91 -13.90 11.06 -43.79
C GLY G 91 -13.03 11.97 -42.96
N ILE G 92 -11.89 12.37 -43.52
CA ILE G 92 -10.96 13.26 -42.84
C ILE G 92 -10.24 14.20 -43.82
N LYS G 93 -9.55 15.18 -43.27
CA LYS G 93 -8.80 16.14 -44.10
C LYS G 93 -7.81 15.40 -44.98
N GLN G 94 -7.54 15.95 -46.15
CA GLN G 94 -6.59 15.35 -47.09
C GLN G 94 -5.19 15.30 -46.50
N LYS G 95 -4.85 16.31 -45.70
CA LYS G 95 -3.53 16.39 -45.09
C LYS G 95 -3.34 15.29 -44.06
N THR G 96 -4.38 15.03 -43.28
CA THR G 96 -4.33 14.00 -42.24
C THR G 96 -4.12 12.63 -42.88
N LEU G 97 -4.78 12.41 -44.01
CA LEU G 97 -4.68 11.14 -44.73
C LEU G 97 -3.25 10.89 -45.20
N ILE G 98 -2.56 11.96 -45.60
CA ILE G 98 -1.19 11.85 -46.07
C ILE G 98 -0.23 11.46 -44.97
N ASN G 99 -0.44 12.02 -43.77
CA ASN G 99 0.43 11.72 -42.63
C ASN G 99 0.22 10.29 -42.13
N TYR G 100 -0.88 9.66 -42.54
CA TYR G 100 -1.15 8.29 -42.14
C TYR G 100 -0.54 7.34 -43.15
N MET G 101 -0.62 7.71 -44.42
CA MET G 101 -0.06 6.90 -45.50
C MET G 101 1.45 6.90 -45.40
N SER G 102 2.01 7.99 -44.87
CA SER G 102 3.45 8.11 -44.72
C SER G 102 3.95 7.10 -43.70
N LYS G 103 3.11 6.80 -42.71
CA LYS G 103 3.45 5.85 -41.68
C LYS G 103 3.24 4.43 -42.21
N ILE G 104 2.35 4.31 -43.18
CA ILE G 104 2.05 3.03 -43.80
C ILE G 104 3.24 2.54 -44.62
N LYS G 105 3.85 3.46 -45.37
CA LYS G 105 5.00 3.12 -46.20
C LYS G 105 6.18 2.71 -45.33
N ALA G 106 6.22 3.25 -44.12
CA ALA G 106 7.29 2.93 -43.18
C ALA G 106 7.15 1.50 -42.68
N ILE G 107 5.90 1.05 -42.54
CA ILE G 107 5.62 -0.30 -42.08
C ILE G 107 6.00 -1.30 -43.17
N ARG G 108 5.77 -0.93 -44.42
CA ARG G 108 6.09 -1.80 -45.55
C ARG G 108 7.58 -2.10 -45.60
N ARG G 109 8.39 -1.07 -45.46
CA ARG G 109 9.85 -1.22 -45.48
C ARG G 109 10.37 -1.50 -44.08
N GLY G 110 9.48 -1.96 -43.19
CA GLY G 110 9.87 -2.26 -41.84
C GLY G 110 9.46 -3.65 -41.39
N LEU G 111 8.53 -4.25 -42.12
CA LEU G 111 8.04 -5.58 -41.80
C LEU G 111 7.88 -6.46 -43.03
N PRO G 112 8.26 -7.74 -42.93
CA PRO G 112 8.16 -8.71 -44.04
C PRO G 112 6.74 -8.85 -44.55
N ASP G 113 6.58 -9.61 -45.63
CA ASP G 113 5.27 -9.83 -46.24
C ASP G 113 4.82 -11.28 -46.01
N ALA G 114 4.35 -11.57 -44.81
CA ALA G 114 3.88 -12.91 -44.47
C ALA G 114 2.49 -12.81 -43.85
N PRO G 115 1.79 -13.96 -43.73
CA PRO G 115 0.44 -13.97 -43.15
C PRO G 115 0.36 -13.15 -41.87
N LEU G 116 -0.70 -12.38 -41.73
CA LEU G 116 -0.90 -11.52 -40.56
C LEU G 116 -0.95 -12.31 -39.26
N GLU G 117 -1.10 -13.63 -39.37
CA GLU G 117 -1.17 -14.48 -38.19
C GLU G 117 0.20 -15.08 -37.84
N ASP G 118 1.27 -14.45 -38.31
CA ASP G 118 2.61 -14.93 -38.04
C ASP G 118 3.48 -13.84 -37.40
N ILE G 119 3.00 -12.60 -37.46
CA ILE G 119 3.74 -11.48 -36.89
C ILE G 119 3.78 -11.59 -35.37
N THR G 120 4.97 -11.81 -34.83
CA THR G 120 5.15 -11.94 -33.39
C THR G 120 5.40 -10.57 -32.75
N THR G 121 5.04 -10.44 -31.48
CA THR G 121 5.23 -9.19 -30.76
C THR G 121 6.69 -8.77 -30.79
N LYS G 122 7.59 -9.76 -30.89
CA LYS G 122 9.02 -9.50 -30.94
C LYS G 122 9.40 -8.72 -32.18
N GLU G 123 8.93 -9.19 -33.34
CA GLU G 123 9.23 -8.55 -34.62
C GLU G 123 8.79 -7.09 -34.63
N ILE G 124 7.63 -6.83 -34.04
CA ILE G 124 7.09 -5.48 -34.00
C ILE G 124 7.97 -4.57 -33.15
N ALA G 125 8.43 -5.08 -32.00
CA ALA G 125 9.27 -4.33 -31.10
C ALA G 125 10.66 -4.08 -31.70
N ALA G 126 11.12 -5.02 -32.51
CA ALA G 126 12.43 -4.91 -33.14
C ALA G 126 12.45 -3.74 -34.13
N MET G 127 11.32 -3.50 -34.78
CA MET G 127 11.21 -2.41 -35.74
C MET G 127 10.99 -1.08 -35.03
N LEU G 128 10.13 -1.09 -34.02
CA LEU G 128 9.82 0.12 -33.25
C LEU G 128 11.06 0.69 -32.59
N ASN G 129 11.77 -0.14 -31.82
CA ASN G 129 12.98 0.30 -31.15
C ASN G 129 14.05 0.72 -32.14
N GLY G 130 13.95 0.22 -33.36
CA GLY G 130 14.92 0.57 -34.39
C GLY G 130 14.81 2.03 -34.76
N TYR G 131 13.67 2.64 -34.45
CA TYR G 131 13.43 4.04 -34.76
C TYR G 131 13.60 4.88 -33.49
N ILE G 132 13.66 4.22 -32.35
CA ILE G 132 13.83 4.90 -31.07
C ILE G 132 15.29 5.23 -30.81
N ASP G 133 16.18 4.32 -31.23
CA ASP G 133 17.61 4.51 -31.04
C ASP G 133 18.18 5.48 -32.07
N GLU G 134 17.43 5.71 -33.14
CA GLU G 134 17.86 6.62 -34.20
C GLU G 134 17.47 8.06 -33.89
N GLY G 135 16.88 8.28 -32.72
CA GLY G 135 16.47 9.61 -32.32
C GLY G 135 15.08 9.95 -32.80
N LYS G 136 14.49 9.07 -33.59
CA LYS G 136 13.14 9.27 -34.12
C LYS G 136 12.12 8.73 -33.12
N ALA G 137 12.17 9.24 -31.90
CA ALA G 137 11.27 8.81 -30.84
C ALA G 137 9.80 9.07 -31.17
N ALA G 138 9.47 10.34 -31.41
CA ALA G 138 8.11 10.74 -31.72
C ALA G 138 7.55 10.01 -32.95
N SER G 139 8.44 9.56 -33.82
CA SER G 139 8.04 8.86 -35.02
C SER G 139 7.57 7.44 -34.72
N ALA G 140 8.26 6.78 -33.79
CA ALA G 140 7.92 5.43 -33.40
C ALA G 140 6.65 5.37 -32.55
N LYS G 141 6.07 6.54 -32.30
CA LYS G 141 4.85 6.63 -31.50
C LYS G 141 3.64 6.73 -32.42
N LEU G 142 3.83 7.38 -33.58
CA LEU G 142 2.76 7.54 -34.54
C LEU G 142 2.64 6.28 -35.39
N ILE G 143 3.79 5.68 -35.71
CA ILE G 143 3.82 4.46 -36.51
C ILE G 143 3.21 3.29 -35.71
N ARG G 144 3.48 3.29 -34.41
CA ARG G 144 2.97 2.25 -33.52
C ARG G 144 1.46 2.38 -33.36
N SER G 145 0.98 3.61 -33.25
CA SER G 145 -0.44 3.87 -33.09
C SER G 145 -1.22 3.53 -34.36
N THR G 146 -0.61 3.82 -35.51
CA THR G 146 -1.24 3.55 -36.80
C THR G 146 -1.24 2.06 -37.10
N LEU G 147 -0.15 1.39 -36.73
CA LEU G 147 -0.02 -0.04 -36.96
C LEU G 147 -1.03 -0.81 -36.12
N SER G 148 -1.20 -0.39 -34.87
CA SER G 148 -2.15 -1.03 -33.96
C SER G 148 -3.59 -0.88 -34.44
N ASP G 149 -3.86 0.21 -35.15
CA ASP G 149 -5.20 0.48 -35.66
C ASP G 149 -5.49 -0.35 -36.91
N ALA G 150 -4.43 -0.79 -37.58
CA ALA G 150 -4.58 -1.60 -38.78
C ALA G 150 -4.89 -3.04 -38.42
N PHE G 151 -4.54 -3.44 -37.20
CA PHE G 151 -4.78 -4.80 -36.72
C PHE G 151 -6.18 -4.95 -36.12
N ARG G 152 -6.64 -3.91 -35.42
CA ARG G 152 -7.95 -3.96 -34.80
C ARG G 152 -9.05 -4.04 -35.86
N GLU G 153 -8.88 -3.27 -36.93
CA GLU G 153 -9.85 -3.28 -38.02
C GLU G 153 -9.75 -4.59 -38.78
N ALA G 154 -8.59 -5.25 -38.64
CA ALA G 154 -8.35 -6.52 -39.29
C ALA G 154 -9.12 -7.60 -38.54
N ILE G 155 -9.14 -7.48 -37.22
CA ILE G 155 -9.85 -8.44 -36.38
C ILE G 155 -11.35 -8.26 -36.57
N ALA G 156 -11.76 -7.02 -36.81
CA ALA G 156 -13.17 -6.70 -37.01
C ALA G 156 -13.73 -7.44 -38.22
N GLU G 157 -12.90 -7.61 -39.24
CA GLU G 157 -13.30 -8.30 -40.45
C GLU G 157 -13.38 -9.81 -40.22
N GLY G 158 -12.36 -10.34 -39.54
CA GLY G 158 -12.33 -11.76 -39.25
C GLY G 158 -11.04 -12.40 -39.69
N HIS G 159 -10.05 -11.58 -40.01
CA HIS G 159 -8.74 -12.07 -40.44
C HIS G 159 -8.01 -12.73 -39.28
N ILE G 160 -7.61 -11.93 -38.30
CA ILE G 160 -6.90 -12.44 -37.14
C ILE G 160 -7.80 -12.49 -35.92
N THR G 161 -7.21 -12.74 -34.75
CA THR G 161 -7.99 -12.82 -33.51
C THR G 161 -7.42 -11.95 -32.40
N THR G 162 -6.09 -11.78 -32.39
CA THR G 162 -5.43 -10.98 -31.37
C THR G 162 -4.57 -9.88 -31.94
N ASN G 163 -4.48 -8.76 -31.22
CA ASN G 163 -3.67 -7.62 -31.64
C ASN G 163 -2.35 -7.64 -30.87
N HIS G 164 -1.33 -8.22 -31.48
CA HIS G 164 -0.01 -8.32 -30.86
C HIS G 164 0.65 -6.96 -30.69
N VAL G 165 0.07 -5.93 -31.29
CA VAL G 165 0.61 -4.58 -31.19
C VAL G 165 0.13 -3.90 -29.92
N ALA G 166 -0.91 -4.44 -29.32
CA ALA G 166 -1.47 -3.88 -28.09
C ALA G 166 -0.71 -4.40 -26.88
N ALA G 167 0.39 -5.10 -27.13
CA ALA G 167 1.21 -5.66 -26.06
C ALA G 167 2.45 -4.81 -25.86
N THR G 168 2.94 -4.20 -26.93
CA THR G 168 4.13 -3.36 -26.86
C THR G 168 3.82 -2.06 -26.13
N ARG G 169 4.86 -1.26 -25.90
CA ARG G 169 4.70 0.01 -25.20
C ARG G 169 5.06 1.20 -26.10
N ALA G 170 4.29 2.28 -25.98
CA ALA G 170 4.54 3.48 -26.76
C ALA G 170 5.53 4.38 -26.03
N ALA G 171 6.60 4.74 -26.72
CA ALA G 171 7.64 5.60 -26.13
C ALA G 171 7.12 6.99 -25.79
N LYS G 172 7.60 7.53 -24.68
CA LYS G 172 7.21 8.87 -24.24
C LYS G 172 8.39 9.83 -24.43
N SER G 173 8.24 10.76 -25.37
CA SER G 173 9.30 11.72 -25.64
C SER G 173 8.99 13.11 -25.10
N GLU G 174 10.04 13.91 -24.94
CA GLU G 174 9.91 15.27 -24.44
C GLU G 174 10.13 16.27 -25.57
N VAL G 175 9.37 17.37 -25.55
CA VAL G 175 9.49 18.41 -26.57
C VAL G 175 10.92 18.93 -26.63
N ARG G 176 11.42 19.14 -27.84
CA ARG G 176 12.78 19.64 -28.01
C ARG G 176 12.83 21.07 -28.54
N ARG G 177 11.75 21.50 -29.20
CA ARG G 177 11.68 22.85 -29.73
C ARG G 177 11.77 23.88 -28.61
N SER G 178 12.79 24.73 -28.68
CA SER G 178 13.01 25.76 -27.67
C SER G 178 11.93 26.83 -27.70
N ARG G 179 11.91 27.68 -26.68
CA ARG G 179 10.93 28.75 -26.58
C ARG G 179 11.56 30.08 -26.94
N LEU G 180 10.84 30.89 -27.71
CA LEU G 180 11.34 32.20 -28.13
C LEU G 180 11.12 33.24 -27.04
N THR G 181 12.06 34.18 -26.93
CA THR G 181 11.96 35.23 -25.93
C THR G 181 11.52 36.53 -26.60
N ALA G 182 11.65 37.64 -25.88
CA ALA G 182 11.27 38.94 -26.42
C ALA G 182 12.48 39.72 -26.91
N ASP G 183 13.67 39.29 -26.50
CA ASP G 183 14.91 39.94 -26.89
C ASP G 183 15.47 39.33 -28.17
N GLU G 184 15.12 38.07 -28.42
CA GLU G 184 15.59 37.35 -29.60
C GLU G 184 14.73 37.68 -30.81
N TYR G 185 13.48 38.08 -30.55
CA TYR G 185 12.56 38.43 -31.63
C TYR G 185 12.98 39.76 -32.26
N LEU G 186 13.53 40.65 -31.44
CA LEU G 186 13.97 41.96 -31.92
C LEU G 186 15.19 41.77 -32.82
N LYS G 187 16.07 40.85 -32.42
CA LYS G 187 17.28 40.57 -33.18
C LYS G 187 16.94 39.98 -34.55
N ILE G 188 16.06 38.98 -34.55
CA ILE G 188 15.65 38.34 -35.79
C ILE G 188 14.91 39.34 -36.69
N TYR G 189 14.18 40.25 -36.05
CA TYR G 189 13.42 41.26 -36.77
C TYR G 189 14.37 42.16 -37.56
N GLN G 190 15.59 42.32 -37.04
CA GLN G 190 16.59 43.16 -37.70
C GLN G 190 17.35 42.38 -38.76
N ALA G 191 17.49 41.07 -38.55
CA ALA G 191 18.19 40.21 -39.49
C ALA G 191 17.31 39.88 -40.69
N ALA G 192 16.04 40.24 -40.59
CA ALA G 192 15.09 39.98 -41.68
C ALA G 192 15.11 41.13 -42.68
N GLU G 193 16.10 42.00 -42.56
CA GLU G 193 16.23 43.14 -43.46
C GLU G 193 16.64 42.69 -44.85
N SER G 194 17.49 41.67 -44.91
CA SER G 194 17.96 41.15 -46.19
C SER G 194 16.84 40.40 -46.90
N SER G 195 15.76 40.12 -46.17
CA SER G 195 14.62 39.41 -46.71
C SER G 195 13.55 40.39 -47.19
N PRO G 196 12.62 39.93 -48.04
CA PRO G 196 11.54 40.76 -48.59
C PRO G 196 10.82 41.56 -47.50
N CYS G 197 9.96 42.48 -47.92
CA CYS G 197 9.21 43.32 -46.99
C CYS G 197 8.08 42.59 -46.26
N TRP G 198 7.39 41.69 -46.96
CA TRP G 198 6.28 40.97 -46.35
C TRP G 198 6.69 40.11 -45.15
N LEU G 199 7.98 39.81 -45.03
CA LEU G 199 8.45 39.00 -43.92
C LEU G 199 8.27 39.77 -42.61
N ARG G 200 8.67 41.03 -42.60
CA ARG G 200 8.55 41.87 -41.41
C ARG G 200 7.09 41.99 -40.99
N LEU G 201 6.22 42.30 -41.96
CA LEU G 201 4.80 42.45 -41.70
C LEU G 201 4.17 41.15 -41.22
N ALA G 202 4.66 40.03 -41.73
CA ALA G 202 4.15 38.72 -41.35
C ALA G 202 4.50 38.40 -39.89
N MET G 203 5.71 38.76 -39.49
CA MET G 203 6.17 38.53 -38.13
C MET G 203 5.32 39.30 -37.12
N GLU G 204 5.21 40.62 -37.35
CA GLU G 204 4.44 41.48 -36.47
C GLU G 204 2.97 41.06 -36.40
N LEU G 205 2.40 40.73 -37.55
CA LEU G 205 1.01 40.31 -37.62
C LEU G 205 0.79 38.91 -37.04
N ALA G 206 1.87 38.20 -36.77
CA ALA G 206 1.78 36.86 -36.22
C ALA G 206 2.02 36.86 -34.71
N VAL G 207 2.33 38.03 -34.18
CA VAL G 207 2.58 38.18 -32.74
C VAL G 207 1.57 39.13 -32.12
N VAL G 208 0.93 39.94 -32.96
CA VAL G 208 -0.06 40.90 -32.49
C VAL G 208 -1.46 40.28 -32.50
N THR G 209 -1.67 39.31 -33.39
CA THR G 209 -2.96 38.63 -33.49
C THR G 209 -2.87 37.22 -32.92
N GLY G 210 -1.66 36.68 -32.88
CA GLY G 210 -1.47 35.34 -32.35
C GLY G 210 -2.27 34.32 -33.14
N GLN G 211 -2.16 34.38 -34.46
CA GLN G 211 -2.87 33.46 -35.34
C GLN G 211 -1.90 32.49 -36.01
N ARG G 212 -2.39 31.30 -36.32
CA ARG G 212 -1.57 30.29 -36.97
C ARG G 212 -1.08 30.77 -38.33
N VAL G 213 0.11 30.34 -38.71
CA VAL G 213 0.70 30.73 -39.98
C VAL G 213 -0.15 30.26 -41.15
N GLY G 214 -0.85 29.14 -40.94
CA GLY G 214 -1.70 28.60 -41.99
C GLY G 214 -2.91 29.47 -42.27
N ASP G 215 -3.42 30.12 -41.23
CA ASP G 215 -4.58 30.99 -41.36
C ASP G 215 -4.14 32.42 -41.70
N LEU G 216 -2.90 32.74 -41.35
CA LEU G 216 -2.35 34.06 -41.62
C LEU G 216 -2.24 34.30 -43.13
N CYS G 217 -2.06 33.22 -43.87
CA CYS G 217 -1.93 33.30 -45.32
C CYS G 217 -3.29 33.27 -45.99
N GLU G 218 -4.33 33.04 -45.20
CA GLU G 218 -5.70 32.99 -45.72
C GLU G 218 -6.51 34.20 -45.27
N MET G 219 -5.83 35.19 -44.72
CA MET G 219 -6.49 36.41 -44.25
C MET G 219 -6.73 37.38 -45.40
N LYS G 220 -7.99 37.72 -45.63
CA LYS G 220 -8.35 38.65 -46.69
C LYS G 220 -8.79 39.97 -46.09
N TRP G 221 -8.62 41.06 -46.84
CA TRP G 221 -9.00 42.38 -46.35
C TRP G 221 -10.51 42.51 -46.25
N SER G 222 -11.23 41.56 -46.83
CA SER G 222 -12.69 41.56 -46.81
C SER G 222 -13.18 41.01 -45.47
N ASP G 223 -12.26 40.40 -44.72
CA ASP G 223 -12.57 39.82 -43.42
C ASP G 223 -12.39 40.86 -42.32
N ILE G 224 -12.39 42.13 -42.71
CA ILE G 224 -12.22 43.23 -41.76
C ILE G 224 -13.42 44.16 -41.81
N VAL G 225 -14.32 44.01 -40.85
CA VAL G 225 -15.53 44.84 -40.79
C VAL G 225 -15.39 45.93 -39.74
N ASP G 226 -15.41 47.18 -40.19
CA ASP G 226 -15.29 48.33 -39.29
C ASP G 226 -14.00 48.28 -38.50
N GLY G 227 -14.03 47.63 -37.35
CA GLY G 227 -12.85 47.53 -36.51
C GLY G 227 -12.63 46.13 -35.96
N TYR G 228 -12.94 45.13 -36.77
CA TYR G 228 -12.76 43.74 -36.36
C TYR G 228 -11.84 43.00 -37.33
N LEU G 229 -11.77 41.68 -37.18
CA LEU G 229 -10.93 40.86 -38.04
C LEU G 229 -11.37 39.40 -37.97
N TYR G 230 -12.42 39.07 -38.73
CA TYR G 230 -12.94 37.71 -38.76
C TYR G 230 -11.92 36.74 -39.34
N VAL G 231 -11.54 35.75 -38.53
CA VAL G 231 -10.57 34.75 -38.96
C VAL G 231 -11.07 33.34 -38.63
N GLU G 232 -11.43 32.59 -39.66
CA GLU G 232 -11.91 31.22 -39.47
C GLU G 232 -10.74 30.25 -39.43
N GLN G 233 -10.40 29.79 -38.23
CA GLN G 233 -9.30 28.85 -38.05
C GLN G 233 -9.55 27.59 -38.87
N SER G 234 -8.51 27.11 -39.54
CA SER G 234 -8.62 25.92 -40.37
C SER G 234 -8.30 24.63 -39.62
N LYS G 235 -7.48 24.74 -38.58
CA LYS G 235 -7.10 23.57 -37.79
C LYS G 235 -8.32 22.91 -37.16
N THR G 236 -8.93 23.58 -36.20
CA THR G 236 -10.10 23.04 -35.52
C THR G 236 -11.39 23.60 -36.12
N GLY G 237 -11.41 24.92 -36.37
CA GLY G 237 -12.59 25.54 -36.93
C GLY G 237 -13.19 26.57 -36.01
N VAL G 238 -12.41 27.04 -35.04
CA VAL G 238 -12.88 28.03 -34.08
C VAL G 238 -13.02 29.39 -34.74
N LYS G 239 -14.19 30.01 -34.55
CA LYS G 239 -14.46 31.32 -35.13
C LYS G 239 -14.15 32.43 -34.12
N ILE G 240 -13.38 33.42 -34.55
CA ILE G 240 -13.02 34.54 -33.68
C ILE G 240 -13.02 35.86 -34.44
N ALA G 241 -13.05 36.96 -33.69
CA ALA G 241 -13.04 38.30 -34.28
C ALA G 241 -12.10 39.20 -33.50
N ILE G 242 -10.91 39.43 -34.05
CA ILE G 242 -9.92 40.27 -33.40
C ILE G 242 -10.12 41.75 -33.71
N PRO G 243 -10.31 42.58 -32.67
CA PRO G 243 -10.51 44.02 -32.84
C PRO G 243 -9.23 44.78 -33.18
N THR G 244 -9.33 45.74 -34.08
CA THR G 244 -8.18 46.53 -34.50
C THR G 244 -7.90 47.63 -33.48
N ALA G 245 -7.42 47.24 -32.30
CA ALA G 245 -7.12 48.19 -31.24
C ALA G 245 -5.97 47.68 -30.37
N LEU G 246 -5.69 46.39 -30.48
CA LEU G 246 -4.62 45.78 -29.70
C LEU G 246 -3.24 46.31 -30.11
N HIS G 247 -2.27 46.15 -29.23
CA HIS G 247 -0.91 46.61 -29.52
C HIS G 247 0.07 46.08 -28.47
N ILE G 248 1.18 45.52 -28.94
CA ILE G 248 2.19 44.96 -28.05
C ILE G 248 3.10 46.07 -27.53
N ASP G 249 3.03 46.34 -26.23
CA ASP G 249 3.85 47.37 -25.62
C ASP G 249 5.22 46.82 -25.24
N ALA G 250 5.44 45.54 -25.54
CA ALA G 250 6.72 44.89 -25.24
C ALA G 250 7.64 44.94 -26.44
N LEU G 251 7.07 45.22 -27.61
CA LEU G 251 7.84 45.30 -28.84
C LEU G 251 7.55 46.62 -29.57
N GLY G 252 6.52 47.31 -29.11
CA GLY G 252 6.15 48.58 -29.72
C GLY G 252 5.55 48.38 -31.10
N ILE G 253 4.52 47.55 -31.19
CA ILE G 253 3.86 47.27 -32.46
C ILE G 253 2.34 47.28 -32.33
N SER G 254 1.71 48.29 -32.93
CA SER G 254 0.25 48.39 -32.89
C SER G 254 -0.33 47.61 -34.07
N MET G 255 -1.43 46.93 -33.83
CA MET G 255 -2.07 46.13 -34.87
C MET G 255 -2.61 47.01 -36.00
N LYS G 256 -3.13 48.18 -35.64
CA LYS G 256 -3.68 49.10 -36.63
C LYS G 256 -2.57 49.59 -37.57
N GLU G 257 -1.46 50.02 -37.00
CA GLU G 257 -0.34 50.51 -37.78
C GLU G 257 0.22 49.41 -38.67
N THR G 258 0.26 48.18 -38.13
CA THR G 258 0.77 47.03 -38.88
C THR G 258 -0.09 46.74 -40.11
N LEU G 259 -1.41 46.77 -39.91
CA LEU G 259 -2.35 46.50 -41.01
C LEU G 259 -2.22 47.52 -42.12
N ASP G 260 -2.12 48.79 -41.75
CA ASP G 260 -1.98 49.86 -42.73
C ASP G 260 -0.70 49.72 -43.55
N LYS G 261 0.37 49.29 -42.89
CA LYS G 261 1.66 49.11 -43.56
C LYS G 261 1.58 47.97 -44.58
N CYS G 262 0.57 47.12 -44.44
CA CYS G 262 0.39 45.99 -45.35
C CYS G 262 -0.54 46.38 -46.50
N LYS G 263 -1.13 47.56 -46.40
CA LYS G 263 -2.04 48.04 -47.44
C LYS G 263 -1.32 48.90 -48.46
N GLU G 264 -0.24 49.54 -48.03
CA GLU G 264 0.54 50.41 -48.92
C GLU G 264 1.73 49.67 -49.53
N ILE G 265 2.55 49.07 -48.68
CA ILE G 265 3.72 48.34 -49.15
C ILE G 265 3.34 47.15 -50.03
N LEU G 266 2.61 46.20 -49.44
CA LEU G 266 2.18 45.02 -50.17
C LEU G 266 1.15 45.35 -51.25
N GLY G 267 -0.12 45.40 -50.86
CA GLY G 267 -1.17 45.71 -51.81
C GLY G 267 -1.69 44.47 -52.51
N GLY G 268 -2.87 44.01 -52.10
CA GLY G 268 -3.46 42.84 -52.70
C GLY G 268 -4.77 42.44 -52.05
N GLU G 269 -5.25 41.25 -52.38
CA GLU G 269 -6.50 40.75 -51.83
C GLU G 269 -6.30 40.18 -50.43
N THR G 270 -5.08 39.71 -50.17
CA THR G 270 -4.75 39.13 -48.87
C THR G 270 -3.83 40.09 -48.10
N ILE G 271 -4.03 40.15 -46.79
CA ILE G 271 -3.22 41.02 -45.93
C ILE G 271 -1.74 40.69 -46.09
N ILE G 272 -1.43 39.43 -46.30
CA ILE G 272 -0.06 38.98 -46.47
C ILE G 272 0.14 38.36 -47.84
N ALA G 273 0.62 39.17 -48.79
CA ALA G 273 0.87 38.71 -50.15
C ALA G 273 2.36 38.77 -50.48
N SER G 274 2.69 38.48 -51.73
CA SER G 274 4.07 38.51 -52.19
C SER G 274 4.35 39.80 -52.96
N THR G 275 5.56 39.91 -53.48
CA THR G 275 5.95 41.10 -54.25
C THR G 275 5.13 41.16 -55.54
N ARG G 276 4.59 40.00 -55.94
CA ARG G 276 3.79 39.91 -57.14
C ARG G 276 2.32 40.21 -56.83
N ARG G 277 2.07 40.64 -55.59
CA ARG G 277 0.72 40.96 -55.14
C ARG G 277 -0.22 39.77 -55.25
N GLU G 278 0.23 38.62 -54.75
CA GLU G 278 -0.56 37.40 -54.78
C GLU G 278 -0.33 36.56 -53.52
N PRO G 279 -1.33 35.77 -53.11
CA PRO G 279 -1.25 34.92 -51.93
C PRO G 279 -0.02 34.02 -51.91
N LEU G 280 0.55 33.82 -50.72
CA LEU G 280 1.73 32.99 -50.55
C LEU G 280 1.39 31.76 -49.71
N SER G 281 2.09 30.66 -49.98
CA SER G 281 1.86 29.41 -49.26
C SER G 281 2.28 29.54 -47.80
N SER G 282 1.88 28.56 -46.98
CA SER G 282 2.20 28.56 -45.57
C SER G 282 3.60 27.99 -45.33
N GLY G 283 4.15 27.32 -46.34
CA GLY G 283 5.47 26.75 -46.21
C GLY G 283 6.56 27.69 -46.69
N THR G 284 6.15 28.84 -47.19
CA THR G 284 7.10 29.84 -47.67
C THR G 284 7.32 30.93 -46.63
N VAL G 285 6.28 31.20 -45.85
CA VAL G 285 6.34 32.22 -44.81
C VAL G 285 7.25 31.78 -43.66
N SER G 286 7.32 30.47 -43.43
CA SER G 286 8.13 29.93 -42.36
C SER G 286 9.55 29.58 -42.84
N ARG G 287 9.67 29.25 -44.12
CA ARG G 287 10.96 28.89 -44.70
C ARG G 287 11.94 30.06 -44.71
N TYR G 288 11.43 31.26 -44.98
CA TYR G 288 12.29 32.44 -45.02
C TYR G 288 12.49 33.04 -43.64
N PHE G 289 11.64 32.66 -42.69
CA PHE G 289 11.75 33.14 -41.32
C PHE G 289 12.98 32.44 -40.75
N MET G 290 13.26 31.26 -41.29
CA MET G 290 14.41 30.46 -40.88
C MET G 290 15.69 31.14 -41.34
N ARG G 291 15.65 31.68 -42.55
CA ARG G 291 16.80 32.36 -43.13
C ARG G 291 17.29 33.49 -42.23
N ALA G 292 16.40 34.00 -41.38
CA ALA G 292 16.73 35.08 -40.48
C ALA G 292 17.32 34.54 -39.18
N ARG G 293 17.01 33.28 -38.86
CA ARG G 293 17.51 32.65 -37.65
C ARG G 293 19.01 32.43 -37.74
N LYS G 294 19.44 31.70 -38.76
CA LYS G 294 20.84 31.41 -38.97
C LYS G 294 21.64 32.68 -39.29
N ALA G 295 20.93 33.70 -39.75
CA ALA G 295 21.59 34.96 -40.11
C ALA G 295 21.77 35.85 -38.88
N SER G 296 20.86 35.73 -37.91
CA SER G 296 20.93 36.53 -36.70
C SER G 296 22.14 36.16 -35.86
N GLY G 297 22.46 34.86 -35.81
CA GLY G 297 23.60 34.40 -35.05
C GLY G 297 23.26 34.13 -33.60
N LEU G 298 22.12 33.48 -33.38
CA LEU G 298 21.67 33.15 -32.03
C LEU G 298 21.56 31.64 -31.86
N SER G 299 22.31 31.09 -30.91
CA SER G 299 22.30 29.66 -30.66
C SER G 299 21.34 29.29 -29.52
N PHE G 300 20.65 28.16 -29.67
CA PHE G 300 19.71 27.70 -28.65
C PHE G 300 20.09 26.33 -28.11
N GLU G 301 19.36 25.88 -27.10
CA GLU G 301 19.63 24.58 -26.48
C GLU G 301 18.71 23.52 -27.06
N GLY G 302 19.12 22.94 -28.19
CA GLY G 302 18.31 21.92 -28.83
C GLY G 302 17.89 22.28 -30.24
N ASP G 303 16.58 22.43 -30.44
CA ASP G 303 16.04 22.78 -31.75
C ASP G 303 15.63 24.25 -31.81
N PRO G 304 16.14 25.00 -32.81
CA PRO G 304 15.84 26.41 -33.00
C PRO G 304 14.36 26.71 -33.16
N PRO G 305 13.86 27.77 -32.50
CA PRO G 305 12.45 28.17 -32.57
C PRO G 305 11.99 28.44 -34.01
N THR G 306 10.72 28.21 -34.27
CA THR G 306 10.16 28.43 -35.61
C THR G 306 9.22 29.63 -35.64
N PHE G 307 8.56 29.82 -36.79
CA PHE G 307 7.63 30.93 -36.96
C PHE G 307 6.39 30.71 -36.09
N HIS G 308 6.14 29.46 -35.73
CA HIS G 308 5.00 29.12 -34.90
C HIS G 308 5.23 29.63 -33.49
N GLU G 309 6.50 29.78 -33.13
CA GLU G 309 6.87 30.27 -31.81
C GLU G 309 6.41 31.71 -31.63
N LEU G 310 6.09 32.37 -32.73
CA LEU G 310 5.64 33.76 -32.69
C LEU G 310 4.27 33.79 -32.01
N ARG G 311 3.51 32.70 -32.19
CA ARG G 311 2.19 32.58 -31.58
C ARG G 311 2.36 32.40 -30.08
N SER G 312 3.26 31.50 -29.70
CA SER G 312 3.52 31.24 -28.29
C SER G 312 4.06 32.50 -27.62
N LEU G 313 4.78 33.30 -28.40
CA LEU G 313 5.35 34.55 -27.88
C LEU G 313 4.23 35.57 -27.71
N SER G 314 3.26 35.53 -28.62
CA SER G 314 2.13 36.44 -28.58
C SER G 314 1.30 36.23 -27.32
N ALA G 315 1.13 34.96 -26.94
CA ALA G 315 0.35 34.61 -25.77
C ALA G 315 1.10 34.93 -24.48
N ARG G 316 2.40 34.65 -24.45
CA ARG G 316 3.21 34.90 -23.27
C ARG G 316 3.42 36.40 -22.99
N LEU G 317 3.06 37.23 -23.95
CA LEU G 317 3.19 38.68 -23.79
C LEU G 317 1.87 39.26 -23.29
N TYR G 318 0.77 38.83 -23.92
CA TYR G 318 -0.55 39.30 -23.53
C TYR G 318 -0.95 38.77 -22.16
N GLU G 319 -0.33 37.66 -21.76
CA GLU G 319 -0.61 37.05 -20.47
C GLU G 319 -0.17 37.93 -19.30
N LYS G 320 0.81 38.78 -19.54
CA LYS G 320 1.32 39.68 -18.51
C LYS G 320 0.87 41.11 -18.73
N GLN G 321 0.56 41.45 -19.98
CA GLN G 321 0.12 42.79 -20.34
C GLN G 321 -1.29 43.06 -19.84
N ILE G 322 -2.25 42.25 -20.29
CA ILE G 322 -3.64 42.41 -19.90
C ILE G 322 -4.06 41.35 -18.89
N SER G 323 -4.44 40.18 -19.38
CA SER G 323 -4.86 39.08 -18.52
C SER G 323 -4.55 37.73 -19.14
N ASP G 324 -4.96 36.67 -18.45
CA ASP G 324 -4.72 35.31 -18.94
C ASP G 324 -5.90 34.83 -19.78
N LYS G 325 -7.10 35.24 -19.39
CA LYS G 325 -8.32 34.86 -20.11
C LYS G 325 -8.32 35.47 -21.50
N PHE G 326 -7.49 36.49 -21.68
CA PHE G 326 -7.38 37.17 -22.97
C PHE G 326 -6.53 36.35 -23.93
N ALA G 327 -5.40 35.83 -23.43
CA ALA G 327 -4.50 35.03 -24.23
C ALA G 327 -5.19 33.78 -24.75
N GLN G 328 -6.03 33.19 -23.91
CA GLN G 328 -6.77 31.98 -24.28
C GLN G 328 -7.93 32.31 -25.20
N HIS G 329 -8.21 33.61 -25.34
CA HIS G 329 -9.30 34.07 -26.20
C HIS G 329 -8.71 34.86 -27.37
N LEU G 330 -7.58 34.40 -27.88
CA LEU G 330 -6.92 35.05 -29.00
C LEU G 330 -6.32 34.01 -29.93
N LEU G 331 -5.59 33.05 -29.36
CA LEU G 331 -4.98 31.99 -30.13
C LEU G 331 -6.05 31.05 -30.69
N GLY G 332 -7.25 31.14 -30.14
CA GLY G 332 -8.34 30.29 -30.59
C GLY G 332 -8.68 29.22 -29.57
N HIS G 333 -8.04 29.28 -28.41
CA HIS G 333 -8.27 28.30 -27.35
C HIS G 333 -9.69 28.39 -26.83
N LYS G 334 -10.23 27.26 -26.39
CA LYS G 334 -11.59 27.20 -25.86
C LYS G 334 -11.56 27.09 -24.34
N SER G 335 -11.15 25.92 -23.85
CA SER G 335 -11.07 25.68 -22.41
C SER G 335 -9.65 25.96 -21.94
N ASP G 336 -9.42 25.82 -20.64
CA ASP G 336 -8.10 26.05 -20.06
C ASP G 336 -7.07 25.06 -20.58
N THR G 337 -7.12 23.84 -20.06
CA THR G 337 -6.19 22.78 -20.45
C THR G 337 -4.75 23.28 -20.52
N GLU G 349 7.45 32.86 -15.08
CA GLU G 349 7.27 31.47 -14.71
C GLU G 349 7.34 31.30 -13.19
N TRP G 350 7.21 32.41 -12.47
CA TRP G 350 7.25 32.38 -11.02
C TRP G 350 6.00 33.04 -10.43
N ASP G 351 5.17 32.23 -9.80
CA ASP G 351 3.94 32.73 -9.19
C ASP G 351 4.23 33.48 -7.90
N LYS G 352 4.05 34.80 -7.93
CA LYS G 352 4.30 35.64 -6.77
C LYS G 352 3.33 35.27 -5.65
N ILE G 353 3.87 34.64 -4.60
CA ILE G 353 3.06 34.21 -3.47
C ILE G 353 2.97 35.29 -2.39
N GLU G 354 1.97 36.15 -2.52
CA GLU G 354 1.77 37.23 -1.54
C GLU G 354 1.29 36.64 -0.23
N ILE G 355 1.19 37.47 0.80
CA ILE G 355 0.73 37.02 2.10
C ILE G 355 -0.77 36.73 2.04
N LYS G 356 -1.11 35.57 1.48
CA LYS G 356 -2.51 35.18 1.35
C LYS G 356 -2.64 33.66 1.26
N MET H 1 -31.32 -56.04 -33.11
CA MET H 1 -30.00 -55.35 -33.18
C MET H 1 -28.90 -56.19 -32.55
N GLY H 2 -29.19 -56.78 -31.39
CA GLY H 2 -28.21 -57.61 -30.71
C GLY H 2 -27.27 -56.81 -29.82
N ARG H 3 -26.65 -55.78 -30.37
CA ARG H 3 -25.72 -54.95 -29.62
C ARG H 3 -26.20 -53.51 -29.52
N ARG H 4 -27.04 -53.10 -30.47
CA ARG H 4 -27.60 -51.76 -30.51
C ARG H 4 -26.59 -50.64 -30.75
N ARG H 5 -26.06 -50.05 -29.67
CA ARG H 5 -25.13 -48.94 -29.79
C ARG H 5 -23.83 -49.07 -29.00
N SER H 6 -23.91 -49.63 -27.79
CA SER H 6 -22.74 -49.80 -26.93
C SER H 6 -22.17 -48.46 -26.47
N HIS H 7 -21.05 -48.51 -25.77
CA HIS H 7 -20.40 -47.30 -25.25
C HIS H 7 -19.12 -46.98 -26.01
N GLU H 8 -18.40 -48.02 -26.41
CA GLU H 8 -17.14 -47.85 -27.13
C GLU H 8 -17.40 -47.33 -28.54
N ARG H 9 -18.55 -47.69 -29.10
CA ARG H 9 -18.92 -47.26 -30.44
C ARG H 9 -19.17 -45.75 -30.49
N ARG H 10 -19.52 -45.19 -29.33
CA ARG H 10 -19.79 -43.76 -29.24
C ARG H 10 -18.65 -42.91 -29.80
N ASP H 11 -17.45 -43.46 -29.82
CA ASP H 11 -16.28 -42.74 -30.33
C ASP H 11 -15.57 -43.56 -31.39
N LEU H 12 -16.33 -44.31 -32.18
CA LEU H 12 -15.77 -45.14 -33.24
C LEU H 12 -16.67 -45.18 -34.48
N PRO H 13 -16.06 -45.17 -35.67
CA PRO H 13 -16.79 -45.20 -36.94
C PRO H 13 -17.73 -46.39 -37.04
N PRO H 14 -18.61 -46.41 -38.06
CA PRO H 14 -19.57 -47.49 -38.28
C PRO H 14 -18.97 -48.87 -38.55
N ASN H 15 -18.04 -48.94 -39.49
CA ASN H 15 -17.41 -50.20 -39.87
C ASN H 15 -16.19 -50.53 -39.03
N LEU H 16 -16.12 -49.98 -37.82
CA LEU H 16 -15.00 -50.22 -36.91
C LEU H 16 -15.46 -50.92 -35.64
N TYR H 17 -14.55 -51.66 -35.01
CA TYR H 17 -14.86 -52.38 -33.78
C TYR H 17 -13.87 -52.02 -32.67
N ILE H 18 -13.91 -52.82 -31.60
CA ILE H 18 -13.03 -52.63 -30.45
C ILE H 18 -13.19 -53.82 -29.50
N ARG H 19 -12.30 -54.80 -29.65
CA ARG H 19 -12.34 -56.01 -28.83
C ARG H 19 -12.21 -55.73 -27.34
N ASN H 20 -12.08 -56.80 -26.55
CA ASN H 20 -11.95 -56.70 -25.12
C ASN H 20 -10.53 -56.32 -24.72
N ASN H 21 -9.57 -56.71 -25.55
CA ASN H 21 -8.16 -56.42 -25.29
C ASN H 21 -7.72 -55.08 -25.87
N GLY H 22 -8.64 -54.11 -25.86
CA GLY H 22 -8.32 -52.79 -26.39
C GLY H 22 -7.84 -52.77 -27.82
N TYR H 23 -8.20 -53.80 -28.58
CA TYR H 23 -7.79 -53.90 -29.97
C TYR H 23 -8.95 -53.48 -30.86
N TYR H 24 -8.66 -53.07 -32.08
CA TYR H 24 -9.70 -52.64 -33.02
C TYR H 24 -9.70 -53.53 -34.25
N CYS H 25 -10.85 -53.64 -34.90
CA CYS H 25 -10.98 -54.47 -36.08
C CYS H 25 -11.58 -53.73 -37.27
N TYR H 26 -11.44 -54.30 -38.45
CA TYR H 26 -11.95 -53.71 -39.68
C TYR H 26 -13.01 -54.62 -40.29
N ARG H 27 -14.28 -54.28 -40.08
CA ARG H 27 -15.39 -55.07 -40.61
C ARG H 27 -15.29 -55.16 -42.13
N ASP H 28 -15.98 -56.15 -42.70
CA ASP H 28 -15.99 -56.33 -44.15
C ASP H 28 -17.41 -56.42 -44.67
N PRO H 29 -17.80 -55.50 -45.58
CA PRO H 29 -19.13 -55.47 -46.17
C PRO H 29 -19.33 -56.55 -47.23
N ARG H 30 -18.83 -57.75 -46.95
CA ARG H 30 -18.94 -58.86 -47.89
C ARG H 30 -19.43 -60.13 -47.21
N THR H 31 -18.91 -60.40 -46.02
CA THR H 31 -19.29 -61.58 -45.26
C THR H 31 -19.57 -61.26 -43.79
N GLY H 32 -18.95 -60.19 -43.30
CA GLY H 32 -19.15 -59.80 -41.92
C GLY H 32 -17.92 -60.02 -41.07
N LYS H 33 -16.89 -60.61 -41.65
CA LYS H 33 -15.64 -60.87 -40.93
C LYS H 33 -14.92 -59.59 -40.60
N GLU H 34 -13.68 -59.71 -40.11
CA GLU H 34 -12.89 -58.54 -39.74
C GLU H 34 -11.42 -58.88 -39.63
N PHE H 35 -10.58 -57.85 -39.66
CA PHE H 35 -9.14 -58.02 -39.54
C PHE H 35 -8.61 -57.20 -38.37
N GLY H 36 -7.29 -57.09 -38.28
CA GLY H 36 -6.68 -56.33 -37.20
C GLY H 36 -6.14 -55.01 -37.69
N LEU H 37 -6.68 -53.91 -37.18
CA LEU H 37 -6.22 -52.59 -37.59
C LEU H 37 -5.11 -52.04 -36.71
N GLY H 38 -5.48 -51.42 -35.59
CA GLY H 38 -4.47 -50.87 -34.70
C GLY H 38 -4.78 -51.05 -33.23
N ARG H 39 -3.94 -50.47 -32.38
CA ARG H 39 -4.11 -50.56 -30.94
C ARG H 39 -4.62 -49.23 -30.42
N ASP H 40 -4.21 -48.14 -31.07
CA ASP H 40 -4.62 -46.81 -30.67
C ASP H 40 -6.07 -46.53 -31.06
N ARG H 41 -6.62 -45.44 -30.53
CA ARG H 41 -8.00 -45.06 -30.81
C ARG H 41 -8.10 -44.27 -32.11
N ARG H 42 -7.61 -43.03 -32.09
CA ARG H 42 -7.67 -42.17 -33.26
C ARG H 42 -7.06 -42.80 -34.50
N ILE H 43 -6.14 -43.74 -34.30
CA ILE H 43 -5.49 -44.41 -35.42
C ILE H 43 -6.46 -45.37 -36.10
N ALA H 44 -7.01 -46.31 -35.33
CA ALA H 44 -7.95 -47.29 -35.85
C ALA H 44 -9.17 -46.57 -36.41
N ILE H 45 -9.56 -45.48 -35.75
CA ILE H 45 -10.72 -44.70 -36.17
C ILE H 45 -10.45 -44.12 -37.55
N THR H 46 -9.41 -43.30 -37.65
CA THR H 46 -9.05 -42.66 -38.91
C THR H 46 -8.96 -43.68 -40.04
N GLU H 47 -8.55 -44.89 -39.72
CA GLU H 47 -8.43 -45.95 -40.72
C GLU H 47 -9.80 -46.32 -41.28
N ALA H 48 -10.77 -46.51 -40.40
CA ALA H 48 -12.12 -46.85 -40.81
C ALA H 48 -12.74 -45.63 -41.45
N ILE H 49 -12.23 -44.46 -41.10
CA ILE H 49 -12.71 -43.20 -41.64
C ILE H 49 -12.36 -43.11 -43.12
N GLN H 50 -11.08 -43.31 -43.42
CA GLN H 50 -10.60 -43.26 -44.79
C GLN H 50 -11.09 -44.45 -45.60
N ALA H 51 -11.66 -45.44 -44.91
CA ALA H 51 -12.18 -46.64 -45.57
C ALA H 51 -13.38 -46.31 -46.45
N ASN H 52 -14.44 -45.81 -45.83
CA ASN H 52 -15.66 -45.46 -46.55
C ASN H 52 -15.72 -43.95 -46.75
N ILE H 53 -15.77 -43.23 -45.64
CA ILE H 53 -15.83 -41.77 -45.65
C ILE H 53 -16.05 -41.34 -44.20
N GLU H 54 -16.06 -40.04 -43.96
CA GLU H 54 -16.25 -39.51 -42.62
C GLU H 54 -17.65 -39.69 -42.07
N LEU H 55 -17.92 -39.10 -40.92
CA LEU H 55 -19.23 -39.18 -40.28
C LEU H 55 -20.26 -38.51 -41.19
N PHE H 56 -20.77 -37.36 -40.75
CA PHE H 56 -21.77 -36.62 -41.52
C PHE H 56 -21.90 -35.21 -40.97
N SER H 57 -23.13 -34.72 -40.89
CA SER H 57 -23.39 -33.37 -40.38
C SER H 57 -23.42 -33.36 -38.85
N GLY H 58 -24.15 -34.30 -38.26
CA GLY H 58 -24.24 -34.37 -36.82
C GLY H 58 -24.15 -35.79 -36.30
N HIS H 59 -25.28 -36.33 -35.87
CA HIS H 59 -25.32 -37.69 -35.34
C HIS H 59 -26.54 -38.44 -35.88
N LYS H 60 -26.38 -39.74 -36.09
CA LYS H 60 -27.46 -40.57 -36.61
C LYS H 60 -28.58 -40.72 -35.59
N HIS H 61 -28.57 -41.83 -34.87
CA HIS H 61 -29.58 -42.09 -33.85
C HIS H 61 -30.97 -42.14 -34.48
N LYS H 62 -31.42 -43.35 -34.80
CA LYS H 62 -32.73 -43.54 -35.41
C LYS H 62 -33.29 -44.92 -35.08
N PRO H 63 -33.60 -45.17 -33.80
CA PRO H 63 -34.14 -46.46 -33.36
C PRO H 63 -35.53 -46.75 -33.92
N LEU H 64 -36.56 -46.56 -33.09
CA LEU H 64 -37.93 -46.79 -33.50
C LEU H 64 -38.81 -45.60 -33.19
N THR H 65 -38.57 -44.97 -32.05
CA THR H 65 -39.35 -43.81 -31.64
C THR H 65 -38.45 -42.65 -31.18
N ALA H 66 -38.01 -42.71 -29.93
CA ALA H 66 -37.16 -41.67 -29.37
C ALA H 66 -36.77 -41.98 -27.93
N ARG H 67 -35.92 -41.14 -27.35
CA ARG H 67 -35.47 -41.33 -25.98
C ARG H 67 -35.00 -40.01 -25.37
N ILE H 68 -34.38 -40.10 -24.20
CA ILE H 68 -33.88 -38.91 -23.52
C ILE H 68 -32.72 -38.29 -24.29
N ASN H 69 -32.58 -36.97 -24.19
CA ASN H 69 -31.50 -36.27 -24.88
C ASN H 69 -31.00 -35.10 -24.02
N SER H 70 -29.69 -34.90 -24.03
CA SER H 70 -29.08 -33.80 -23.27
C SER H 70 -27.85 -33.28 -24.00
N ASP H 71 -28.08 -32.64 -25.14
CA ASP H 71 -27.01 -32.08 -25.95
C ASP H 71 -26.92 -30.56 -25.78
N ASN H 72 -26.21 -29.90 -26.70
CA ASN H 72 -26.05 -28.45 -26.63
C ASN H 72 -27.25 -27.72 -27.24
N SER H 73 -27.51 -26.50 -26.75
CA SER H 73 -28.62 -25.69 -27.23
C SER H 73 -28.45 -24.23 -26.86
N VAL H 74 -27.35 -23.64 -27.32
CA VAL H 74 -27.04 -22.25 -27.04
C VAL H 74 -27.85 -21.32 -27.94
N THR H 75 -28.21 -20.14 -27.43
CA THR H 75 -28.98 -19.18 -28.21
C THR H 75 -28.74 -17.75 -27.72
N LEU H 76 -28.83 -16.80 -28.63
CA LEU H 76 -28.63 -15.39 -28.30
C LEU H 76 -29.89 -14.78 -27.69
N HIS H 77 -31.02 -14.96 -28.36
CA HIS H 77 -32.29 -14.43 -27.89
C HIS H 77 -32.62 -14.96 -26.50
N SER H 78 -32.33 -16.24 -26.27
CA SER H 78 -32.59 -16.85 -24.97
C SER H 78 -31.82 -16.13 -23.88
N TRP H 79 -30.58 -15.76 -24.20
CA TRP H 79 -29.73 -15.05 -23.25
C TRP H 79 -30.27 -13.63 -23.04
N LEU H 80 -30.66 -12.99 -24.13
CA LEU H 80 -31.19 -11.63 -24.08
C LEU H 80 -32.40 -11.53 -23.16
N ASP H 81 -33.25 -12.56 -23.20
CA ASP H 81 -34.44 -12.58 -22.34
C ASP H 81 -34.05 -12.63 -20.88
N ARG H 82 -32.93 -13.29 -20.60
CA ARG H 82 -32.44 -13.42 -19.23
C ARG H 82 -31.64 -12.17 -18.86
N TYR H 83 -31.20 -11.44 -19.87
CA TYR H 83 -30.42 -10.21 -19.66
C TYR H 83 -31.33 -9.06 -19.26
N GLU H 84 -32.51 -9.00 -19.85
CA GLU H 84 -33.47 -7.94 -19.55
C GLU H 84 -33.94 -7.99 -18.10
N LYS H 85 -33.93 -9.19 -17.53
CA LYS H 85 -34.35 -9.37 -16.14
C LYS H 85 -33.27 -8.90 -15.18
N ILE H 86 -32.02 -9.17 -15.53
CA ILE H 86 -30.89 -8.77 -14.70
C ILE H 86 -30.79 -7.25 -14.62
N LEU H 87 -31.24 -6.59 -15.68
CA LEU H 87 -31.20 -5.13 -15.75
C LEU H 87 -32.19 -4.50 -14.78
N ALA H 88 -33.34 -5.15 -14.59
CA ALA H 88 -34.37 -4.64 -13.70
C ALA H 88 -33.96 -4.75 -12.23
N SER H 89 -32.81 -5.38 -11.98
CA SER H 89 -32.32 -5.55 -10.62
C SER H 89 -31.13 -4.62 -10.35
N ARG H 90 -30.73 -3.87 -11.37
CA ARG H 90 -29.61 -2.95 -11.24
C ARG H 90 -30.07 -1.60 -10.69
N GLY H 91 -31.34 -1.53 -10.31
CA GLY H 91 -31.88 -0.28 -9.79
C GLY H 91 -31.77 0.83 -10.82
N ILE H 92 -32.76 0.93 -11.69
CA ILE H 92 -32.74 1.95 -12.72
C ILE H 92 -33.84 2.99 -12.50
N LYS H 93 -33.80 4.07 -13.26
CA LYS H 93 -34.80 5.13 -13.12
C LYS H 93 -35.92 5.07 -14.15
N GLN H 94 -36.64 3.95 -14.16
CA GLN H 94 -37.75 3.75 -15.07
C GLN H 94 -37.41 3.98 -16.54
N LYS H 95 -37.54 5.22 -16.98
CA LYS H 95 -37.26 5.60 -18.37
C LYS H 95 -35.99 4.97 -18.94
N THR H 96 -34.90 5.03 -18.19
CA THR H 96 -33.63 4.47 -18.64
C THR H 96 -33.76 3.00 -19.02
N LEU H 97 -34.62 2.28 -18.31
CA LEU H 97 -34.82 0.86 -18.57
C LEU H 97 -35.44 0.68 -19.96
N ILE H 98 -36.40 1.54 -20.30
CA ILE H 98 -37.06 1.46 -21.60
C ILE H 98 -36.05 1.65 -22.73
N ASN H 99 -35.11 2.56 -22.52
CA ASN H 99 -34.08 2.83 -23.51
C ASN H 99 -33.32 1.56 -23.87
N TYR H 100 -32.95 0.78 -22.86
CA TYR H 100 -32.23 -0.46 -23.07
C TYR H 100 -33.05 -1.44 -23.90
N MET H 101 -34.32 -1.63 -23.49
CA MET H 101 -35.21 -2.54 -24.19
C MET H 101 -35.38 -2.16 -25.65
N SER H 102 -35.30 -0.87 -25.94
CA SER H 102 -35.44 -0.37 -27.31
C SER H 102 -34.21 -0.72 -28.14
N LYS H 103 -33.09 -0.93 -27.46
CA LYS H 103 -31.84 -1.26 -28.14
C LYS H 103 -31.69 -2.77 -28.26
N ILE H 104 -32.31 -3.50 -27.34
CA ILE H 104 -32.25 -4.96 -27.34
C ILE H 104 -33.21 -5.54 -28.38
N LYS H 105 -34.36 -4.88 -28.56
CA LYS H 105 -35.37 -5.33 -29.51
C LYS H 105 -34.87 -5.16 -30.95
N ALA H 106 -33.86 -4.31 -31.12
CA ALA H 106 -33.30 -4.06 -32.45
C ALA H 106 -32.21 -5.07 -32.79
N ILE H 107 -31.57 -5.61 -31.75
CA ILE H 107 -30.50 -6.58 -31.94
C ILE H 107 -31.06 -7.94 -32.34
N ARG H 108 -32.11 -8.38 -31.65
CA ARG H 108 -32.74 -9.66 -31.93
C ARG H 108 -33.37 -9.69 -33.31
N ARG H 109 -33.58 -8.51 -33.89
CA ARG H 109 -34.20 -8.39 -35.21
C ARG H 109 -33.12 -8.20 -36.28
N GLY H 110 -31.90 -7.92 -35.83
CA GLY H 110 -30.81 -7.71 -36.77
C GLY H 110 -29.71 -8.76 -36.66
N LEU H 111 -29.87 -9.70 -35.73
CA LEU H 111 -28.88 -10.74 -35.54
C LEU H 111 -29.55 -12.08 -35.21
N PRO H 112 -29.19 -13.15 -35.94
CA PRO H 112 -29.73 -14.48 -35.75
C PRO H 112 -29.74 -14.95 -34.29
N ASP H 113 -30.59 -15.92 -33.99
CA ASP H 113 -30.70 -16.47 -32.64
C ASP H 113 -29.80 -17.68 -32.47
N ALA H 114 -28.60 -17.61 -33.05
CA ALA H 114 -27.65 -18.71 -32.97
C ALA H 114 -26.78 -18.59 -31.72
N PRO H 115 -26.05 -19.66 -31.37
CA PRO H 115 -25.18 -19.66 -30.18
C PRO H 115 -24.27 -18.43 -30.11
N LEU H 116 -24.02 -17.97 -28.89
CA LEU H 116 -23.17 -16.80 -28.68
C LEU H 116 -21.74 -17.03 -29.16
N GLU H 117 -21.20 -18.20 -28.84
CA GLU H 117 -19.85 -18.54 -29.24
C GLU H 117 -19.72 -18.62 -30.77
N ASP H 118 -20.84 -18.84 -31.44
CA ASP H 118 -20.87 -18.93 -32.89
C ASP H 118 -20.96 -17.55 -33.52
N ILE H 119 -21.30 -16.56 -32.70
CA ILE H 119 -21.44 -15.19 -33.17
C ILE H 119 -20.07 -14.55 -33.39
N THR H 120 -19.65 -14.47 -34.65
CA THR H 120 -18.36 -13.88 -34.99
C THR H 120 -18.43 -12.35 -34.91
N THR H 121 -17.25 -11.72 -34.94
CA THR H 121 -17.19 -10.26 -34.86
C THR H 121 -17.66 -9.62 -36.16
N LYS H 122 -17.59 -10.37 -37.25
CA LYS H 122 -18.01 -9.88 -38.55
C LYS H 122 -19.51 -9.62 -38.62
N GLU H 123 -20.31 -10.61 -38.25
CA GLU H 123 -21.75 -10.48 -38.28
C GLU H 123 -22.27 -9.41 -37.32
N ILE H 124 -21.38 -8.91 -36.45
CA ILE H 124 -21.76 -7.88 -35.49
C ILE H 124 -21.52 -6.50 -36.11
N ALA H 125 -20.52 -6.41 -36.98
CA ALA H 125 -20.18 -5.16 -37.64
C ALA H 125 -21.02 -4.99 -38.91
N ALA H 126 -21.53 -6.11 -39.41
CA ALA H 126 -22.35 -6.08 -40.63
C ALA H 126 -23.68 -5.40 -40.34
N MET H 127 -24.22 -5.66 -39.15
CA MET H 127 -25.48 -5.09 -38.72
C MET H 127 -25.26 -3.66 -38.23
N LEU H 128 -24.17 -3.47 -37.49
CA LEU H 128 -23.82 -2.17 -36.94
C LEU H 128 -23.70 -1.11 -38.04
N ASN H 129 -22.85 -1.40 -39.04
CA ASN H 129 -22.65 -0.48 -40.14
C ASN H 129 -23.89 -0.28 -40.99
N GLY H 130 -24.85 -1.20 -40.86
CA GLY H 130 -26.08 -1.10 -41.62
C GLY H 130 -26.93 0.07 -41.15
N TYR H 131 -26.65 0.58 -39.96
CA TYR H 131 -27.40 1.70 -39.41
C TYR H 131 -26.57 2.97 -39.38
N ILE H 132 -25.30 2.86 -39.80
CA ILE H 132 -24.40 3.99 -39.82
C ILE H 132 -24.53 4.77 -41.13
N ASP H 133 -24.89 4.06 -42.20
CA ASP H 133 -25.05 4.67 -43.51
C ASP H 133 -26.39 5.40 -43.64
N GLU H 134 -27.33 5.05 -42.77
CA GLU H 134 -28.66 5.67 -42.80
C GLU H 134 -28.68 6.98 -42.01
N GLY H 135 -27.51 7.40 -41.55
CA GLY H 135 -27.42 8.63 -40.78
C GLY H 135 -27.56 8.40 -39.29
N LYS H 136 -28.01 7.21 -38.91
CA LYS H 136 -28.20 6.86 -37.51
C LYS H 136 -26.86 6.49 -36.88
N ALA H 137 -25.98 7.47 -36.76
CA ALA H 137 -24.66 7.26 -36.17
C ALA H 137 -24.75 7.13 -34.66
N ALA H 138 -25.62 7.93 -34.05
CA ALA H 138 -25.80 7.91 -32.61
C ALA H 138 -26.43 6.60 -32.15
N SER H 139 -27.26 6.02 -33.01
CA SER H 139 -27.94 4.78 -32.70
C SER H 139 -26.95 3.62 -32.64
N ALA H 140 -26.02 3.59 -33.59
CA ALA H 140 -25.01 2.53 -33.65
C ALA H 140 -24.12 2.53 -32.42
N LYS H 141 -23.96 3.70 -31.80
CA LYS H 141 -23.12 3.82 -30.61
C LYS H 141 -23.79 3.22 -29.38
N LEU H 142 -25.10 3.40 -29.28
CA LEU H 142 -25.85 2.89 -28.13
C LEU H 142 -26.14 1.39 -28.27
N ILE H 143 -26.32 0.94 -29.51
CA ILE H 143 -26.58 -0.47 -29.77
C ILE H 143 -25.37 -1.34 -29.49
N ARG H 144 -24.20 -0.85 -29.85
CA ARG H 144 -22.95 -1.60 -29.63
C ARG H 144 -22.55 -1.57 -28.16
N SER H 145 -22.87 -0.48 -27.49
CA SER H 145 -22.52 -0.33 -26.07
C SER H 145 -23.43 -1.20 -25.20
N THR H 146 -24.68 -1.34 -25.61
CA THR H 146 -25.63 -2.16 -24.86
C THR H 146 -25.43 -3.64 -25.15
N LEU H 147 -25.09 -3.95 -26.40
CA LEU H 147 -24.86 -5.34 -26.80
C LEU H 147 -23.56 -5.85 -26.21
N SER H 148 -22.57 -4.98 -26.09
CA SER H 148 -21.27 -5.35 -25.54
C SER H 148 -21.38 -5.70 -24.06
N ASP H 149 -22.19 -4.94 -23.35
CA ASP H 149 -22.38 -5.16 -21.91
C ASP H 149 -23.18 -6.43 -21.66
N ALA H 150 -23.98 -6.83 -22.64
CA ALA H 150 -24.80 -8.03 -22.52
C ALA H 150 -23.92 -9.28 -22.47
N PHE H 151 -22.78 -9.22 -23.15
CA PHE H 151 -21.86 -10.35 -23.18
C PHE H 151 -20.96 -10.40 -21.95
N ARG H 152 -20.68 -9.25 -21.35
CA ARG H 152 -19.84 -9.21 -20.16
C ARG H 152 -20.53 -9.97 -19.04
N GLU H 153 -21.85 -9.86 -18.98
CA GLU H 153 -22.64 -10.55 -17.97
C GLU H 153 -22.74 -12.03 -18.32
N ALA H 154 -22.68 -12.33 -19.62
CA ALA H 154 -22.75 -13.70 -20.09
C ALA H 154 -21.48 -14.46 -19.70
N ILE H 155 -20.35 -13.80 -19.82
CA ILE H 155 -19.07 -14.41 -19.48
C ILE H 155 -19.00 -14.68 -17.99
N ALA H 156 -19.62 -13.80 -17.21
CA ALA H 156 -19.63 -13.94 -15.76
C ALA H 156 -20.46 -15.12 -15.28
N GLU H 157 -21.42 -15.55 -16.09
CA GLU H 157 -22.27 -16.67 -15.73
C GLU H 157 -21.96 -17.95 -16.49
N GLY H 158 -20.69 -18.10 -16.88
CA GLY H 158 -20.28 -19.29 -17.61
C GLY H 158 -21.08 -19.56 -18.87
N HIS H 159 -20.79 -18.80 -19.92
CA HIS H 159 -21.47 -18.95 -21.20
C HIS H 159 -20.46 -18.78 -22.33
N ILE H 160 -19.68 -17.71 -22.26
CA ILE H 160 -18.67 -17.42 -23.27
C ILE H 160 -17.36 -16.99 -22.60
N THR H 161 -16.26 -17.12 -23.33
CA THR H 161 -14.94 -16.77 -22.79
C THR H 161 -14.52 -15.34 -23.10
N THR H 162 -14.84 -14.87 -24.30
CA THR H 162 -14.46 -13.53 -24.72
C THR H 162 -15.61 -12.77 -25.37
N ASN H 163 -15.51 -11.43 -25.33
CA ASN H 163 -16.53 -10.58 -25.92
C ASN H 163 -16.09 -10.11 -27.30
N HIS H 164 -16.77 -10.58 -28.34
CA HIS H 164 -16.44 -10.23 -29.72
C HIS H 164 -17.05 -8.89 -30.12
N VAL H 165 -17.48 -8.12 -29.12
CA VAL H 165 -18.07 -6.81 -29.38
C VAL H 165 -17.12 -5.70 -28.96
N ALA H 166 -16.14 -6.04 -28.13
CA ALA H 166 -15.16 -5.06 -27.65
C ALA H 166 -14.02 -4.93 -28.65
N ALA H 167 -14.18 -5.56 -29.81
CA ALA H 167 -13.16 -5.50 -30.85
C ALA H 167 -13.55 -4.51 -31.94
N THR H 168 -14.85 -4.28 -32.08
CA THR H 168 -15.36 -3.35 -33.08
C THR H 168 -15.24 -1.91 -32.61
N ARG H 169 -15.19 -0.99 -33.58
CA ARG H 169 -15.08 0.44 -33.28
C ARG H 169 -16.44 1.07 -33.03
N ALA H 170 -16.44 2.15 -32.25
CA ALA H 170 -17.67 2.87 -31.94
C ALA H 170 -17.77 4.10 -32.85
N ALA H 171 -18.91 4.23 -33.53
CA ALA H 171 -19.14 5.34 -34.44
C ALA H 171 -19.30 6.67 -33.72
N LYS H 172 -18.38 7.59 -33.97
CA LYS H 172 -18.43 8.92 -33.37
C LYS H 172 -19.55 9.74 -34.02
N SER H 173 -20.21 10.57 -33.22
CA SER H 173 -21.30 11.39 -33.75
C SER H 173 -21.27 12.81 -33.17
N GLU H 174 -21.10 13.79 -34.05
CA GLU H 174 -21.06 15.18 -33.65
C GLU H 174 -22.48 15.73 -33.54
N VAL H 175 -22.69 16.64 -32.59
CA VAL H 175 -24.00 17.24 -32.38
C VAL H 175 -24.39 18.12 -33.56
N ARG H 176 -25.55 17.85 -34.14
CA ARG H 176 -26.04 18.62 -35.29
C ARG H 176 -27.06 19.66 -34.85
N ARG H 177 -27.48 19.58 -33.59
CA ARG H 177 -28.46 20.53 -33.06
C ARG H 177 -27.86 21.92 -32.92
N SER H 178 -28.46 22.89 -33.59
CA SER H 178 -27.99 24.27 -33.56
C SER H 178 -28.26 24.92 -32.20
N ARG H 179 -27.74 26.12 -32.01
CA ARG H 179 -27.92 26.85 -30.76
C ARG H 179 -28.87 28.02 -31.00
N LEU H 180 -29.55 28.46 -29.93
CA LEU H 180 -30.50 29.56 -30.03
C LEU H 180 -29.87 30.89 -29.63
N THR H 181 -30.25 31.95 -30.34
CA THR H 181 -29.73 33.28 -30.06
C THR H 181 -30.84 34.15 -29.45
N ALA H 182 -30.44 35.29 -28.89
CA ALA H 182 -31.39 36.21 -28.28
C ALA H 182 -32.31 36.82 -29.32
N ASP H 183 -31.77 37.13 -30.49
CA ASP H 183 -32.54 37.74 -31.56
C ASP H 183 -33.51 36.73 -32.19
N GLU H 184 -33.30 35.46 -31.91
CA GLU H 184 -34.14 34.40 -32.44
C GLU H 184 -35.24 34.07 -31.44
N TYR H 185 -34.96 34.36 -30.17
CA TYR H 185 -35.89 34.10 -29.09
C TYR H 185 -37.15 34.95 -29.21
N LEU H 186 -36.97 36.25 -29.43
CA LEU H 186 -38.09 37.17 -29.56
C LEU H 186 -38.94 36.83 -30.78
N LYS H 187 -38.30 36.35 -31.84
CA LYS H 187 -39.00 35.99 -33.06
C LYS H 187 -40.00 34.86 -32.79
N ILE H 188 -39.57 33.87 -32.01
CA ILE H 188 -40.43 32.75 -31.67
C ILE H 188 -41.47 33.22 -30.65
N TYR H 189 -41.09 34.21 -29.86
CA TYR H 189 -41.97 34.76 -28.83
C TYR H 189 -43.21 35.34 -29.50
N GLN H 190 -43.01 36.06 -30.59
CA GLN H 190 -44.12 36.68 -31.32
C GLN H 190 -44.90 35.68 -32.16
N ALA H 191 -44.28 34.54 -32.45
CA ALA H 191 -44.92 33.51 -33.27
C ALA H 191 -45.73 32.55 -32.38
N ALA H 192 -45.64 32.76 -31.07
CA ALA H 192 -46.35 31.92 -30.12
C ALA H 192 -47.68 32.54 -29.73
N GLU H 193 -48.00 33.67 -30.37
CA GLU H 193 -49.24 34.38 -30.09
C GLU H 193 -50.45 33.52 -30.45
N SER H 194 -50.38 32.87 -31.60
CA SER H 194 -51.46 32.01 -32.06
C SER H 194 -51.55 30.77 -31.17
N SER H 195 -50.49 30.52 -30.42
CA SER H 195 -50.44 29.38 -29.51
C SER H 195 -51.02 29.74 -28.14
N PRO H 196 -51.36 28.73 -27.33
CA PRO H 196 -51.91 28.96 -26.00
C PRO H 196 -51.09 29.94 -25.16
N CYS H 197 -51.62 30.32 -24.00
CA CYS H 197 -50.96 31.27 -23.13
C CYS H 197 -49.79 30.67 -22.35
N TRP H 198 -49.95 29.43 -21.89
CA TRP H 198 -48.90 28.77 -21.12
C TRP H 198 -47.58 28.58 -21.87
N LEU H 199 -47.60 28.76 -23.18
CA LEU H 199 -46.39 28.60 -23.98
C LEU H 199 -45.53 29.85 -23.92
N ARG H 200 -46.15 30.99 -23.67
CA ARG H 200 -45.43 32.26 -23.58
C ARG H 200 -44.91 32.50 -22.17
N LEU H 201 -45.33 31.65 -21.24
CA LEU H 201 -44.91 31.75 -19.86
C LEU H 201 -43.87 30.68 -19.53
N ALA H 202 -44.01 29.52 -20.15
CA ALA H 202 -43.10 28.41 -19.93
C ALA H 202 -41.77 28.69 -20.62
N MET H 203 -41.80 29.53 -21.65
CA MET H 203 -40.59 29.89 -22.39
C MET H 203 -39.80 30.94 -21.63
N GLU H 204 -40.50 31.82 -20.91
CA GLU H 204 -39.86 32.86 -20.14
C GLU H 204 -39.36 32.32 -18.80
N LEU H 205 -40.00 31.25 -18.34
CA LEU H 205 -39.64 30.63 -17.07
C LEU H 205 -38.53 29.61 -17.27
N ALA H 206 -38.31 29.19 -18.51
CA ALA H 206 -37.26 28.22 -18.83
C ALA H 206 -35.99 28.92 -19.30
N VAL H 207 -36.01 30.25 -19.28
CA VAL H 207 -34.85 31.03 -19.70
C VAL H 207 -34.38 31.93 -18.56
N VAL H 208 -35.23 32.13 -17.57
CA VAL H 208 -34.91 32.95 -16.41
C VAL H 208 -34.34 32.10 -15.28
N THR H 209 -34.76 30.84 -15.24
CA THR H 209 -34.30 29.93 -14.19
C THR H 209 -33.29 28.94 -14.77
N GLY H 210 -33.35 28.73 -16.09
CA GLY H 210 -32.44 27.81 -16.73
C GLY H 210 -32.62 26.40 -16.21
N GLN H 211 -33.88 26.01 -16.00
CA GLN H 211 -34.19 24.68 -15.48
C GLN H 211 -34.64 23.75 -16.61
N ARG H 212 -34.48 22.46 -16.38
CA ARG H 212 -34.86 21.44 -17.35
C ARG H 212 -36.37 21.43 -17.60
N VAL H 213 -36.75 21.08 -18.83
CA VAL H 213 -38.17 21.04 -19.20
C VAL H 213 -38.95 20.09 -18.32
N GLY H 214 -38.37 18.91 -18.06
CA GLY H 214 -39.04 17.93 -17.22
C GLY H 214 -39.24 18.41 -15.80
N ASP H 215 -38.27 19.14 -15.27
CA ASP H 215 -38.35 19.67 -13.91
C ASP H 215 -39.01 21.04 -13.89
N LEU H 216 -39.51 21.45 -15.05
CA LEU H 216 -40.17 22.75 -15.18
C LEU H 216 -41.69 22.57 -15.08
N CYS H 217 -42.16 21.38 -15.43
CA CYS H 217 -43.58 21.07 -15.38
C CYS H 217 -43.93 20.25 -14.14
N GLU H 218 -42.98 20.17 -13.21
CA GLU H 218 -43.19 19.42 -11.98
C GLU H 218 -43.06 20.32 -10.75
N MET H 219 -42.92 21.62 -10.97
CA MET H 219 -42.79 22.57 -9.88
C MET H 219 -44.13 23.13 -9.43
N LYS H 220 -44.52 22.81 -8.20
CA LYS H 220 -45.78 23.28 -7.65
C LYS H 220 -45.57 24.64 -6.99
N TRP H 221 -46.67 25.34 -6.73
CA TRP H 221 -46.58 26.66 -6.10
C TRP H 221 -46.22 26.56 -4.63
N SER H 222 -46.09 25.33 -4.13
CA SER H 222 -45.73 25.11 -2.74
C SER H 222 -44.22 25.01 -2.59
N ASP H 223 -43.53 24.95 -3.72
CA ASP H 223 -42.07 24.86 -3.73
C ASP H 223 -41.44 26.25 -3.73
N ILE H 224 -42.25 27.25 -3.42
CA ILE H 224 -41.78 28.64 -3.38
C ILE H 224 -42.04 29.24 -2.00
N VAL H 225 -40.99 29.29 -1.18
CA VAL H 225 -41.12 29.84 0.17
C VAL H 225 -40.15 30.98 0.44
N ASP H 226 -40.68 32.08 0.98
CA ASP H 226 -39.89 33.25 1.31
C ASP H 226 -39.14 33.83 0.12
N GLY H 227 -39.67 33.64 -1.07
CA GLY H 227 -39.03 34.18 -2.27
C GLY H 227 -37.99 33.25 -2.85
N TYR H 228 -37.97 31.99 -2.40
CA TYR H 228 -37.01 31.01 -2.89
C TYR H 228 -37.73 29.85 -3.56
N LEU H 229 -37.25 29.47 -4.74
CA LEU H 229 -37.84 28.36 -5.49
C LEU H 229 -37.01 27.09 -5.37
N TYR H 230 -37.37 26.24 -4.42
CA TYR H 230 -36.66 24.98 -4.21
C TYR H 230 -37.01 23.99 -5.31
N VAL H 231 -36.04 23.72 -6.17
CA VAL H 231 -36.25 22.79 -7.28
C VAL H 231 -35.39 21.54 -7.17
N GLU H 232 -36.03 20.39 -7.20
CA GLU H 232 -35.32 19.11 -7.11
C GLU H 232 -35.32 18.41 -8.46
N GLN H 233 -34.19 18.46 -9.16
CA GLN H 233 -34.06 17.84 -10.47
C GLN H 233 -34.39 16.35 -10.40
N SER H 234 -34.78 15.79 -11.54
CA SER H 234 -35.11 14.37 -11.62
C SER H 234 -33.99 13.59 -12.29
N LYS H 235 -33.29 14.24 -13.23
CA LYS H 235 -32.19 13.61 -13.94
C LYS H 235 -31.06 13.26 -12.98
N THR H 236 -30.34 14.29 -12.53
CA THR H 236 -29.24 14.10 -11.60
C THR H 236 -29.74 14.03 -10.16
N GLY H 237 -30.88 14.67 -9.92
CA GLY H 237 -31.44 14.67 -8.58
C GLY H 237 -30.78 15.67 -7.66
N VAL H 238 -30.27 16.75 -8.24
CA VAL H 238 -29.60 17.79 -7.46
C VAL H 238 -30.58 18.89 -7.08
N LYS H 239 -30.67 19.19 -5.80
CA LYS H 239 -31.58 20.23 -5.31
C LYS H 239 -30.92 21.60 -5.32
N ILE H 240 -31.71 22.62 -5.62
CA ILE H 240 -31.22 24.00 -5.67
C ILE H 240 -32.29 24.98 -5.19
N ALA H 241 -31.91 26.25 -5.08
CA ALA H 241 -32.84 27.28 -4.64
C ALA H 241 -32.66 28.53 -5.49
N ILE H 242 -33.62 28.80 -6.37
CA ILE H 242 -33.56 29.96 -7.26
C ILE H 242 -34.33 31.14 -6.67
N PRO H 243 -33.61 32.22 -6.34
CA PRO H 243 -34.22 33.43 -5.76
C PRO H 243 -35.08 34.17 -6.77
N THR H 244 -36.20 34.72 -6.30
CA THR H 244 -37.12 35.45 -7.16
C THR H 244 -36.51 36.75 -7.67
N ALA H 245 -35.36 37.12 -7.11
CA ALA H 245 -34.68 38.34 -7.51
C ALA H 245 -33.71 38.08 -8.66
N LEU H 246 -34.23 37.66 -9.80
CA LEU H 246 -33.42 37.38 -10.98
C LEU H 246 -34.15 37.80 -12.25
N HIS H 247 -33.51 38.64 -13.05
CA HIS H 247 -34.10 39.13 -14.29
C HIS H 247 -33.06 39.28 -15.39
N ILE H 248 -33.47 38.96 -16.62
CA ILE H 248 -32.58 39.05 -17.78
C ILE H 248 -32.76 40.40 -18.47
N ASP H 249 -31.67 41.16 -18.57
CA ASP H 249 -31.70 42.46 -19.22
C ASP H 249 -31.44 42.36 -20.71
N ALA H 250 -31.32 41.12 -21.20
CA ALA H 250 -31.06 40.88 -22.62
C ALA H 250 -32.36 40.56 -23.35
N LEU H 251 -33.42 40.35 -22.60
CA LEU H 251 -34.73 40.04 -23.17
C LEU H 251 -35.81 40.89 -22.53
N GLY H 252 -35.53 41.41 -21.34
CA GLY H 252 -36.49 42.23 -20.63
C GLY H 252 -37.53 41.39 -19.92
N ILE H 253 -37.07 40.44 -19.10
CA ILE H 253 -37.97 39.57 -18.36
C ILE H 253 -37.53 39.40 -16.90
N SER H 254 -38.50 39.47 -16.00
CA SER H 254 -38.24 39.31 -14.58
C SER H 254 -38.86 38.00 -14.10
N MET H 255 -38.20 37.33 -13.17
CA MET H 255 -38.70 36.06 -12.66
C MET H 255 -39.85 36.27 -11.68
N LYS H 256 -39.94 37.47 -11.12
CA LYS H 256 -41.00 37.79 -10.17
C LYS H 256 -42.24 38.29 -10.92
N GLU H 257 -42.02 38.77 -12.13
CA GLU H 257 -43.12 39.27 -12.97
C GLU H 257 -43.71 38.14 -13.80
N THR H 258 -42.87 37.18 -14.17
CA THR H 258 -43.32 36.04 -14.97
C THR H 258 -44.03 35.03 -14.09
N LEU H 259 -43.58 34.89 -12.85
CA LEU H 259 -44.17 33.95 -11.91
C LEU H 259 -45.61 34.35 -11.58
N ASP H 260 -45.81 35.62 -11.27
CA ASP H 260 -47.15 36.12 -10.93
C ASP H 260 -48.04 36.15 -12.16
N LYS H 261 -47.43 36.11 -13.35
CA LYS H 261 -48.17 36.13 -14.59
C LYS H 261 -48.70 34.73 -14.91
N CYS H 262 -48.31 33.76 -14.09
CA CYS H 262 -48.74 32.39 -14.27
C CYS H 262 -49.75 31.99 -13.20
N LYS H 263 -50.01 32.91 -12.27
CA LYS H 263 -50.94 32.65 -11.18
C LYS H 263 -52.35 33.09 -11.56
N GLU H 264 -52.44 34.12 -12.40
CA GLU H 264 -53.73 34.64 -12.84
C GLU H 264 -54.16 34.03 -14.17
N ILE H 265 -53.27 34.07 -15.15
CA ILE H 265 -53.58 33.53 -16.47
C ILE H 265 -53.76 32.01 -16.42
N LEU H 266 -52.76 31.31 -15.91
CA LEU H 266 -52.82 29.86 -15.82
C LEU H 266 -53.70 29.41 -14.66
N GLY H 267 -53.24 29.65 -13.44
CA GLY H 267 -54.01 29.26 -12.28
C GLY H 267 -54.09 27.75 -12.11
N GLY H 268 -53.33 27.23 -11.15
CA GLY H 268 -53.34 25.79 -10.92
C GLY H 268 -52.40 25.39 -9.79
N GLU H 269 -52.28 24.08 -9.58
CA GLU H 269 -51.40 23.56 -8.54
C GLU H 269 -49.94 23.64 -8.99
N THR H 270 -49.75 23.68 -10.31
CA THR H 270 -48.41 23.76 -10.89
C THR H 270 -48.19 25.11 -11.52
N ILE H 271 -46.96 25.62 -11.40
CA ILE H 271 -46.60 26.92 -11.96
C ILE H 271 -46.94 26.98 -13.44
N ILE H 272 -46.77 25.87 -14.14
CA ILE H 272 -47.06 25.79 -15.56
C ILE H 272 -48.14 24.74 -15.83
N ALA H 273 -49.39 25.19 -15.89
CA ALA H 273 -50.51 24.31 -16.13
C ALA H 273 -51.06 24.48 -17.55
N SER H 274 -52.18 23.82 -17.83
CA SER H 274 -52.80 23.90 -19.14
C SER H 274 -54.06 24.76 -19.08
N THR H 275 -54.87 24.68 -20.13
CA THR H 275 -56.11 25.46 -20.20
C THR H 275 -57.22 24.80 -19.38
N ARG H 276 -56.90 23.66 -18.77
CA ARG H 276 -57.86 22.93 -17.95
C ARG H 276 -57.44 22.91 -16.49
N ARG H 277 -56.60 23.86 -16.10
CA ARG H 277 -56.11 23.96 -14.73
C ARG H 277 -55.41 22.67 -14.29
N GLU H 278 -54.90 21.91 -15.26
CA GLU H 278 -54.22 20.66 -14.95
C GLU H 278 -52.79 20.62 -15.48
N PRO H 279 -51.92 19.83 -14.82
CA PRO H 279 -50.51 19.70 -15.22
C PRO H 279 -50.38 19.34 -16.70
N LEU H 280 -49.20 19.56 -17.26
CA LEU H 280 -48.96 19.27 -18.67
C LEU H 280 -47.68 18.47 -18.83
N SER H 281 -47.73 17.42 -19.65
CA SER H 281 -46.58 16.56 -19.88
C SER H 281 -45.41 17.33 -20.48
N SER H 282 -44.20 16.84 -20.24
CA SER H 282 -43.00 17.48 -20.76
C SER H 282 -42.82 17.24 -22.25
N GLY H 283 -43.43 16.17 -22.74
CA GLY H 283 -43.32 15.85 -24.16
C GLY H 283 -44.40 16.51 -24.98
N THR H 284 -44.92 17.63 -24.49
CA THR H 284 -45.97 18.37 -25.19
C THR H 284 -45.65 19.85 -25.14
N VAL H 285 -44.93 20.26 -24.09
CA VAL H 285 -44.55 21.65 -23.92
C VAL H 285 -43.56 22.04 -25.01
N SER H 286 -42.75 21.06 -25.42
CA SER H 286 -41.75 21.28 -26.46
C SER H 286 -42.40 21.16 -27.83
N ARG H 287 -43.45 20.33 -27.91
CA ARG H 287 -44.17 20.14 -29.17
C ARG H 287 -44.77 21.45 -29.65
N TYR H 288 -45.49 22.13 -28.78
CA TYR H 288 -46.11 23.40 -29.13
C TYR H 288 -45.07 24.48 -29.39
N PHE H 289 -43.83 24.21 -29.00
CA PHE H 289 -42.74 25.16 -29.20
C PHE H 289 -42.15 25.01 -30.59
N MET H 290 -42.23 23.80 -31.15
CA MET H 290 -41.69 23.54 -32.48
C MET H 290 -42.58 24.14 -33.55
N ARG H 291 -43.88 24.21 -33.27
CA ARG H 291 -44.84 24.76 -34.21
C ARG H 291 -44.55 26.23 -34.50
N ALA H 292 -44.34 27.01 -33.44
CA ALA H 292 -44.05 28.43 -33.60
C ALA H 292 -42.69 28.62 -34.26
N ARG H 293 -41.83 27.61 -34.13
CA ARG H 293 -40.50 27.65 -34.72
C ARG H 293 -40.58 27.68 -36.24
N LYS H 294 -41.27 26.69 -36.81
CA LYS H 294 -41.43 26.60 -38.26
C LYS H 294 -42.36 27.67 -38.79
N ALA H 295 -43.30 28.11 -37.97
CA ALA H 295 -44.25 29.13 -38.38
C ALA H 295 -43.61 30.51 -38.40
N SER H 296 -42.63 30.72 -37.52
CA SER H 296 -41.94 32.00 -37.44
C SER H 296 -41.11 32.24 -38.69
N GLY H 297 -40.91 31.19 -39.48
CA GLY H 297 -40.13 31.30 -40.70
C GLY H 297 -38.68 31.64 -40.41
N LEU H 298 -37.95 30.68 -39.88
CA LEU H 298 -36.54 30.87 -39.56
C LEU H 298 -35.67 30.07 -40.53
N SER H 299 -34.38 29.98 -40.22
CA SER H 299 -33.45 29.24 -41.08
C SER H 299 -32.14 28.98 -40.37
N PHE H 300 -31.90 27.72 -40.03
CA PHE H 300 -30.67 27.32 -39.36
C PHE H 300 -29.88 26.29 -40.16
N GLU H 301 -28.69 25.97 -39.66
CA GLU H 301 -27.82 24.99 -40.32
C GLU H 301 -27.93 23.64 -39.63
N GLY H 302 -28.50 22.67 -40.34
CA GLY H 302 -28.64 21.35 -39.77
C GLY H 302 -29.96 21.20 -39.03
N ASP H 303 -29.90 20.57 -37.85
CA ASP H 303 -31.08 20.38 -37.03
C ASP H 303 -31.46 21.66 -36.32
N PRO H 304 -32.73 22.08 -36.45
CA PRO H 304 -33.22 23.31 -35.81
C PRO H 304 -33.25 23.21 -34.29
N PRO H 305 -33.18 24.36 -33.59
CA PRO H 305 -33.19 24.40 -32.13
C PRO H 305 -34.41 23.70 -31.54
N THR H 306 -34.59 23.85 -30.23
CA THR H 306 -35.72 23.24 -29.55
C THR H 306 -35.96 23.92 -28.20
N PHE H 307 -36.97 23.45 -27.47
CA PHE H 307 -37.30 24.02 -26.18
C PHE H 307 -36.15 23.87 -25.18
N HIS H 308 -35.42 22.76 -25.29
CA HIS H 308 -34.28 22.50 -24.41
C HIS H 308 -33.19 23.55 -24.60
N GLU H 309 -33.17 24.16 -25.77
CA GLU H 309 -32.17 25.18 -26.08
C GLU H 309 -32.34 26.43 -25.23
N LEU H 310 -33.51 26.56 -24.60
CA LEU H 310 -33.78 27.72 -23.76
C LEU H 310 -32.86 27.69 -22.54
N ARG H 311 -32.41 26.49 -22.18
CA ARG H 311 -31.52 26.30 -21.04
C ARG H 311 -30.10 26.73 -21.42
N SER H 312 -29.77 26.56 -22.70
CA SER H 312 -28.45 26.92 -23.19
C SER H 312 -28.35 28.43 -23.36
N LEU H 313 -29.39 29.05 -23.91
CA LEU H 313 -29.41 30.48 -24.12
C LEU H 313 -29.44 31.22 -22.79
N SER H 314 -30.11 30.62 -21.80
CA SER H 314 -30.22 31.22 -20.48
C SER H 314 -28.85 31.31 -19.81
N ALA H 315 -28.07 30.24 -19.94
CA ALA H 315 -26.74 30.20 -19.35
C ALA H 315 -25.77 31.08 -20.13
N ARG H 316 -26.00 31.19 -21.43
CA ARG H 316 -25.14 31.99 -22.29
C ARG H 316 -25.25 33.47 -21.92
N LEU H 317 -26.45 33.87 -21.48
CA LEU H 317 -26.69 35.25 -21.09
C LEU H 317 -26.30 35.46 -19.63
N TYR H 318 -26.45 34.42 -18.83
CA TYR H 318 -26.11 34.49 -17.41
C TYR H 318 -24.60 34.47 -17.18
N GLU H 319 -23.83 34.31 -18.25
CA GLU H 319 -22.38 34.27 -18.15
C GLU H 319 -21.77 35.64 -18.44
N LYS H 320 -22.48 36.46 -19.22
CA LYS H 320 -22.00 37.79 -19.56
C LYS H 320 -22.69 38.86 -18.73
N GLN H 321 -23.91 38.57 -18.29
CA GLN H 321 -24.68 39.51 -17.48
C GLN H 321 -24.06 39.69 -16.10
N ILE H 322 -23.74 38.58 -15.45
CA ILE H 322 -23.14 38.61 -14.13
C ILE H 322 -21.74 38.03 -14.12
N SER H 323 -21.64 36.72 -14.04
CA SER H 323 -20.35 36.03 -14.04
C SER H 323 -20.48 34.60 -14.53
N ASP H 324 -19.40 33.84 -14.45
CA ASP H 324 -19.41 32.45 -14.88
C ASP H 324 -19.76 31.53 -13.71
N LYS H 325 -19.39 31.94 -12.51
CA LYS H 325 -19.66 31.17 -11.31
C LYS H 325 -21.14 31.19 -10.96
N PHE H 326 -21.89 32.05 -11.65
CA PHE H 326 -23.32 32.16 -11.41
C PHE H 326 -24.12 31.24 -12.33
N ALA H 327 -23.71 31.16 -13.59
CA ALA H 327 -24.38 30.32 -14.57
C ALA H 327 -23.82 28.90 -14.53
N GLN H 328 -23.32 28.49 -13.36
CA GLN H 328 -22.77 27.16 -13.19
C GLN H 328 -23.47 26.45 -12.04
N HIS H 329 -24.08 27.22 -11.15
CA HIS H 329 -24.80 26.68 -10.01
C HIS H 329 -26.31 26.70 -10.27
N LEU H 330 -26.76 27.70 -11.02
CA LEU H 330 -28.18 27.83 -11.33
C LEU H 330 -28.66 26.68 -12.20
N LEU H 331 -27.79 26.20 -13.08
CA LEU H 331 -28.14 25.10 -13.98
C LEU H 331 -28.10 23.76 -13.24
N GLY H 332 -27.49 23.76 -12.06
CA GLY H 332 -27.40 22.54 -11.28
C GLY H 332 -26.11 21.78 -11.54
N HIS H 333 -25.23 22.37 -12.33
CA HIS H 333 -23.95 21.73 -12.65
C HIS H 333 -22.94 21.88 -11.52
N LYS H 334 -21.98 20.95 -11.48
CA LYS H 334 -20.94 20.96 -10.46
C LYS H 334 -19.58 20.71 -11.08
N SER H 335 -19.55 19.86 -12.10
CA SER H 335 -18.30 19.52 -12.78
C SER H 335 -17.75 20.75 -13.50
N ASP H 336 -16.47 20.68 -13.86
CA ASP H 336 -15.82 21.79 -14.54
C ASP H 336 -15.36 21.37 -15.94
N THR H 337 -16.04 20.37 -16.51
CA THR H 337 -15.72 19.88 -17.84
C THR H 337 -16.73 20.34 -18.88
N MET H 338 -17.98 20.48 -18.46
CA MET H 338 -19.04 20.91 -19.37
C MET H 338 -19.30 22.41 -19.29
N ALA H 339 -18.61 23.09 -18.38
CA ALA H 339 -18.77 24.52 -18.22
C ALA H 339 -18.18 25.24 -19.44
N SER H 340 -17.35 24.51 -20.18
CA SER H 340 -16.72 25.06 -21.38
C SER H 340 -17.38 24.51 -22.64
N GLN H 341 -18.08 23.38 -22.49
CA GLN H 341 -18.75 22.75 -23.62
C GLN H 341 -20.15 23.32 -23.80
N TYR H 342 -20.76 23.74 -22.69
CA TYR H 342 -22.09 24.32 -22.73
C TYR H 342 -21.98 25.81 -23.02
N ARG H 343 -20.75 26.24 -23.27
CA ARG H 343 -20.46 27.64 -23.57
C ARG H 343 -20.17 27.82 -25.05
N ASP H 344 -19.90 26.71 -25.73
CA ASP H 344 -19.59 26.73 -27.16
C ASP H 344 -20.70 27.38 -27.98
N ASP H 345 -20.41 27.60 -29.26
CA ASP H 345 -21.36 28.21 -30.17
C ASP H 345 -21.73 27.24 -31.29
N ARG H 346 -20.86 26.25 -31.51
CA ARG H 346 -21.07 25.24 -32.53
C ARG H 346 -21.03 25.77 -33.96
N GLY H 347 -20.75 27.06 -34.11
CA GLY H 347 -20.68 27.64 -35.44
C GLY H 347 -21.89 28.48 -35.83
N ARG H 348 -22.53 29.10 -34.83
CA ARG H 348 -23.69 29.93 -35.08
C ARG H 348 -23.25 31.38 -35.21
N GLU H 349 -22.88 31.99 -34.09
CA GLU H 349 -22.42 33.38 -34.07
C GLU H 349 -20.96 33.45 -33.64
N TRP H 350 -20.14 34.12 -34.44
CA TRP H 350 -18.73 34.27 -34.13
C TRP H 350 -18.50 34.82 -32.73
N ASP H 351 -17.57 34.20 -32.00
CA ASP H 351 -17.25 34.63 -30.65
C ASP H 351 -16.56 35.99 -30.71
N LYS H 352 -17.35 37.06 -30.65
CA LYS H 352 -16.83 38.42 -30.70
C LYS H 352 -15.83 38.68 -29.59
N ILE H 353 -14.57 38.88 -29.96
CA ILE H 353 -13.50 39.15 -29.00
C ILE H 353 -13.32 40.65 -28.82
N GLU H 354 -13.70 41.16 -27.65
CA GLU H 354 -13.56 42.59 -27.36
C GLU H 354 -12.13 42.91 -26.93
N ILE H 355 -11.94 44.12 -26.43
CA ILE H 355 -10.62 44.54 -25.97
C ILE H 355 -10.18 43.67 -24.79
N LYS H 356 -11.16 43.11 -24.09
CA LYS H 356 -10.89 42.24 -22.95
C LYS H 356 -10.98 40.77 -23.34
N ALA I 1 73.59 -12.46 17.49
CA ALA I 1 73.62 -11.16 16.78
C ALA I 1 72.43 -11.05 15.81
N LEU I 2 71.76 -9.90 15.86
CA LEU I 2 70.61 -9.67 14.99
C LEU I 2 71.04 -9.68 13.52
N THR I 3 70.38 -10.53 12.74
CA THR I 3 70.69 -10.65 11.31
C THR I 3 69.43 -10.38 10.48
N LYS I 4 69.60 -10.25 9.17
CA LYS I 4 68.48 -10.00 8.28
C LYS I 4 67.52 -11.19 8.31
N ALA I 5 68.01 -12.34 8.76
CA ALA I 5 67.20 -13.54 8.84
C ALA I 5 66.21 -13.44 10.00
N GLU I 6 66.70 -12.94 11.13
CA GLU I 6 65.86 -12.78 12.32
C GLU I 6 64.89 -11.63 12.14
N MET I 7 65.31 -10.61 11.39
CA MET I 7 64.46 -9.45 11.14
C MET I 7 63.28 -9.83 10.25
N SER I 8 63.53 -10.68 9.27
CA SER I 8 62.50 -11.12 8.34
C SER I 8 61.49 -12.03 9.05
N GLU I 9 61.99 -12.89 9.93
CA GLU I 9 61.13 -13.81 10.67
C GLU I 9 60.22 -13.04 11.61
N TYR I 10 60.71 -11.91 12.10
CA TYR I 10 59.94 -11.07 13.02
C TYR I 10 58.74 -10.45 12.31
N LEU I 11 58.97 -9.99 11.08
CA LEU I 11 57.92 -9.38 10.29
C LEU I 11 56.86 -10.41 9.89
N PHE I 12 57.23 -11.69 10.02
CA PHE I 12 56.33 -12.77 9.67
C PHE I 12 55.37 -13.10 10.81
N ASP I 13 55.83 -12.94 12.05
CA ASP I 13 55.01 -13.24 13.22
C ASP I 13 54.53 -11.98 13.93
N LYS I 14 54.67 -10.83 13.28
CA LYS I 14 54.25 -9.57 13.87
C LYS I 14 53.32 -8.82 12.92
N LEU I 15 53.56 -8.99 11.62
CA LEU I 15 52.75 -8.34 10.61
C LEU I 15 52.02 -9.38 9.75
N GLY I 16 52.37 -10.64 9.95
CA GLY I 16 51.74 -11.70 9.18
C GLY I 16 52.11 -11.64 7.72
N LEU I 17 53.28 -11.08 7.43
CA LEU I 17 53.75 -10.95 6.05
C LEU I 17 54.61 -12.14 5.65
N SER I 18 54.44 -12.61 4.43
CA SER I 18 55.20 -13.74 3.92
C SER I 18 56.70 -13.46 4.07
N LYS I 19 57.45 -14.51 4.41
CA LYS I 19 58.89 -14.38 4.59
C LYS I 19 59.56 -13.81 3.34
N ARG I 20 58.91 -14.00 2.19
CA ARG I 20 59.44 -13.52 0.92
C ARG I 20 59.56 -12.00 0.94
N ASP I 21 58.43 -11.33 1.09
CA ASP I 21 58.41 -9.87 1.12
C ASP I 21 59.04 -9.38 2.43
N ALA I 22 59.01 -10.24 3.44
CA ALA I 22 59.58 -9.92 4.74
C ALA I 22 61.10 -9.89 4.64
N LYS I 23 61.63 -10.64 3.68
CA LYS I 23 63.08 -10.70 3.47
C LYS I 23 63.49 -9.67 2.42
N GLU I 24 62.54 -9.30 1.57
CA GLU I 24 62.80 -8.33 0.52
C GLU I 24 62.77 -6.90 1.07
N LEU I 25 61.93 -6.69 2.08
CA LEU I 25 61.81 -5.38 2.70
C LEU I 25 63.03 -5.06 3.56
N VAL I 26 63.56 -6.08 4.24
CA VAL I 26 64.73 -5.89 5.08
C VAL I 26 65.94 -5.52 4.23
N GLU I 27 66.01 -6.11 3.03
CA GLU I 27 67.10 -5.85 2.10
C GLU I 27 66.98 -4.43 1.54
N LEU I 28 65.80 -4.10 1.04
CA LEU I 28 65.55 -2.78 0.48
C LEU I 28 65.62 -1.70 1.55
N PHE I 29 65.48 -2.13 2.81
CA PHE I 29 65.53 -1.21 3.94
C PHE I 29 66.94 -0.61 4.06
N PHE I 30 67.93 -1.48 4.18
CA PHE I 30 69.31 -1.04 4.31
C PHE I 30 69.84 -0.52 2.97
N GLU I 31 69.28 -1.04 1.89
CA GLU I 31 69.70 -0.64 0.55
C GLU I 31 69.38 0.83 0.29
N GLU I 32 68.13 1.21 0.53
CA GLU I 32 67.69 2.59 0.32
C GLU I 32 68.53 3.55 1.15
N ILE I 33 68.88 3.14 2.37
CA ILE I 33 69.68 3.96 3.26
C ILE I 33 71.08 4.17 2.68
N ARG I 34 71.63 3.11 2.10
CA ARG I 34 72.97 3.17 1.51
C ARG I 34 72.96 4.00 0.23
N ARG I 35 71.81 4.07 -0.43
CA ARG I 35 71.69 4.82 -1.66
C ARG I 35 71.62 6.32 -1.35
N ALA I 36 71.14 6.64 -0.15
CA ALA I 36 71.03 8.03 0.28
C ALA I 36 72.37 8.54 0.77
N LEU I 37 73.10 7.68 1.48
CA LEU I 37 74.40 8.04 2.02
C LEU I 37 75.43 8.24 0.91
N GLU I 38 75.43 7.34 -0.06
CA GLU I 38 76.37 7.43 -1.18
C GLU I 38 76.06 8.63 -2.07
N ASN I 39 74.79 8.99 -2.15
CA ASN I 39 74.36 10.12 -2.96
C ASN I 39 74.68 11.45 -2.26
N GLY I 40 75.02 11.37 -0.99
CA GLY I 40 75.34 12.56 -0.22
C GLY I 40 74.11 13.15 0.45
N GLU I 41 73.36 12.30 1.12
CA GLU I 41 72.15 12.73 1.82
C GLU I 41 72.12 12.20 3.24
N GLN I 42 71.72 13.05 4.18
CA GLN I 42 71.65 12.68 5.59
C GLN I 42 70.43 11.80 5.84
N VAL I 43 70.61 10.76 6.66
CA VAL I 43 69.51 9.85 7.00
C VAL I 43 69.09 10.03 8.44
N LYS I 44 67.99 10.76 8.65
CA LYS I 44 67.49 11.01 10.00
C LYS I 44 66.32 10.08 10.34
N LEU I 45 66.61 9.09 11.17
CA LEU I 45 65.59 8.12 11.60
C LEU I 45 65.13 8.45 13.02
N SER I 46 63.94 9.06 13.12
CA SER I 46 63.39 9.42 14.42
C SER I 46 63.22 8.21 15.32
N GLY I 47 63.61 8.36 16.59
CA GLY I 47 63.49 7.26 17.53
C GLY I 47 64.51 6.15 17.27
N PHE I 48 65.67 6.53 16.74
CA PHE I 48 66.72 5.56 16.45
C PHE I 48 68.08 6.25 16.41
N GLY I 49 68.33 7.00 15.35
CA GLY I 49 69.60 7.69 15.22
C GLY I 49 69.67 8.55 13.96
N ASN I 50 70.87 8.97 13.60
CA ASN I 50 71.07 9.80 12.42
C ASN I 50 72.39 9.50 11.73
N PHE I 51 72.32 8.93 10.54
CA PHE I 51 73.53 8.60 9.77
C PHE I 51 74.07 9.86 9.11
N ASP I 52 75.17 10.39 9.65
CA ASP I 52 75.78 11.59 9.11
C ASP I 52 76.91 11.26 8.15
N LEU I 53 77.38 12.28 7.44
CA LEU I 53 78.47 12.12 6.47
C LEU I 53 79.46 13.26 6.64
N ARG I 54 80.64 12.95 7.16
CA ARG I 54 81.67 13.95 7.38
C ARG I 54 82.92 13.67 6.55
N ASP I 55 83.41 14.71 5.87
CA ASP I 55 84.60 14.59 5.03
C ASP I 55 85.86 14.83 5.86
N LYS I 56 86.54 13.75 6.22
CA LYS I 56 87.77 13.83 7.01
C LYS I 56 88.96 14.13 6.10
N ASN I 57 89.88 14.95 6.59
CA ASN I 57 91.06 15.31 5.82
C ASN I 57 92.20 14.33 6.09
N GLN I 58 93.26 14.42 5.29
CA GLN I 58 94.42 13.55 5.45
C GLN I 58 95.19 13.88 6.71
N ARG I 59 95.07 13.00 7.70
CA ARG I 59 95.77 13.20 8.98
C ARG I 59 96.88 12.16 9.17
N PRO I 60 97.89 12.49 9.98
CA PRO I 60 99.01 11.58 10.24
C PRO I 60 98.64 10.28 10.94
N GLY I 61 99.18 9.18 10.44
CA GLY I 61 98.92 7.87 11.01
C GLY I 61 100.19 7.05 11.05
N ARG I 62 100.07 5.74 11.16
CA ARG I 62 101.25 4.88 11.20
C ARG I 62 100.89 3.39 11.19
N ASN I 63 101.92 2.56 11.28
CA ASN I 63 101.75 1.10 11.29
C ASN I 63 101.74 0.61 12.72
N PRO I 64 100.55 0.33 13.28
CA PRO I 64 100.39 -0.15 14.66
C PRO I 64 101.35 -1.28 15.05
N LYS I 65 101.73 -2.10 14.07
CA LYS I 65 102.64 -3.21 14.33
C LYS I 65 104.08 -2.73 14.50
N THR I 66 104.63 -2.12 13.46
CA THR I 66 106.00 -1.63 13.50
C THR I 66 106.08 -0.21 14.05
N GLY I 67 105.41 0.72 13.38
CA GLY I 67 105.41 2.10 13.82
C GLY I 67 105.71 3.06 12.68
N GLU I 68 105.74 2.53 11.46
CA GLU I 68 106.01 3.34 10.28
C GLU I 68 104.91 4.38 10.08
N ASP I 69 105.27 5.65 10.28
CA ASP I 69 104.31 6.74 10.13
C ASP I 69 103.80 6.87 8.70
N ILE I 70 102.52 6.55 8.51
CA ILE I 70 101.91 6.64 7.19
C ILE I 70 100.69 7.54 7.25
N PRO I 71 100.66 8.59 6.42
CA PRO I 71 99.54 9.54 6.37
C PRO I 71 98.22 8.93 5.92
N ILE I 72 97.24 8.93 6.80
CA ILE I 72 95.93 8.39 6.50
C ILE I 72 95.22 9.25 5.47
N THR I 73 95.01 8.70 4.27
CA THR I 73 94.35 9.43 3.20
C THR I 73 92.98 9.94 3.61
N ALA I 74 92.62 11.12 3.13
CA ALA I 74 91.33 11.73 3.44
C ALA I 74 90.21 10.98 2.74
N ARG I 75 89.06 10.87 3.40
CA ARG I 75 87.91 10.17 2.83
C ARG I 75 86.63 10.50 3.60
N ARG I 76 85.50 10.36 2.91
CA ARG I 76 84.21 10.62 3.54
C ARG I 76 83.65 9.37 4.19
N VAL I 77 83.56 9.40 5.52
CA VAL I 77 83.04 8.26 6.28
C VAL I 77 81.57 8.46 6.61
N VAL I 78 80.97 7.45 7.24
CA VAL I 78 79.56 7.50 7.62
C VAL I 78 79.40 7.27 9.11
N THR I 79 79.17 8.36 9.85
CA THR I 79 79.00 8.27 11.30
C THR I 79 77.54 7.99 11.67
N PHE I 80 77.31 7.68 12.94
CA PHE I 80 75.96 7.39 13.42
C PHE I 80 75.73 7.99 14.81
N ARG I 81 74.86 8.99 14.87
CA ARG I 81 74.53 9.64 16.13
C ARG I 81 73.21 9.12 16.67
N PRO I 82 73.27 8.22 17.67
CA PRO I 82 72.07 7.65 18.28
C PRO I 82 71.21 8.69 18.99
N GLY I 83 69.90 8.61 18.77
CA GLY I 83 68.99 9.56 19.39
C GLY I 83 68.90 9.38 20.90
N GLN I 84 68.32 10.37 21.57
CA GLN I 84 68.18 10.33 23.02
C GLN I 84 67.23 9.20 23.44
N LYS I 85 66.28 8.88 22.56
CA LYS I 85 65.32 7.82 22.84
C LYS I 85 66.00 6.46 22.88
N LEU I 86 66.89 6.23 21.92
CA LEU I 86 67.61 4.96 21.84
C LEU I 86 68.58 4.80 23.01
N LYS I 87 69.30 5.88 23.32
CA LYS I 87 70.27 5.86 24.42
C LYS I 87 69.62 5.52 25.76
N SER I 88 68.41 6.02 25.97
CA SER I 88 67.69 5.78 27.21
C SER I 88 67.20 4.34 27.32
N ARG I 89 67.25 3.60 26.21
CA ARG I 89 66.81 2.22 26.19
C ARG I 89 67.99 1.26 26.15
N VAL I 90 69.19 1.81 25.93
CA VAL I 90 70.40 1.01 25.87
C VAL I 90 71.31 1.31 27.05
N GLU I 91 71.01 2.41 27.75
CA GLU I 91 71.80 2.83 28.90
C GLU I 91 71.83 1.73 29.97
N ASN I 92 70.71 1.02 30.10
CA ASN I 92 70.60 -0.04 31.08
C ASN I 92 70.67 -1.42 30.42
N ALA I 93 71.56 -1.57 29.46
CA ALA I 93 71.71 -2.83 28.75
C ALA I 93 72.67 -3.75 29.49
N SER I 94 73.06 -4.85 28.84
CA SER I 94 73.98 -5.81 29.43
C SER I 94 74.46 -6.80 28.37
N PRO I 95 75.77 -6.80 28.08
CA PRO I 95 76.37 -7.69 27.08
C PRO I 95 75.97 -9.15 27.27
N LYS I 96 75.04 -9.62 26.46
CA LYS I 96 74.57 -11.00 26.54
C LYS I 96 74.34 -11.57 25.13
N MET J 1 66.66 12.48 3.91
CA MET J 1 65.88 11.21 4.03
C MET J 1 65.52 10.93 5.48
N THR J 2 64.24 11.10 5.81
CA THR J 2 63.76 10.85 7.17
C THR J 2 63.11 9.48 7.27
N LYS J 3 62.55 9.18 8.43
CA LYS J 3 61.90 7.90 8.66
C LYS J 3 60.67 7.75 7.77
N SER J 4 60.09 8.88 7.38
CA SER J 4 58.91 8.89 6.52
C SER J 4 59.31 8.86 5.05
N GLU J 5 60.29 9.69 4.69
CA GLU J 5 60.76 9.75 3.31
C GLU J 5 61.40 8.44 2.90
N LEU J 6 61.79 7.65 3.89
CA LEU J 6 62.42 6.35 3.65
C LEU J 6 61.37 5.33 3.23
N ILE J 7 60.16 5.48 3.76
CA ILE J 7 59.07 4.57 3.44
C ILE J 7 58.43 4.91 2.10
N GLU J 8 58.38 6.21 1.79
CA GLU J 8 57.79 6.68 0.55
C GLU J 8 58.56 6.18 -0.67
N ARG J 9 59.87 6.31 -0.63
CA ARG J 9 60.72 5.87 -1.74
C ARG J 9 60.65 4.37 -1.95
N LEU J 10 60.59 3.62 -0.85
CA LEU J 10 60.53 2.16 -0.94
C LEU J 10 59.18 1.70 -1.45
N ALA J 11 58.14 2.47 -1.12
CA ALA J 11 56.78 2.14 -1.54
C ALA J 11 56.59 2.47 -3.02
N THR J 12 57.28 3.50 -3.49
CA THR J 12 57.19 3.92 -4.88
C THR J 12 57.78 2.86 -5.79
N GLN J 13 58.88 2.25 -5.35
CA GLN J 13 59.54 1.21 -6.11
C GLN J 13 58.72 -0.07 -6.11
N GLN J 14 58.44 -0.58 -4.91
CA GLN J 14 57.65 -1.80 -4.76
C GLN J 14 56.17 -1.50 -4.96
N SER J 15 55.66 -1.80 -6.14
CA SER J 15 54.26 -1.55 -6.45
C SER J 15 53.39 -2.76 -6.11
N HIS J 16 53.96 -3.95 -6.19
CA HIS J 16 53.23 -5.17 -5.90
C HIS J 16 53.11 -5.37 -4.39
N ILE J 17 53.47 -4.34 -3.63
CA ILE J 17 53.40 -4.37 -2.17
C ILE J 17 52.64 -3.15 -1.67
N PRO J 18 51.57 -3.36 -0.91
CA PRO J 18 50.75 -2.26 -0.36
C PRO J 18 51.60 -1.19 0.31
N ALA J 19 51.22 0.07 0.13
CA ALA J 19 51.94 1.19 0.72
C ALA J 19 51.86 1.14 2.24
N LYS J 20 50.70 0.72 2.74
CA LYS J 20 50.48 0.62 4.18
C LYS J 20 51.38 -0.45 4.80
N THR J 21 51.61 -1.51 4.04
CA THR J 21 52.46 -2.61 4.50
C THR J 21 53.90 -2.16 4.69
N VAL J 22 54.40 -1.38 3.74
CA VAL J 22 55.77 -0.89 3.79
C VAL J 22 55.96 0.07 4.97
N GLU J 23 54.90 0.78 5.32
CA GLU J 23 54.94 1.73 6.43
C GLU J 23 55.20 1.04 7.76
N ASP J 24 54.35 0.08 8.11
CA ASP J 24 54.50 -0.65 9.36
C ASP J 24 55.72 -1.56 9.36
N ALA J 25 56.12 -2.01 8.17
CA ALA J 25 57.28 -2.88 8.04
C ALA J 25 58.54 -2.16 8.50
N VAL J 26 58.70 -0.92 8.04
CA VAL J 26 59.86 -0.12 8.39
C VAL J 26 59.88 0.22 9.89
N LYS J 27 58.71 0.54 10.43
CA LYS J 27 58.59 0.88 11.84
C LYS J 27 58.90 -0.31 12.75
N GLU J 28 58.53 -1.51 12.31
CA GLU J 28 58.77 -2.71 13.10
C GLU J 28 60.24 -3.11 13.07
N MET J 29 60.90 -2.87 11.94
CA MET J 29 62.31 -3.22 11.80
C MET J 29 63.17 -2.34 12.71
N LEU J 30 62.85 -1.05 12.76
CA LEU J 30 63.59 -0.10 13.59
C LEU J 30 63.38 -0.43 15.06
N GLU J 31 62.14 -0.76 15.42
CA GLU J 31 61.81 -1.09 16.80
C GLU J 31 62.51 -2.39 17.21
N HIS J 32 62.72 -3.28 16.24
CA HIS J 32 63.38 -4.54 16.49
C HIS J 32 64.86 -4.31 16.75
N MET J 33 65.45 -3.39 15.99
CA MET J 33 66.87 -3.08 16.13
C MET J 33 67.12 -2.28 17.42
N ALA J 34 66.09 -1.58 17.88
CA ALA J 34 66.19 -0.77 19.09
C ALA J 34 66.01 -1.66 20.32
N SER J 35 65.25 -2.73 20.19
CA SER J 35 65.01 -3.65 21.29
C SER J 35 66.19 -4.59 21.47
N THR J 36 66.82 -4.96 20.37
CA THR J 36 67.97 -5.86 20.41
C THR J 36 69.13 -5.19 21.14
N LEU J 37 69.38 -3.93 20.82
CA LEU J 37 70.46 -3.17 21.45
C LEU J 37 70.12 -2.88 22.90
N ALA J 38 68.84 -2.95 23.23
CA ALA J 38 68.38 -2.69 24.59
C ALA J 38 68.64 -3.91 25.48
N GLN J 39 68.51 -5.10 24.90
CA GLN J 39 68.72 -6.34 25.63
C GLN J 39 70.21 -6.57 25.90
N GLY J 40 71.04 -6.09 24.99
CA GLY J 40 72.48 -6.25 25.15
C GLY J 40 73.13 -6.92 23.96
N GLU J 41 72.29 -7.45 23.07
CA GLU J 41 72.78 -8.12 21.87
C GLU J 41 73.17 -7.11 20.80
N ARG J 42 74.15 -7.47 19.98
CA ARG J 42 74.63 -6.59 18.92
C ARG J 42 74.08 -7.00 17.56
N ILE J 43 73.98 -6.04 16.65
CA ILE J 43 73.48 -6.28 15.31
C ILE J 43 74.63 -6.35 14.32
N GLU J 44 74.47 -7.13 13.26
CA GLU J 44 75.51 -7.28 12.26
C GLU J 44 74.91 -7.59 10.88
N ILE J 45 74.76 -6.55 10.07
CA ILE J 45 74.21 -6.70 8.72
C ILE J 45 75.33 -6.61 7.68
N ARG J 46 75.64 -7.74 7.06
CA ARG J 46 76.69 -7.79 6.04
C ARG J 46 76.38 -6.88 4.86
N GLY J 47 77.31 -5.98 4.56
CA GLY J 47 77.11 -5.05 3.47
C GLY J 47 76.64 -3.68 3.93
N PHE J 48 76.04 -3.66 5.12
CA PHE J 48 75.54 -2.41 5.68
C PHE J 48 76.45 -1.94 6.82
N GLY J 49 76.42 -2.66 7.93
CA GLY J 49 77.25 -2.30 9.07
C GLY J 49 77.01 -3.21 10.27
N SER J 50 77.16 -2.64 11.47
CA SER J 50 76.97 -3.40 12.69
C SER J 50 76.77 -2.46 13.87
N PHE J 51 75.87 -2.83 14.78
CA PHE J 51 75.59 -2.01 15.95
C PHE J 51 76.07 -2.70 17.23
N SER J 52 77.17 -2.21 17.78
CA SER J 52 77.72 -2.77 19.00
C SER J 52 77.36 -1.91 20.21
N LEU J 53 77.89 -2.28 21.37
CA LEU J 53 77.61 -1.55 22.60
C LEU J 53 78.91 -1.31 23.37
N HIS J 54 79.33 -0.05 23.46
CA HIS J 54 80.54 0.30 24.17
C HIS J 54 80.25 0.76 25.60
N TYR J 55 81.03 0.26 26.54
CA TYR J 55 80.88 0.59 27.95
C TYR J 55 81.49 1.94 28.31
N ARG J 56 80.83 2.64 29.23
CA ARG J 56 81.30 3.95 29.68
C ARG J 56 81.49 3.94 31.20
N ALA J 57 82.72 4.14 31.64
CA ALA J 57 83.04 4.16 33.07
C ALA J 57 82.37 5.34 33.76
N PRO J 58 81.85 5.12 34.98
CA PRO J 58 81.18 6.16 35.76
C PRO J 58 82.13 7.27 36.21
N ARG J 59 81.81 8.51 35.85
CA ARG J 59 82.65 9.65 36.21
C ARG J 59 81.81 10.83 36.68
N THR J 60 82.42 11.70 37.48
CA THR J 60 81.74 12.88 37.99
C THR J 60 81.52 13.90 36.88
N GLY J 61 80.33 13.86 36.27
CA GLY J 61 80.02 14.78 35.20
C GLY J 61 80.02 16.23 35.62
N ARG J 62 79.71 17.11 34.67
CA ARG J 62 79.66 18.54 34.92
C ARG J 62 78.52 19.17 34.11
N ASN J 63 78.15 20.39 34.46
CA ASN J 63 77.09 21.09 33.76
C ASN J 63 77.69 22.21 32.92
N PRO J 64 77.78 22.01 31.60
CA PRO J 64 78.34 23.01 30.68
C PRO J 64 77.48 24.24 30.49
N LYS J 65 76.57 24.49 31.42
CA LYS J 65 75.68 25.64 31.35
C LYS J 65 75.72 26.41 32.67
N THR J 66 76.02 25.69 33.75
CA THR J 66 76.11 26.29 35.07
C THR J 66 77.47 26.01 35.68
N GLY J 67 77.90 24.76 35.59
CA GLY J 67 79.20 24.37 36.13
C GLY J 67 79.07 23.53 37.39
N ASP J 68 77.93 22.87 37.54
CA ASP J 68 77.70 22.02 38.70
C ASP J 68 78.05 20.57 38.39
N LYS J 69 78.79 19.95 39.30
CA LYS J 69 79.20 18.56 39.13
C LYS J 69 78.00 17.62 39.31
N VAL J 70 77.74 16.81 38.30
CA VAL J 70 76.64 15.86 38.35
C VAL J 70 77.14 14.43 38.31
N GLU J 71 76.58 13.57 39.16
CA GLU J 71 76.98 12.17 39.21
C GLU J 71 76.51 11.43 37.97
N LEU J 72 77.36 10.53 37.48
CA LEU J 72 77.04 9.74 36.29
C LEU J 72 77.33 8.26 36.54
N GLU J 73 76.41 7.40 36.11
CA GLU J 73 76.58 5.97 36.28
C GLU J 73 77.35 5.38 35.10
N GLY J 74 77.46 4.06 35.07
CA GLY J 74 78.16 3.40 33.99
C GLY J 74 77.48 3.67 32.66
N LYS J 75 76.42 2.91 32.37
CA LYS J 75 75.67 3.07 31.13
C LYS J 75 76.46 2.71 29.88
N TYR J 76 75.76 2.15 28.91
CA TYR J 76 76.36 1.75 27.64
C TYR J 76 75.91 2.73 26.55
N VAL J 77 76.58 2.70 25.41
CA VAL J 77 76.23 3.60 24.31
C VAL J 77 76.31 2.90 22.95
N PRO J 78 75.22 2.96 22.17
CA PRO J 78 75.15 2.34 20.84
C PRO J 78 76.20 2.88 19.88
N HIS J 79 76.89 1.98 19.20
CA HIS J 79 77.92 2.37 18.25
C HIS J 79 77.70 1.65 16.91
N PHE J 80 77.94 2.36 15.81
CA PHE J 80 77.77 1.79 14.49
C PHE J 80 79.06 1.82 13.69
N LYS J 81 79.42 0.66 13.13
CA LYS J 81 80.64 0.54 12.34
C LYS J 81 80.29 0.28 10.88
N PRO J 82 80.52 1.28 10.00
CA PRO J 82 80.23 1.16 8.57
C PRO J 82 80.79 -0.12 7.96
N GLY J 83 80.03 -0.71 7.04
CA GLY J 83 80.48 -1.94 6.40
C GLY J 83 81.41 -1.68 5.24
N LYS J 84 81.91 -2.76 4.63
CA LYS J 84 82.83 -2.65 3.50
C LYS J 84 82.15 -1.99 2.31
N GLU J 85 81.01 -2.51 1.90
CA GLU J 85 80.27 -1.97 0.76
C GLU J 85 79.76 -0.56 1.03
N LEU J 86 79.43 -0.27 2.29
CA LEU J 86 78.92 1.05 2.66
C LEU J 86 79.98 2.15 2.53
N ARG J 87 81.19 1.86 3.00
CA ARG J 87 82.28 2.82 2.95
C ARG J 87 82.72 3.15 1.52
N ASP J 88 82.82 2.13 0.68
CA ASP J 88 83.25 2.32 -0.70
C ASP J 88 82.29 3.15 -1.53
N ARG J 89 81.01 2.80 -1.49
CA ARG J 89 79.99 3.51 -2.26
C ARG J 89 79.77 4.94 -1.77
N ALA J 90 79.94 5.17 -0.46
CA ALA J 90 79.76 6.49 0.11
C ALA J 90 80.95 7.39 -0.17
N ASN J 91 82.15 6.85 0.06
CA ASN J 91 83.38 7.60 -0.17
C ASN J 91 83.50 8.03 -1.64
N ILE J 92 83.40 9.32 -1.88
CA ILE J 92 83.49 9.86 -3.23
C ILE J 92 84.87 10.48 -3.47
N TYR J 93 85.83 10.11 -2.63
CA TYR J 93 87.20 10.63 -2.75
C TYR J 93 88.22 9.53 -2.48
N GLY J 94 88.78 8.99 -3.55
CA GLY J 94 89.77 7.93 -3.41
C GLY J 94 91.07 8.42 -2.79
N ALA K 1 -28.69 -8.20 86.58
CA ALA K 1 -29.84 -7.89 85.69
C ALA K 1 -29.36 -7.70 84.25
N LEU K 2 -30.03 -8.39 83.32
CA LEU K 2 -29.68 -8.31 81.91
C LEU K 2 -29.77 -6.86 81.43
N THR K 3 -28.69 -6.37 80.83
CA THR K 3 -28.66 -5.00 80.34
C THR K 3 -27.95 -4.88 79.00
N LYS K 4 -27.87 -3.65 78.48
CA LYS K 4 -27.24 -3.38 77.20
C LYS K 4 -25.83 -3.97 77.11
N ALA K 5 -25.04 -3.76 78.14
CA ALA K 5 -23.67 -4.27 78.18
C ALA K 5 -23.60 -5.77 77.96
N GLU K 6 -24.40 -6.52 78.71
CA GLU K 6 -24.42 -7.97 78.60
C GLU K 6 -24.97 -8.44 77.25
N MET K 7 -25.97 -7.73 76.74
CA MET K 7 -26.57 -8.08 75.47
C MET K 7 -25.57 -7.93 74.33
N SER K 8 -24.76 -6.86 74.38
CA SER K 8 -23.76 -6.61 73.35
C SER K 8 -22.67 -7.67 73.40
N GLU K 9 -22.28 -8.05 74.62
CA GLU K 9 -21.24 -9.04 74.81
C GLU K 9 -21.72 -10.40 74.32
N TYR K 10 -23.03 -10.62 74.40
CA TYR K 10 -23.64 -11.87 73.97
C TYR K 10 -23.51 -12.03 72.46
N LEU K 11 -23.99 -11.05 71.72
CA LEU K 11 -23.92 -11.08 70.27
C LEU K 11 -22.48 -11.14 69.78
N PHE K 12 -21.55 -10.74 70.65
CA PHE K 12 -20.13 -10.74 70.32
C PHE K 12 -19.57 -12.16 70.22
N ASP K 13 -19.73 -12.93 71.28
CA ASP K 13 -19.23 -14.31 71.32
C ASP K 13 -20.23 -15.33 70.78
N LYS K 14 -21.35 -14.84 70.25
CA LYS K 14 -22.37 -15.72 69.71
C LYS K 14 -22.43 -15.64 68.19
N LEU K 15 -22.65 -14.44 67.68
CA LEU K 15 -22.72 -14.23 66.24
C LEU K 15 -21.36 -13.90 65.64
N GLY K 16 -20.40 -13.58 66.50
CA GLY K 16 -19.07 -13.25 66.03
C GLY K 16 -19.01 -11.85 65.45
N LEU K 17 -19.90 -10.99 65.91
CA LEU K 17 -19.95 -9.61 65.44
C LEU K 17 -19.06 -8.71 66.29
N SER K 18 -18.47 -7.70 65.65
CA SER K 18 -17.60 -6.77 66.35
C SER K 18 -18.34 -6.06 67.47
N LYS K 19 -17.59 -5.60 68.47
CA LYS K 19 -18.19 -4.91 69.61
C LYS K 19 -18.84 -3.60 69.17
N ARG K 20 -18.42 -3.10 68.01
CA ARG K 20 -18.94 -1.85 67.47
C ARG K 20 -20.37 -2.04 66.94
N ASP K 21 -20.53 -2.96 66.00
CA ASP K 21 -21.84 -3.23 65.42
C ASP K 21 -22.79 -3.83 66.45
N ALA K 22 -22.24 -4.63 67.37
CA ALA K 22 -23.03 -5.26 68.41
C ALA K 22 -23.64 -4.22 69.34
N LYS K 23 -22.80 -3.33 69.86
CA LYS K 23 -23.25 -2.28 70.77
C LYS K 23 -24.19 -1.32 70.07
N GLU K 24 -24.14 -1.30 68.74
CA GLU K 24 -25.00 -0.41 67.96
C GLU K 24 -26.35 -1.05 67.68
N LEU K 25 -26.36 -2.36 67.47
CA LEU K 25 -27.59 -3.08 67.20
C LEU K 25 -28.50 -3.14 68.42
N VAL K 26 -27.89 -3.33 69.59
CA VAL K 26 -28.64 -3.39 70.84
C VAL K 26 -29.36 -2.08 71.11
N GLU K 27 -28.73 -0.98 70.69
CA GLU K 27 -29.30 0.35 70.88
C GLU K 27 -30.43 0.61 69.88
N LEU K 28 -30.16 0.29 68.62
CA LEU K 28 -31.16 0.48 67.57
C LEU K 28 -32.34 -0.46 67.75
N PHE K 29 -32.12 -1.54 68.49
CA PHE K 29 -33.17 -2.52 68.75
C PHE K 29 -34.29 -1.89 69.57
N PHE K 30 -33.94 -1.34 70.72
CA PHE K 30 -34.91 -0.71 71.60
C PHE K 30 -35.35 0.66 71.05
N GLU K 31 -34.46 1.28 70.28
CA GLU K 31 -34.75 2.58 69.70
C GLU K 31 -35.91 2.49 68.71
N GLU K 32 -35.84 1.51 67.82
CA GLU K 32 -36.88 1.31 66.81
C GLU K 32 -38.22 1.02 67.47
N ILE K 33 -38.18 0.31 68.60
CA ILE K 33 -39.39 -0.03 69.32
C ILE K 33 -40.05 1.22 69.89
N ARG K 34 -39.25 2.12 70.44
CA ARG K 34 -39.77 3.36 71.01
C ARG K 34 -40.31 4.28 69.92
N ARG K 35 -39.71 4.21 68.74
CA ARG K 35 -40.14 5.05 67.62
C ARG K 35 -41.48 4.57 67.08
N ALA K 36 -41.82 3.32 67.39
CA ALA K 36 -43.08 2.73 66.94
C ALA K 36 -44.17 2.97 67.99
N LEU K 37 -43.76 3.10 69.25
CA LEU K 37 -44.70 3.33 70.33
C LEU K 37 -45.06 4.80 70.45
N GLU K 38 -44.10 5.67 70.12
CA GLU K 38 -44.32 7.11 70.19
C GLU K 38 -45.19 7.57 69.03
N ASN K 39 -45.09 6.87 67.90
CA ASN K 39 -45.87 7.20 66.71
C ASN K 39 -47.32 6.76 66.89
N GLY K 40 -47.53 5.78 67.76
CA GLY K 40 -48.86 5.27 68.00
C GLY K 40 -49.07 3.89 67.42
N GLU K 41 -47.98 3.26 66.99
CA GLU K 41 -48.04 1.93 66.40
C GLU K 41 -47.82 0.86 67.46
N GLN K 42 -48.48 -0.29 67.27
CA GLN K 42 -48.36 -1.41 68.20
C GLN K 42 -47.12 -2.22 67.89
N VAL K 43 -46.57 -2.87 68.91
CA VAL K 43 -45.37 -3.68 68.74
C VAL K 43 -45.66 -5.14 69.10
N LYS K 44 -45.93 -5.95 68.07
CA LYS K 44 -46.23 -7.36 68.28
C LYS K 44 -45.02 -8.24 68.05
N LEU K 45 -44.33 -8.59 69.13
CA LEU K 45 -43.15 -9.44 69.04
C LEU K 45 -43.52 -10.89 69.35
N SER K 46 -43.65 -11.70 68.30
CA SER K 46 -44.02 -13.10 68.46
C SER K 46 -43.04 -13.83 69.36
N GLY K 47 -43.57 -14.62 70.29
CA GLY K 47 -42.74 -15.37 71.21
C GLY K 47 -42.00 -14.49 72.19
N PHE K 48 -42.66 -13.42 72.63
CA PHE K 48 -42.06 -12.49 73.59
C PHE K 48 -43.11 -11.61 74.26
N GLY K 49 -44.07 -11.14 73.48
CA GLY K 49 -45.11 -10.29 74.03
C GLY K 49 -45.55 -9.19 73.10
N ASN K 50 -46.32 -8.24 73.62
CA ASN K 50 -46.81 -7.12 72.83
C ASN K 50 -46.74 -5.83 73.63
N PHE K 51 -46.51 -4.72 72.93
CA PHE K 51 -46.42 -3.40 73.56
C PHE K 51 -47.61 -2.56 73.13
N ASP K 52 -48.70 -2.62 73.89
CA ASP K 52 -49.90 -1.87 73.58
C ASP K 52 -49.79 -0.41 74.02
N LEU K 53 -50.77 0.39 73.62
CA LEU K 53 -50.80 1.81 73.96
C LEU K 53 -52.24 2.20 74.28
N ARG K 54 -52.53 2.37 75.56
CA ARG K 54 -53.88 2.73 76.01
C ARG K 54 -53.96 4.15 76.53
N ASP K 55 -54.96 4.89 76.05
CA ASP K 55 -55.17 6.27 76.46
C ASP K 55 -56.06 6.32 77.71
N LYS K 56 -55.43 6.59 78.85
CA LYS K 56 -56.16 6.67 80.11
C LYS K 56 -56.81 8.03 80.29
N ASN K 57 -58.00 8.05 80.87
CA ASN K 57 -58.72 9.30 81.10
C ASN K 57 -58.43 9.80 82.51
N GLN K 58 -58.56 11.10 82.71
CA GLN K 58 -58.31 11.70 84.01
C GLN K 58 -59.18 11.09 85.10
N ARG K 59 -58.56 10.34 86.01
CA ARG K 59 -59.27 9.70 87.10
C ARG K 59 -58.81 10.25 88.45
N PRO K 60 -59.66 10.14 89.48
CA PRO K 60 -59.34 10.63 90.83
C PRO K 60 -58.16 9.94 91.50
N GLY K 61 -57.29 10.75 92.10
CA GLY K 61 -56.12 10.22 92.79
C GLY K 61 -55.93 10.95 94.10
N ARG K 62 -54.74 10.84 94.69
CA ARG K 62 -54.46 11.50 95.96
C ARG K 62 -52.99 11.45 96.36
N ASN K 63 -52.69 11.96 97.55
CA ASN K 63 -51.34 11.99 98.08
C ASN K 63 -51.15 10.79 99.01
N PRO K 64 -50.51 9.73 98.52
CA PRO K 64 -50.26 8.51 99.31
C PRO K 64 -49.77 8.77 100.73
N LYS K 65 -48.98 9.83 100.90
CA LYS K 65 -48.45 10.18 102.22
C LYS K 65 -49.52 10.78 103.13
N THR K 66 -49.89 12.03 102.86
CA THR K 66 -50.90 12.71 103.66
C THR K 66 -52.30 12.17 103.40
N GLY K 67 -52.81 12.40 102.20
CA GLY K 67 -54.13 11.93 101.86
C GLY K 67 -54.95 12.97 101.12
N GLU K 68 -54.26 13.91 100.48
CA GLU K 68 -54.94 14.97 99.73
C GLU K 68 -55.32 14.48 98.34
N ASP K 69 -56.63 14.39 98.08
CA ASP K 69 -57.13 13.92 96.80
C ASP K 69 -56.76 14.85 95.66
N ILE K 70 -55.95 14.34 94.73
CA ILE K 70 -55.52 15.11 93.57
C ILE K 70 -55.76 14.31 92.30
N PRO K 71 -56.55 14.87 91.36
CA PRO K 71 -56.88 14.22 90.10
C PRO K 71 -55.68 13.93 89.20
N ILE K 72 -55.53 12.66 88.82
CA ILE K 72 -54.43 12.24 87.96
C ILE K 72 -54.76 12.59 86.51
N THR K 73 -54.01 13.53 85.95
CA THR K 73 -54.22 13.97 84.57
C THR K 73 -54.14 12.79 83.59
N ALA K 74 -54.97 12.84 82.56
CA ALA K 74 -55.00 11.79 81.55
C ALA K 74 -53.67 11.72 80.81
N ARG K 75 -53.32 10.53 80.34
CA ARG K 75 -52.07 10.33 79.61
C ARG K 75 -52.06 8.99 78.89
N ARG K 76 -51.18 8.87 77.90
CA ARG K 76 -51.06 7.64 77.12
C ARG K 76 -49.84 6.84 77.57
N VAL K 77 -50.07 5.84 78.41
CA VAL K 77 -48.99 5.01 78.92
C VAL K 77 -48.81 3.75 78.06
N VAL K 78 -47.65 3.12 78.19
CA VAL K 78 -47.33 1.92 77.44
C VAL K 78 -47.47 0.69 78.33
N THR K 79 -48.08 -0.36 77.80
CA THR K 79 -48.28 -1.60 78.54
C THR K 79 -47.54 -2.75 77.86
N PHE K 80 -47.51 -3.91 78.52
CA PHE K 80 -46.82 -5.07 77.97
C PHE K 80 -47.57 -6.36 78.30
N ARG K 81 -48.15 -6.98 77.28
CA ARG K 81 -48.88 -8.22 77.45
C ARG K 81 -48.02 -9.41 77.05
N PRO K 82 -47.45 -10.12 78.03
CA PRO K 82 -46.60 -11.29 77.78
C PRO K 82 -47.35 -12.43 77.10
N GLY K 83 -46.81 -12.90 75.98
CA GLY K 83 -47.45 -13.98 75.26
C GLY K 83 -47.53 -15.26 76.06
N GLN K 84 -48.28 -16.23 75.55
CA GLN K 84 -48.44 -17.52 76.23
C GLN K 84 -47.15 -18.32 76.19
N LYS K 85 -46.34 -18.09 75.16
CA LYS K 85 -45.07 -18.80 75.00
C LYS K 85 -44.08 -18.38 76.08
N LEU K 86 -43.89 -17.07 76.24
CA LEU K 86 -42.96 -16.55 77.23
C LEU K 86 -43.43 -16.86 78.64
N LYS K 87 -44.74 -16.73 78.86
CA LYS K 87 -45.32 -16.99 80.17
C LYS K 87 -44.99 -18.40 80.68
N SER K 88 -45.10 -19.37 79.79
CA SER K 88 -44.82 -20.76 80.13
C SER K 88 -43.35 -20.97 80.53
N ARG K 89 -42.48 -20.11 80.02
CA ARG K 89 -41.06 -20.19 80.32
C ARG K 89 -40.69 -19.36 81.53
N VAL K 90 -41.69 -18.81 82.20
CA VAL K 90 -41.46 -17.97 83.38
C VAL K 90 -42.30 -18.47 84.55
N GLU K 91 -43.24 -19.37 84.27
CA GLU K 91 -44.11 -19.92 85.29
C GLU K 91 -43.31 -20.54 86.44
N ASN K 92 -42.53 -21.56 86.13
CA ASN K 92 -41.71 -22.24 87.14
C ASN K 92 -40.35 -21.57 87.29
N ALA K 93 -40.34 -20.25 87.34
CA ALA K 93 -39.11 -19.49 87.48
C ALA K 93 -38.66 -19.49 88.94
N SER K 94 -37.61 -18.75 89.24
CA SER K 94 -37.08 -18.66 90.59
C SER K 94 -36.19 -17.43 90.75
N PRO K 95 -36.62 -16.46 91.56
CA PRO K 95 -35.87 -15.23 91.81
C PRO K 95 -34.42 -15.49 92.20
N LYS K 96 -33.49 -14.90 91.45
CA LYS K 96 -32.06 -15.08 91.73
C LYS K 96 -31.34 -13.73 91.67
N MET L 1 -46.10 -2.99 63.86
CA MET L 1 -44.67 -3.44 63.82
C MET L 1 -44.51 -4.81 64.47
N THR L 2 -44.21 -5.82 63.66
CA THR L 2 -44.03 -7.17 64.16
C THR L 2 -42.54 -7.50 64.31
N LYS L 3 -42.26 -8.74 64.69
CA LYS L 3 -40.89 -9.20 64.86
C LYS L 3 -40.14 -9.17 63.54
N SER L 4 -40.86 -9.37 62.45
CA SER L 4 -40.27 -9.38 61.12
C SER L 4 -40.11 -7.95 60.60
N GLU L 5 -41.16 -7.15 60.73
CA GLU L 5 -41.14 -5.77 60.27
C GLU L 5 -40.07 -4.99 61.04
N LEU L 6 -39.79 -5.42 62.26
CA LEU L 6 -38.78 -4.77 63.09
C LEU L 6 -37.40 -4.95 62.48
N ILE L 7 -37.11 -6.18 62.06
CA ILE L 7 -35.81 -6.49 61.45
C ILE L 7 -35.67 -5.81 60.10
N GLU L 8 -36.79 -5.68 59.39
CA GLU L 8 -36.79 -5.05 58.07
C GLU L 8 -36.40 -3.58 58.11
N ARG L 9 -37.01 -2.83 59.04
CA ARG L 9 -36.71 -1.41 59.17
C ARG L 9 -35.35 -1.14 59.78
N LEU L 10 -34.77 -2.15 60.42
CA LEU L 10 -33.46 -2.00 61.05
C LEU L 10 -32.37 -2.39 60.05
N ALA L 11 -32.73 -3.19 59.06
CA ALA L 11 -31.79 -3.63 58.04
C ALA L 11 -31.72 -2.60 56.92
N THR L 12 -32.83 -1.89 56.71
CA THR L 12 -32.89 -0.86 55.68
C THR L 12 -32.01 0.33 56.05
N GLN L 13 -32.07 0.72 57.32
CA GLN L 13 -31.27 1.83 57.81
C GLN L 13 -29.79 1.47 57.85
N GLN L 14 -29.49 0.26 58.33
CA GLN L 14 -28.12 -0.21 58.43
C GLN L 14 -27.72 -0.90 57.12
N SER L 15 -27.11 -0.14 56.22
CA SER L 15 -26.68 -0.67 54.93
C SER L 15 -25.35 -1.40 55.03
N HIS L 16 -24.49 -0.93 55.94
CA HIS L 16 -23.18 -1.54 56.13
C HIS L 16 -23.27 -2.81 56.99
N ILE L 17 -24.50 -3.24 57.27
CA ILE L 17 -24.72 -4.43 58.08
C ILE L 17 -25.59 -5.42 57.30
N PRO L 18 -25.05 -6.61 57.01
CA PRO L 18 -25.79 -7.64 56.27
C PRO L 18 -27.19 -7.87 56.81
N ALA L 19 -28.15 -8.03 55.90
CA ALA L 19 -29.55 -8.24 56.28
C ALA L 19 -29.68 -9.51 57.11
N LYS L 20 -28.84 -10.50 56.80
CA LYS L 20 -28.87 -11.77 57.52
C LYS L 20 -28.33 -11.57 58.93
N THR L 21 -27.37 -10.66 59.07
CA THR L 21 -26.78 -10.37 60.36
C THR L 21 -27.80 -9.75 61.30
N VAL L 22 -28.60 -8.84 60.77
CA VAL L 22 -29.62 -8.15 61.56
C VAL L 22 -30.75 -9.12 61.92
N GLU L 23 -31.03 -10.05 61.01
CA GLU L 23 -32.08 -11.03 61.22
C GLU L 23 -31.78 -11.94 62.41
N ASP L 24 -30.52 -12.36 62.52
CA ASP L 24 -30.09 -13.23 63.62
C ASP L 24 -29.90 -12.44 64.90
N ALA L 25 -29.39 -11.21 64.77
CA ALA L 25 -29.15 -10.35 65.92
C ALA L 25 -30.43 -10.12 66.72
N VAL L 26 -31.50 -9.77 66.02
CA VAL L 26 -32.78 -9.52 66.66
C VAL L 26 -33.34 -10.77 67.34
N LYS L 27 -33.19 -11.91 66.68
CA LYS L 27 -33.68 -13.17 67.23
C LYS L 27 -32.89 -13.63 68.44
N GLU L 28 -31.61 -13.27 68.49
CA GLU L 28 -30.75 -13.66 69.60
C GLU L 28 -31.00 -12.77 70.82
N MET L 29 -31.29 -11.50 70.57
CA MET L 29 -31.55 -10.55 71.67
C MET L 29 -32.85 -10.90 72.38
N LEU L 30 -33.90 -11.17 71.60
CA LEU L 30 -35.19 -11.52 72.17
C LEU L 30 -35.10 -12.84 72.93
N GLU L 31 -34.35 -13.78 72.38
CA GLU L 31 -34.17 -15.09 73.00
C GLU L 31 -33.35 -14.97 74.28
N HIS L 32 -32.46 -13.98 74.31
CA HIS L 32 -31.61 -13.76 75.47
C HIS L 32 -32.43 -13.13 76.60
N MET L 33 -33.36 -12.26 76.24
CA MET L 33 -34.21 -11.60 77.21
C MET L 33 -35.27 -12.55 77.72
N ALA L 34 -35.65 -13.51 76.89
CA ALA L 34 -36.67 -14.50 77.27
C ALA L 34 -36.06 -15.58 78.15
N SER L 35 -34.76 -15.83 77.97
CA SER L 35 -34.06 -16.84 78.75
C SER L 35 -33.70 -16.28 80.13
N THR L 36 -33.36 -14.99 80.17
CA THR L 36 -32.99 -14.34 81.42
C THR L 36 -34.19 -14.30 82.37
N LEU L 37 -35.36 -13.97 81.83
CA LEU L 37 -36.58 -13.91 82.62
C LEU L 37 -37.00 -15.30 83.07
N ALA L 38 -36.51 -16.32 82.36
CA ALA L 38 -36.82 -17.70 82.67
C ALA L 38 -35.96 -18.18 83.84
N GLN L 39 -34.74 -17.65 83.92
CA GLN L 39 -33.81 -18.03 84.98
C GLN L 39 -34.20 -17.37 86.30
N GLY L 40 -35.04 -16.34 86.22
CA GLY L 40 -35.47 -15.64 87.42
C GLY L 40 -34.75 -14.31 87.58
N GLU L 41 -33.99 -13.91 86.57
CA GLU L 41 -33.26 -12.66 86.61
C GLU L 41 -34.05 -11.55 85.94
N ARG L 42 -33.92 -10.34 86.47
CA ARG L 42 -34.62 -9.18 85.93
C ARG L 42 -33.88 -8.54 84.77
N ILE L 43 -34.53 -7.61 84.09
CA ILE L 43 -33.94 -6.89 82.97
C ILE L 43 -34.12 -5.40 83.21
N GLU L 44 -33.07 -4.62 82.94
CA GLU L 44 -33.13 -3.18 83.14
C GLU L 44 -32.44 -2.43 82.02
N ILE L 45 -33.22 -1.77 81.17
CA ILE L 45 -32.69 -1.00 80.06
C ILE L 45 -32.98 0.49 80.28
N ARG L 46 -31.96 1.23 80.68
CA ARG L 46 -32.10 2.67 80.93
C ARG L 46 -32.64 3.39 79.70
N GLY L 47 -33.80 4.02 79.86
CA GLY L 47 -34.41 4.74 78.76
C GLY L 47 -35.56 4.00 78.11
N PHE L 48 -35.47 2.67 78.11
CA PHE L 48 -36.52 1.84 77.51
C PHE L 48 -37.50 1.37 78.57
N GLY L 49 -37.01 0.60 79.53
CA GLY L 49 -37.87 0.10 80.59
C GLY L 49 -37.14 -0.88 81.50
N SER L 50 -37.88 -1.85 82.02
CA SER L 50 -37.31 -2.86 82.91
C SER L 50 -38.28 -4.00 83.16
N PHE L 51 -37.85 -5.21 82.84
CA PHE L 51 -38.68 -6.40 83.04
C PHE L 51 -38.50 -6.94 84.44
N SER L 52 -39.58 -7.47 85.01
CA SER L 52 -39.55 -8.03 86.36
C SER L 52 -40.40 -9.28 86.43
N LEU L 53 -40.44 -9.90 87.61
CA LEU L 53 -41.22 -11.12 87.80
C LEU L 53 -42.04 -11.01 89.08
N HIS L 54 -43.36 -10.97 88.92
CA HIS L 54 -44.26 -10.87 90.07
C HIS L 54 -44.89 -12.22 90.40
N TYR L 55 -44.84 -12.58 91.68
CA TYR L 55 -45.39 -13.85 92.15
C TYR L 55 -46.91 -13.84 92.23
N ARG L 56 -47.50 -15.01 91.96
CA ARG L 56 -48.95 -15.18 92.01
C ARG L 56 -49.31 -16.36 92.92
N ALA L 57 -49.74 -16.04 94.13
CA ALA L 57 -50.13 -17.07 95.10
C ALA L 57 -51.19 -18.00 94.53
N PRO L 58 -51.16 -19.28 94.93
CA PRO L 58 -52.12 -20.28 94.47
C PRO L 58 -53.54 -20.05 94.99
N ARG L 59 -54.50 -19.98 94.06
CA ARG L 59 -55.89 -19.76 94.43
C ARG L 59 -56.82 -20.64 93.61
N THR L 60 -57.97 -20.97 94.19
CA THR L 60 -58.96 -21.82 93.51
C THR L 60 -59.67 -21.02 92.42
N GLY L 61 -59.22 -21.22 91.17
CA GLY L 61 -59.82 -20.52 90.06
C GLY L 61 -61.29 -20.83 89.87
N ARG L 62 -61.87 -20.30 88.79
CA ARG L 62 -63.28 -20.51 88.47
C ARG L 62 -63.50 -20.32 86.97
N ASN L 63 -63.90 -21.41 86.30
CA ASN L 63 -64.14 -21.36 84.86
C ASN L 63 -65.06 -20.18 84.54
N PRO L 64 -64.54 -19.19 83.78
CA PRO L 64 -65.30 -18.00 83.40
C PRO L 64 -66.46 -18.28 82.44
N LYS L 65 -66.46 -19.47 81.85
CA LYS L 65 -67.52 -19.84 80.91
C LYS L 65 -68.67 -20.54 81.63
N THR L 66 -68.35 -21.45 82.53
CA THR L 66 -69.36 -22.18 83.28
C THR L 66 -69.48 -21.66 84.71
N GLY L 67 -68.38 -21.77 85.46
CA GLY L 67 -68.38 -21.31 86.84
C GLY L 67 -67.95 -22.37 87.82
N ASP L 68 -67.24 -23.38 87.31
CA ASP L 68 -66.77 -24.47 88.15
C ASP L 68 -65.52 -24.05 88.91
N LYS L 69 -64.81 -25.02 89.47
CA LYS L 69 -63.60 -24.74 90.24
C LYS L 69 -62.39 -25.44 89.62
N VAL L 70 -61.26 -24.75 89.62
CA VAL L 70 -60.02 -25.31 89.06
C VAL L 70 -58.81 -24.85 89.87
N GLU L 71 -57.93 -25.79 90.18
CA GLU L 71 -56.73 -25.48 90.94
C GLU L 71 -55.76 -24.62 90.14
N LEU L 72 -54.96 -23.82 90.83
CA LEU L 72 -54.00 -22.95 90.17
C LEU L 72 -52.65 -22.97 90.90
N GLU L 73 -51.67 -23.59 90.27
CA GLU L 73 -50.33 -23.70 90.86
C GLU L 73 -49.65 -22.34 90.92
N GLY L 74 -49.00 -22.06 92.05
CA GLY L 74 -48.32 -20.80 92.21
C GLY L 74 -47.22 -20.61 91.18
N LYS L 75 -47.19 -19.46 90.52
CA LYS L 75 -46.19 -19.20 89.50
C LYS L 75 -45.86 -17.71 89.38
N TYR L 76 -44.86 -17.41 88.56
CA TYR L 76 -44.43 -16.03 88.33
C TYR L 76 -44.89 -15.55 86.96
N VAL L 77 -45.05 -14.24 86.80
CA VAL L 77 -45.48 -13.67 85.54
C VAL L 77 -44.70 -12.39 85.20
N PRO L 78 -44.20 -12.31 83.96
CA PRO L 78 -43.42 -11.15 83.50
C PRO L 78 -44.19 -9.83 83.66
N HIS L 79 -43.44 -8.76 83.94
CA HIS L 79 -44.04 -7.44 84.12
C HIS L 79 -43.09 -6.35 83.66
N PHE L 80 -43.49 -5.60 82.64
CA PHE L 80 -42.67 -4.53 82.10
C PHE L 80 -43.07 -3.17 82.67
N LYS L 81 -42.07 -2.36 83.02
CA LYS L 81 -42.31 -1.04 83.57
C LYS L 81 -41.63 0.00 82.70
N PRO L 82 -42.41 0.71 81.87
CA PRO L 82 -41.90 1.75 80.97
C PRO L 82 -40.95 2.74 81.63
N GLY L 83 -39.86 3.04 80.94
CA GLY L 83 -38.88 3.97 81.48
C GLY L 83 -39.34 5.40 81.35
N LYS L 84 -38.53 6.34 81.86
CA LYS L 84 -38.87 7.76 81.80
C LYS L 84 -38.93 8.25 80.36
N GLU L 85 -37.89 7.93 79.59
CA GLU L 85 -37.82 8.35 78.20
C GLU L 85 -38.96 7.76 77.37
N LEU L 86 -39.31 6.51 77.64
CA LEU L 86 -40.38 5.83 76.92
C LEU L 86 -41.73 6.49 77.15
N ARG L 87 -42.03 6.82 78.40
CA ARG L 87 -43.30 7.45 78.74
C ARG L 87 -43.46 8.83 78.13
N ASP L 88 -42.44 9.67 78.31
CA ASP L 88 -42.48 11.04 77.78
C ASP L 88 -42.63 11.10 76.26
N ARG L 89 -42.02 10.15 75.56
CA ARG L 89 -42.09 10.12 74.11
C ARG L 89 -43.38 9.48 73.60
N ALA L 90 -43.93 8.56 74.38
CA ALA L 90 -45.16 7.88 74.00
C ALA L 90 -46.39 8.66 74.44
N ASN L 91 -46.20 9.58 75.38
CA ASN L 91 -47.29 10.40 75.89
C ASN L 91 -47.54 11.59 74.98
N ILE L 92 -48.69 11.59 74.32
CA ILE L 92 -49.04 12.68 73.41
C ILE L 92 -49.72 13.82 74.16
N TYR L 93 -50.30 13.50 75.31
CA TYR L 93 -50.98 14.51 76.12
C TYR L 93 -49.97 15.25 76.98
N GLY L 94 -50.46 16.01 77.96
CA GLY L 94 -49.56 16.75 78.82
C GLY L 94 -49.21 15.98 80.08
N MET M 1 5.92 -42.23 0.92
CA MET M 1 4.99 -41.70 -0.11
C MET M 1 4.88 -42.69 -1.27
N TYR M 2 5.96 -43.41 -1.53
CA TYR M 2 5.99 -44.39 -2.61
C TYR M 2 5.87 -45.80 -2.06
N LEU M 3 5.87 -46.78 -2.96
CA LEU M 3 5.76 -48.18 -2.56
C LEU M 3 6.83 -49.01 -3.26
N THR M 4 7.47 -49.91 -2.51
CA THR M 4 8.50 -50.76 -3.07
C THR M 4 7.92 -51.73 -4.08
N LEU M 5 8.79 -52.42 -4.82
CA LEU M 5 8.37 -53.38 -5.82
C LEU M 5 7.50 -54.47 -5.21
N GLN M 6 7.93 -54.99 -4.06
CA GLN M 6 7.20 -56.05 -3.38
C GLN M 6 5.92 -55.54 -2.73
N GLU M 7 5.98 -54.35 -2.15
CA GLU M 7 4.82 -53.76 -1.49
C GLU M 7 3.76 -53.33 -2.49
N TRP M 8 4.14 -53.24 -3.76
CA TRP M 8 3.22 -52.85 -4.81
C TRP M 8 2.60 -54.07 -5.47
N ASN M 9 3.42 -55.10 -5.69
CA ASN M 9 2.97 -56.34 -6.32
C ASN M 9 2.15 -57.18 -5.35
N ALA M 10 2.43 -57.06 -4.06
CA ALA M 10 1.73 -57.82 -3.04
C ALA M 10 0.27 -57.36 -2.94
N ARG M 11 0.02 -56.12 -3.35
CA ARG M 11 -1.32 -55.55 -3.31
C ARG M 11 -2.11 -55.91 -4.56
N GLN M 12 -1.41 -56.40 -5.58
CA GLN M 12 -2.04 -56.77 -6.83
C GLN M 12 -2.95 -57.99 -6.67
N ARG M 13 -3.73 -58.28 -7.70
CA ARG M 13 -4.66 -59.41 -7.68
C ARG M 13 -3.90 -60.69 -7.99
N ARG M 14 -3.05 -60.64 -9.01
CA ARG M 14 -2.25 -61.79 -9.41
C ARG M 14 -0.76 -61.51 -9.28
N PRO M 15 -0.23 -61.55 -8.05
CA PRO M 15 1.18 -61.29 -7.77
C PRO M 15 2.11 -62.19 -8.58
N ARG M 16 2.73 -61.62 -9.61
CA ARG M 16 3.65 -62.37 -10.47
C ARG M 16 5.05 -62.38 -9.87
N SER M 17 5.95 -63.12 -10.50
CA SER M 17 7.33 -63.22 -10.04
C SER M 17 8.01 -61.85 -10.08
N LEU M 18 9.05 -61.68 -9.27
CA LEU M 18 9.79 -60.43 -9.22
C LEU M 18 10.31 -60.04 -10.59
N GLU M 19 10.95 -60.99 -11.27
CA GLU M 19 11.51 -60.77 -12.59
C GLU M 19 10.48 -60.22 -13.57
N THR M 20 9.33 -60.89 -13.65
CA THR M 20 8.26 -60.48 -14.55
C THR M 20 7.82 -59.04 -14.30
N VAL M 21 7.72 -58.66 -13.02
CA VAL M 21 7.31 -57.32 -12.66
C VAL M 21 8.39 -56.31 -13.02
N ARG M 22 9.65 -56.75 -12.91
CA ARG M 22 10.80 -55.89 -13.23
C ARG M 22 10.85 -55.67 -14.74
N ARG M 23 10.28 -56.61 -15.49
CA ARG M 23 10.26 -56.53 -16.94
C ARG M 23 9.21 -55.55 -17.42
N TRP M 24 8.12 -55.42 -16.67
CA TRP M 24 7.05 -54.49 -17.04
C TRP M 24 7.53 -53.07 -16.77
N VAL M 25 8.69 -52.95 -16.14
CA VAL M 25 9.28 -51.65 -15.82
C VAL M 25 10.13 -51.18 -16.99
N ARG M 26 10.97 -52.09 -17.50
CA ARG M 26 11.84 -51.77 -18.61
C ARG M 26 11.05 -51.65 -19.92
N GLU M 27 9.86 -52.22 -19.93
CA GLU M 27 8.99 -52.18 -21.11
C GLU M 27 7.93 -51.10 -20.96
N SER M 28 8.11 -50.23 -19.97
CA SER M 28 7.17 -49.14 -19.71
C SER M 28 5.72 -49.59 -19.73
N ARG M 29 5.46 -50.77 -19.19
CA ARG M 29 4.11 -51.32 -19.13
C ARG M 29 3.40 -50.83 -17.87
N ILE M 30 4.06 -49.96 -17.13
CA ILE M 30 3.51 -49.42 -15.90
C ILE M 30 3.49 -47.89 -15.93
N PHE M 31 2.29 -47.32 -15.88
CA PHE M 31 2.14 -45.87 -15.91
C PHE M 31 1.11 -45.46 -14.86
N PRO M 32 1.44 -44.48 -14.00
CA PRO M 32 2.70 -43.73 -13.94
C PRO M 32 3.94 -44.61 -13.69
N PRO M 33 5.02 -44.36 -14.44
CA PRO M 33 6.28 -45.11 -14.32
C PRO M 33 6.98 -44.96 -12.97
N PRO M 34 7.65 -46.03 -12.52
CA PRO M 34 8.38 -46.05 -11.24
C PRO M 34 9.76 -45.41 -11.37
N VAL M 35 10.27 -44.92 -10.24
CA VAL M 35 11.59 -44.29 -10.21
C VAL M 35 12.55 -45.21 -9.46
N LYS M 36 13.82 -45.19 -9.86
CA LYS M 36 14.82 -46.03 -9.23
C LYS M 36 15.51 -45.30 -8.08
N ASP M 37 15.38 -45.85 -6.88
CA ASP M 37 15.99 -45.25 -5.69
C ASP M 37 17.49 -45.53 -5.66
N GLY M 38 17.85 -46.71 -5.16
CA GLY M 38 19.26 -47.08 -5.08
C GLY M 38 19.47 -48.42 -5.75
N ARG M 39 18.67 -49.40 -5.35
CA ARG M 39 18.77 -50.75 -5.90
C ARG M 39 17.37 -51.29 -6.18
N GLU M 40 16.36 -50.61 -5.64
CA GLU M 40 14.98 -51.02 -5.81
C GLU M 40 14.13 -49.93 -6.46
N TYR M 41 12.97 -50.34 -6.97
CA TYR M 41 12.05 -49.41 -7.62
C TYR M 41 10.86 -49.08 -6.72
N LEU M 42 10.54 -47.80 -6.60
CA LEU M 42 9.41 -47.37 -5.78
C LEU M 42 8.30 -46.78 -6.64
N PHE M 43 7.31 -47.61 -6.95
CA PHE M 43 6.18 -47.20 -7.77
C PHE M 43 5.23 -46.26 -7.03
N HIS M 44 4.14 -45.91 -7.68
CA HIS M 44 3.13 -45.04 -7.08
C HIS M 44 1.99 -45.92 -6.56
N GLU M 45 1.31 -45.44 -5.52
CA GLU M 45 0.23 -46.20 -4.93
C GLU M 45 -0.93 -46.41 -5.91
N SER M 46 -1.02 -45.53 -6.90
CA SER M 46 -2.08 -45.62 -7.90
C SER M 46 -1.58 -46.26 -9.19
N ALA M 47 -0.30 -46.61 -9.22
CA ALA M 47 0.29 -47.23 -10.39
C ALA M 47 -0.41 -48.55 -10.70
N VAL M 48 -0.83 -48.72 -11.96
CA VAL M 48 -1.52 -49.93 -12.38
C VAL M 48 -0.81 -50.60 -13.56
N LYS M 49 -1.08 -51.89 -13.74
CA LYS M 49 -0.48 -52.65 -14.83
C LYS M 49 -1.27 -52.44 -16.12
N VAL M 50 -0.89 -51.42 -16.88
CA VAL M 50 -1.55 -51.10 -18.14
C VAL M 50 -1.16 -52.11 -19.21
N ASP M 51 -2.02 -53.10 -19.44
CA ASP M 51 -1.78 -54.12 -20.44
C ASP M 51 -2.30 -53.68 -21.80
N LEU M 52 -1.39 -53.35 -22.71
CA LEU M 52 -1.77 -52.91 -24.05
C LEU M 52 -1.20 -53.87 -25.10
N ASN M 53 -2.08 -54.45 -25.90
CA ASN M 53 -1.67 -55.37 -26.96
C ASN M 53 -0.99 -56.60 -26.37
N MET N 1 15.56 -21.69 7.87
CA MET N 1 15.07 -22.86 8.65
C MET N 1 16.02 -24.04 8.49
N TYR N 2 16.66 -24.43 9.59
CA TYR N 2 17.59 -25.55 9.56
C TYR N 2 17.06 -26.74 10.36
N LEU N 3 17.31 -27.94 9.85
CA LEU N 3 16.85 -29.16 10.51
C LEU N 3 18.02 -30.05 10.88
N THR N 4 17.75 -31.09 11.67
CA THR N 4 18.78 -32.03 12.10
C THR N 4 18.97 -33.13 11.07
N LEU N 5 19.84 -34.08 11.38
CA LEU N 5 20.12 -35.20 10.49
C LEU N 5 18.95 -36.18 10.51
N GLN N 6 18.30 -36.27 11.67
CA GLN N 6 17.17 -37.18 11.82
C GLN N 6 15.90 -36.61 11.21
N GLU N 7 15.67 -35.32 11.43
CA GLU N 7 14.48 -34.65 10.90
C GLU N 7 14.56 -34.51 9.38
N TRP N 8 15.77 -34.39 8.86
CA TRP N 8 15.97 -34.25 7.43
C TRP N 8 15.71 -35.57 6.69
N ASN N 9 16.20 -36.66 7.26
CA ASN N 9 16.03 -37.98 6.67
C ASN N 9 14.56 -38.38 6.66
N ALA N 10 13.76 -37.73 7.51
CA ALA N 10 12.34 -38.02 7.61
C ALA N 10 11.56 -37.34 6.49
N ARG N 11 12.14 -36.28 5.93
CA ARG N 11 11.50 -35.54 4.85
C ARG N 11 12.24 -35.70 3.54
N GLN N 12 12.34 -36.94 3.06
CA GLN N 12 13.01 -37.25 1.81
C GLN N 12 12.17 -38.21 1.00
N ARG N 13 12.61 -38.52 -0.22
CA ARG N 13 11.88 -39.44 -1.08
C ARG N 13 11.87 -40.85 -0.49
N ARG N 14 12.90 -41.17 0.28
CA ARG N 14 13.02 -42.49 0.91
C ARG N 14 13.98 -42.46 2.09
N PRO N 15 13.44 -42.63 3.31
CA PRO N 15 14.26 -42.62 4.53
C PRO N 15 15.15 -43.86 4.65
N ARG N 16 16.45 -43.64 4.77
CA ARG N 16 17.40 -44.73 4.89
C ARG N 16 18.03 -44.75 6.29
N SER N 17 18.97 -45.65 6.50
CA SER N 17 19.65 -45.77 7.78
C SER N 17 20.44 -44.51 8.10
N LEU N 18 20.54 -44.19 9.39
CA LEU N 18 21.27 -43.00 9.84
C LEU N 18 22.73 -43.07 9.38
N GLU N 19 23.25 -44.28 9.31
CA GLU N 19 24.63 -44.50 8.89
C GLU N 19 24.85 -44.00 7.46
N THR N 20 23.92 -44.32 6.57
CA THR N 20 24.00 -43.91 5.18
C THR N 20 23.87 -42.39 5.05
N VAL N 21 23.05 -41.80 5.91
CA VAL N 21 22.85 -40.34 5.90
C VAL N 21 24.15 -39.64 6.24
N ARG N 22 24.84 -40.15 7.25
CA ARG N 22 26.11 -39.57 7.68
C ARG N 22 27.16 -39.70 6.58
N ARG N 23 27.09 -40.80 5.84
CA ARG N 23 28.04 -41.06 4.76
C ARG N 23 27.98 -40.00 3.66
N TRP N 24 26.76 -39.64 3.25
CA TRP N 24 26.59 -38.63 2.20
C TRP N 24 27.24 -37.31 2.58
N VAL N 25 27.12 -36.93 3.84
CA VAL N 25 27.71 -35.69 4.33
C VAL N 25 29.23 -35.72 4.22
N ARG N 26 29.81 -36.83 4.67
CA ARG N 26 31.26 -37.02 4.64
C ARG N 26 31.78 -37.03 3.21
N GLU N 27 31.00 -37.62 2.30
CA GLU N 27 31.40 -37.71 0.90
C GLU N 27 31.02 -36.46 0.12
N SER N 28 30.43 -35.49 0.80
CA SER N 28 30.02 -34.25 0.16
C SER N 28 29.11 -34.53 -1.04
N ARG N 29 27.92 -35.02 -0.76
CA ARG N 29 26.95 -35.35 -1.81
C ARG N 29 25.63 -34.63 -1.56
N ILE N 30 25.69 -33.44 -1.00
CA ILE N 30 24.51 -32.64 -0.70
C ILE N 30 24.81 -31.15 -0.76
N PHE N 31 24.00 -30.42 -1.50
CA PHE N 31 24.17 -28.96 -1.64
C PHE N 31 23.14 -28.23 -0.80
N PRO N 32 23.59 -27.45 0.20
CA PRO N 32 24.99 -27.23 0.56
C PRO N 32 25.37 -28.13 1.73
N PRO N 33 26.68 -28.22 2.05
CA PRO N 33 27.13 -29.06 3.16
C PRO N 33 26.41 -28.72 4.46
N PRO N 34 26.20 -29.72 5.34
CA PRO N 34 25.51 -29.54 6.62
C PRO N 34 26.19 -28.61 7.63
N VAL N 35 27.52 -28.65 7.67
CA VAL N 35 28.28 -27.83 8.61
C VAL N 35 28.01 -28.29 10.03
N LYS N 36 28.99 -28.98 10.62
CA LYS N 36 28.88 -29.50 11.97
C LYS N 36 28.80 -28.40 13.02
N ASP N 37 27.70 -28.38 13.78
CA ASP N 37 27.51 -27.40 14.83
C ASP N 37 27.57 -28.08 16.19
N GLY N 38 28.79 -28.26 16.70
CA GLY N 38 28.97 -28.91 17.98
C GLY N 38 29.29 -30.39 17.79
N ARG N 39 28.23 -31.19 17.72
CA ARG N 39 28.38 -32.63 17.54
C ARG N 39 27.12 -33.21 16.90
N GLU N 40 26.57 -32.46 15.94
CA GLU N 40 25.36 -32.86 15.22
C GLU N 40 25.13 -31.92 14.05
N TYR N 41 25.24 -32.45 12.84
CA TYR N 41 25.04 -31.66 11.63
C TYR N 41 23.70 -30.94 11.57
N LEU N 42 23.65 -29.84 10.84
CA LEU N 42 22.44 -29.05 10.69
C LEU N 42 22.13 -28.77 9.22
N PHE N 43 21.31 -29.64 8.62
CA PHE N 43 20.93 -29.49 7.22
C PHE N 43 20.16 -28.20 6.98
N HIS N 44 20.24 -27.70 5.75
CA HIS N 44 19.54 -26.48 5.38
C HIS N 44 18.16 -26.91 4.84
N GLU N 45 17.18 -26.02 4.93
CA GLU N 45 15.84 -26.34 4.46
C GLU N 45 15.81 -26.65 2.96
N SER N 46 16.84 -26.24 2.24
CA SER N 46 16.89 -26.49 0.80
C SER N 46 18.01 -27.45 0.42
N ALA N 47 18.68 -28.02 1.41
CA ALA N 47 19.77 -28.96 1.18
C ALA N 47 19.28 -30.29 0.63
N VAL N 48 19.46 -30.51 -0.67
CA VAL N 48 19.03 -31.75 -1.31
C VAL N 48 20.24 -32.56 -1.77
N LYS N 49 20.01 -33.83 -2.06
CA LYS N 49 21.07 -34.72 -2.51
C LYS N 49 21.44 -34.44 -3.97
N VAL N 50 22.59 -34.94 -4.39
CA VAL N 50 23.05 -34.73 -5.76
C VAL N 50 23.50 -36.04 -6.43
N ASP N 51 24.26 -36.84 -5.68
CA ASP N 51 24.76 -38.12 -6.17
C ASP N 51 25.73 -38.02 -7.35
N LEU N 52 26.90 -38.64 -7.19
CA LEU N 52 27.91 -38.63 -8.23
C LEU N 52 28.09 -40.05 -8.77
N ASN N 53 29.03 -40.23 -9.69
CA ASN N 53 29.28 -41.54 -10.29
C ASN N 53 30.50 -41.50 -11.19
N ARG N 54 30.93 -42.67 -11.64
CA ARG N 54 32.10 -42.77 -12.52
C ARG N 54 31.93 -43.90 -13.54
N MET O 1 20.83 -4.65 22.28
CA MET O 1 20.16 -5.80 22.95
C MET O 1 21.13 -6.96 23.13
N TYR O 2 21.29 -7.40 24.37
CA TYR O 2 22.18 -8.51 24.68
C TYR O 2 21.44 -9.63 25.41
N LEU O 3 21.50 -10.83 24.84
CA LEU O 3 20.84 -11.99 25.43
C LEU O 3 21.74 -12.65 26.45
N THR O 4 21.15 -13.42 27.36
CA THR O 4 21.91 -14.10 28.40
C THR O 4 22.39 -15.46 27.91
N LEU O 5 23.00 -16.22 28.81
CA LEU O 5 23.50 -17.56 28.47
C LEU O 5 22.35 -18.49 28.12
N GLN O 6 21.28 -18.42 28.91
CA GLN O 6 20.11 -19.26 28.70
C GLN O 6 19.27 -18.80 27.53
N GLU O 7 19.04 -17.49 27.44
CA GLU O 7 18.25 -16.92 26.36
C GLU O 7 18.85 -17.17 24.98
N TRP O 8 20.18 -17.02 24.88
CA TRP O 8 20.87 -17.24 23.62
C TRP O 8 20.76 -18.70 23.18
N ASN O 9 21.00 -19.61 24.11
CA ASN O 9 20.94 -21.04 23.83
C ASN O 9 19.51 -21.49 23.55
N ALA O 10 18.55 -20.71 24.02
CA ALA O 10 17.14 -21.04 23.83
C ALA O 10 16.63 -20.56 22.47
N ARG O 11 17.54 -20.02 21.66
CA ARG O 11 17.17 -19.52 20.34
C ARG O 11 17.99 -20.19 19.24
N GLN O 12 18.85 -21.12 19.63
CA GLN O 12 19.68 -21.84 18.66
C GLN O 12 18.87 -22.90 17.94
N ARG O 13 19.47 -23.53 16.94
CA ARG O 13 18.80 -24.58 16.17
C ARG O 13 18.45 -25.75 17.08
N ARG O 14 19.30 -25.99 18.07
CA ARG O 14 19.09 -27.10 19.01
C ARG O 14 19.56 -26.73 20.41
N PRO O 15 18.61 -26.42 21.32
CA PRO O 15 18.94 -26.05 22.70
C PRO O 15 19.80 -27.11 23.39
N ARG O 16 20.91 -26.66 23.97
CA ARG O 16 21.84 -27.56 24.66
C ARG O 16 21.81 -27.31 26.17
N SER O 17 22.80 -27.85 26.87
CA SER O 17 22.89 -27.68 28.32
C SER O 17 23.61 -26.38 28.65
N LEU O 18 23.35 -25.85 29.84
CA LEU O 18 23.97 -24.61 30.28
C LEU O 18 25.49 -24.76 30.41
N GLU O 19 25.92 -25.91 30.92
CA GLU O 19 27.34 -26.19 31.09
C GLU O 19 28.02 -26.35 29.74
N THR O 20 27.29 -26.87 28.78
CA THR O 20 27.81 -27.08 27.44
C THR O 20 28.14 -25.73 26.79
N VAL O 21 27.17 -24.82 26.83
CA VAL O 21 27.35 -23.50 26.25
C VAL O 21 28.54 -22.80 26.90
N ARG O 22 28.72 -23.03 28.20
CA ARG O 22 29.82 -22.43 28.94
C ARG O 22 31.15 -22.93 28.41
N ARG O 23 31.17 -24.15 27.87
CA ARG O 23 32.39 -24.73 27.33
C ARG O 23 32.82 -24.03 26.05
N TRP O 24 31.86 -23.73 25.17
CA TRP O 24 32.17 -23.05 23.92
C TRP O 24 32.83 -21.71 24.21
N VAL O 25 32.28 -20.98 25.18
CA VAL O 25 32.81 -19.68 25.56
C VAL O 25 34.29 -19.76 25.91
N ARG O 26 34.68 -20.85 26.56
CA ARG O 26 36.07 -21.05 26.95
C ARG O 26 36.91 -21.54 25.78
N GLU O 27 36.25 -22.15 24.79
CA GLU O 27 36.95 -22.66 23.62
C GLU O 27 36.86 -21.69 22.46
N SER O 28 36.34 -20.49 22.73
CA SER O 28 36.20 -19.45 21.71
C SER O 28 35.40 -19.93 20.50
N ARG O 29 34.48 -20.87 20.74
CA ARG O 29 33.65 -21.40 19.67
C ARG O 29 32.40 -20.55 19.49
N ILE O 30 32.43 -19.34 20.05
CA ILE O 30 31.32 -18.41 19.95
C ILE O 30 31.77 -17.11 19.31
N PHE O 31 31.35 -16.88 18.07
CA PHE O 31 31.73 -15.66 17.35
C PHE O 31 30.51 -14.78 17.10
N PRO O 32 30.49 -13.57 17.67
CA PRO O 32 31.55 -13.02 18.52
C PRO O 32 31.47 -13.54 19.96
N PRO O 33 32.56 -13.40 20.73
CA PRO O 33 32.59 -13.85 22.12
C PRO O 33 31.71 -13.00 23.04
N PRO O 34 31.05 -13.62 24.02
CA PRO O 34 30.19 -12.90 24.96
C PRO O 34 30.96 -11.93 25.85
N VAL O 35 30.24 -11.00 26.47
CA VAL O 35 30.87 -10.02 27.34
C VAL O 35 30.53 -10.29 28.80
N LYS O 36 31.53 -10.18 29.67
CA LYS O 36 31.35 -10.40 31.09
C LYS O 36 30.62 -9.25 31.75
N ASP O 37 29.50 -9.54 32.39
CA ASP O 37 28.70 -8.52 33.07
C ASP O 37 28.10 -9.07 34.36
N GLY O 38 28.68 -8.70 35.49
CA GLY O 38 28.19 -9.17 36.77
C GLY O 38 28.71 -10.56 37.10
N ARG O 39 27.94 -11.58 36.74
CA ARG O 39 28.33 -12.95 37.00
C ARG O 39 27.99 -13.84 35.81
N GLU O 40 27.11 -13.35 34.95
CA GLU O 40 26.69 -14.09 33.77
C GLU O 40 27.29 -13.49 32.50
N TYR O 41 27.12 -14.19 31.38
CA TYR O 41 27.65 -13.72 30.10
C TYR O 41 26.55 -13.14 29.21
N LEU O 42 26.91 -12.14 28.42
CA LEU O 42 25.96 -11.50 27.52
C LEU O 42 26.40 -11.68 26.07
N PHE O 43 25.67 -12.52 25.33
CA PHE O 43 25.98 -12.78 23.94
C PHE O 43 25.39 -11.72 23.03
N HIS O 44 25.83 -11.72 21.76
CA HIS O 44 25.34 -10.76 20.79
C HIS O 44 24.10 -11.32 20.10
N GLU O 45 23.27 -10.43 19.55
CA GLU O 45 22.05 -10.86 18.86
C GLU O 45 22.33 -11.84 17.72
N SER O 46 23.31 -11.50 16.89
CA SER O 46 23.67 -12.35 15.76
C SER O 46 24.78 -13.34 16.10
N ALA O 47 24.92 -13.66 17.39
CA ALA O 47 25.94 -14.58 17.83
C ALA O 47 25.61 -16.01 17.41
N VAL O 48 26.58 -16.68 16.79
CA VAL O 48 26.39 -18.05 16.34
C VAL O 48 27.68 -18.84 16.52
N LYS O 49 27.55 -20.10 16.93
CA LYS O 49 28.71 -20.95 17.15
C LYS O 49 29.43 -21.22 15.84
N VAL O 50 30.76 -21.24 15.89
CA VAL O 50 31.57 -21.49 14.70
C VAL O 50 32.59 -22.58 15.01
N ASP O 51 33.28 -23.04 13.97
CA ASP O 51 34.28 -24.09 14.14
C ASP O 51 35.67 -23.57 13.76
N LEU O 52 36.49 -23.32 14.78
CA LEU O 52 37.84 -22.82 14.56
C LEU O 52 38.82 -23.96 14.31
N ASN O 53 38.50 -24.82 13.34
CA ASN O 53 39.36 -25.94 13.00
C ASN O 53 39.29 -26.28 11.52
N ARG O 54 40.45 -26.48 10.91
CA ARG O 54 40.53 -26.81 9.50
C ARG O 54 41.20 -28.17 9.28
N PRO O 55 40.39 -29.24 9.22
CA PRO O 55 40.92 -30.59 9.02
C PRO O 55 41.46 -30.83 7.61
#